data_1ZK6
#
_entry.id   1ZK6
#
_cell.length_a   1.000
_cell.length_b   1.000
_cell.length_c   1.000
_cell.angle_alpha   90.00
_cell.angle_beta   90.00
_cell.angle_gamma   90.00
#
_symmetry.space_group_name_H-M   'P 1'
#
_entity_poly.entity_id   1
_entity_poly.type   'polypeptide(L)'
_entity_poly.pdbx_seq_one_letter_code
;GSGKIRASHILVADKKTAEEVEKKLKKGEKFEDLAKEYSTDSSASKGGDLGWFAKEGQMDETFSKAAFKLKTGEVSDPVK
TQYGYHIIKKTEE
;
_entity_poly.pdbx_strand_id   A
#
# COMPACT_ATOMS: atom_id res chain seq x y z
N GLY A 3 -15.18 11.93 -5.43
CA GLY A 3 -15.46 11.07 -4.25
C GLY A 3 -14.18 10.63 -3.54
N LYS A 4 -14.30 9.63 -2.66
CA LYS A 4 -13.20 9.06 -1.84
C LYS A 4 -13.27 7.54 -1.76
N ILE A 5 -12.16 6.92 -1.35
CA ILE A 5 -11.99 5.48 -1.07
C ILE A 5 -11.11 5.30 0.18
N ARG A 6 -11.03 4.08 0.71
CA ARG A 6 -10.15 3.70 1.83
C ARG A 6 -9.26 2.53 1.42
N ALA A 7 -8.00 2.56 1.85
CA ALA A 7 -7.00 1.56 1.51
C ALA A 7 -5.93 1.42 2.61
N SER A 8 -5.10 0.38 2.47
CA SER A 8 -3.94 0.09 3.31
C SER A 8 -2.69 -0.04 2.43
N HIS A 9 -1.52 0.26 2.99
CA HIS A 9 -0.26 0.25 2.23
C HIS A 9 0.94 -0.32 3.00
N ILE A 10 2.05 -0.50 2.27
CA ILE A 10 3.38 -0.91 2.77
C ILE A 10 4.40 -0.04 2.02
N LEU A 11 5.30 0.64 2.73
CA LEU A 11 6.28 1.55 2.14
C LEU A 11 7.69 1.19 2.60
N VAL A 12 8.61 1.08 1.64
CA VAL A 12 10.00 0.63 1.83
C VAL A 12 10.99 1.57 1.13
N ALA A 13 12.23 1.62 1.64
CA ALA A 13 13.29 2.51 1.12
C ALA A 13 13.74 2.17 -0.31
N ASP A 14 13.66 0.90 -0.72
CA ASP A 14 14.04 0.42 -2.05
C ASP A 14 13.26 -0.86 -2.45
N LYS A 15 13.11 -1.09 -3.75
CA LYS A 15 12.31 -2.17 -4.36
C LYS A 15 12.67 -3.59 -3.92
N LYS A 16 13.91 -3.85 -3.48
CA LYS A 16 14.38 -5.18 -3.05
C LYS A 16 13.57 -5.73 -1.86
N THR A 17 13.11 -4.87 -0.96
CA THR A 17 12.22 -5.23 0.16
C THR A 17 10.79 -5.48 -0.35
N ALA A 18 10.32 -4.70 -1.32
CA ALA A 18 9.01 -4.88 -1.94
C ALA A 18 8.89 -6.20 -2.72
N GLU A 19 9.94 -6.63 -3.43
CA GLU A 19 9.99 -7.93 -4.12
C GLU A 19 9.82 -9.12 -3.16
N GLU A 20 10.34 -9.03 -1.92
CA GLU A 20 10.10 -10.06 -0.90
C GLU A 20 8.64 -10.04 -0.43
N VAL A 21 8.04 -8.86 -0.20
CA VAL A 21 6.62 -8.75 0.16
C VAL A 21 5.71 -9.32 -0.93
N GLU A 22 6.00 -9.10 -2.21
CA GLU A 22 5.25 -9.72 -3.32
C GLU A 22 5.26 -11.26 -3.25
N LYS A 23 6.39 -11.86 -2.86
CA LYS A 23 6.51 -13.31 -2.63
C LYS A 23 5.76 -13.74 -1.36
N LYS A 24 5.88 -12.99 -0.26
CA LYS A 24 5.19 -13.26 1.03
C LYS A 24 3.65 -13.28 0.88
N LEU A 25 3.10 -12.38 0.06
CA LEU A 25 1.68 -12.31 -0.28
C LEU A 25 1.16 -13.56 -1.03
N LYS A 26 2.02 -14.22 -1.82
CA LYS A 26 1.71 -15.50 -2.50
C LYS A 26 1.95 -16.71 -1.59
N LYS A 27 2.93 -16.60 -0.67
CA LYS A 27 3.29 -17.63 0.32
C LYS A 27 2.15 -17.95 1.29
N GLY A 28 1.38 -16.93 1.69
CA GLY A 28 0.17 -17.07 2.53
C GLY A 28 -0.06 -15.98 3.57
N GLU A 29 0.95 -15.18 3.92
CA GLU A 29 0.82 -14.13 4.95
C GLU A 29 -0.05 -12.96 4.50
N LYS A 30 -0.88 -12.45 5.42
CA LYS A 30 -1.83 -11.34 5.17
C LYS A 30 -1.10 -10.00 4.98
N PHE A 31 -1.61 -9.18 4.06
CA PHE A 31 -1.12 -7.81 3.81
C PHE A 31 -1.12 -6.95 5.09
N GLU A 32 -2.19 -7.07 5.90
CA GLU A 32 -2.37 -6.34 7.16
C GLU A 32 -1.33 -6.70 8.25
N ASP A 33 -0.71 -7.88 8.16
CA ASP A 33 0.37 -8.30 9.08
C ASP A 33 1.77 -8.11 8.46
N LEU A 34 1.90 -8.17 7.13
CA LEU A 34 3.15 -7.84 6.44
C LEU A 34 3.49 -6.35 6.60
N ALA A 35 2.48 -5.49 6.71
CA ALA A 35 2.67 -4.06 7.00
C ALA A 35 3.38 -3.84 8.36
N LYS A 36 3.10 -4.69 9.36
CA LYS A 36 3.74 -4.68 10.68
C LYS A 36 5.18 -5.24 10.69
N GLU A 37 5.64 -5.84 9.58
CA GLU A 37 6.93 -6.53 9.45
C GLU A 37 7.87 -5.93 8.39
N TYR A 38 7.34 -5.25 7.36
CA TYR A 38 8.11 -4.72 6.22
C TYR A 38 7.95 -3.21 5.97
N SER A 39 6.77 -2.62 6.27
CA SER A 39 6.56 -1.18 6.11
C SER A 39 7.46 -0.35 7.04
N THR A 40 7.81 0.85 6.60
CA THR A 40 8.67 1.82 7.29
C THR A 40 7.96 3.14 7.62
N ASP A 41 6.72 3.33 7.13
CA ASP A 41 5.87 4.47 7.48
C ASP A 41 5.14 4.23 8.83
N SER A 42 4.70 5.30 9.49
CA SER A 42 3.90 5.25 10.73
C SER A 42 2.61 4.39 10.63
N SER A 43 2.11 4.16 9.42
CA SER A 43 0.97 3.26 9.12
C SER A 43 1.20 1.80 9.52
N ALA A 44 2.46 1.37 9.71
CA ALA A 44 2.83 -0.01 10.03
C ALA A 44 2.05 -0.58 11.24
N SER A 45 1.98 0.18 12.35
CA SER A 45 1.29 -0.21 13.59
C SER A 45 -0.25 -0.27 13.46
N LYS A 46 -0.81 0.30 12.39
CA LYS A 46 -2.26 0.26 12.04
C LYS A 46 -2.58 -0.83 11.02
N GLY A 47 -1.61 -1.70 10.70
CA GLY A 47 -1.74 -2.72 9.65
C GLY A 47 -1.72 -2.14 8.23
N GLY A 48 -1.15 -0.94 8.08
CA GLY A 48 -1.00 -0.24 6.80
C GLY A 48 -2.13 0.77 6.48
N ASP A 49 -3.23 0.77 7.22
CA ASP A 49 -4.41 1.62 6.98
C ASP A 49 -4.10 3.12 6.91
N LEU A 50 -4.79 3.83 6.02
CA LEU A 50 -4.64 5.26 5.74
C LEU A 50 -5.94 6.07 5.93
N GLY A 51 -7.07 5.42 6.20
CA GLY A 51 -8.38 6.08 6.26
C GLY A 51 -8.85 6.53 4.86
N TRP A 52 -9.91 7.34 4.80
CA TRP A 52 -10.50 7.80 3.54
C TRP A 52 -9.68 8.93 2.88
N PHE A 53 -9.45 8.83 1.56
CA PHE A 53 -8.73 9.82 0.74
C PHE A 53 -9.21 9.85 -0.73
N ALA A 54 -8.69 10.79 -1.52
CA ALA A 54 -9.09 11.05 -2.91
C ALA A 54 -7.93 10.94 -3.92
N LYS A 55 -8.28 10.80 -5.21
CA LYS A 55 -7.37 10.56 -6.35
C LYS A 55 -6.40 11.73 -6.64
N GLU A 56 -6.70 12.92 -6.13
CA GLU A 56 -5.93 14.16 -6.32
C GLU A 56 -4.45 14.13 -5.91
N GLY A 57 -4.03 13.18 -5.07
CA GLY A 57 -2.63 13.01 -4.63
C GLY A 57 -2.39 13.23 -3.13
N GLN A 58 -3.38 12.92 -2.27
CA GLN A 58 -3.30 13.11 -0.81
C GLN A 58 -2.13 12.39 -0.12
N MET A 59 -1.64 11.29 -0.70
CA MET A 59 -0.44 10.56 -0.23
C MET A 59 0.75 10.88 -1.15
N ASP A 60 0.57 10.67 -2.46
CA ASP A 60 1.48 11.01 -3.56
C ASP A 60 0.67 10.94 -4.87
N GLU A 61 0.97 11.81 -5.84
CA GLU A 61 0.26 11.88 -7.14
C GLU A 61 0.39 10.60 -8.00
N THR A 62 1.32 9.69 -7.67
CA THR A 62 1.50 8.38 -8.31
C THR A 62 0.77 7.28 -7.53
N PHE A 63 0.84 7.34 -6.20
CA PHE A 63 0.16 6.42 -5.28
C PHE A 63 -1.37 6.46 -5.43
N SER A 64 -1.94 7.67 -5.50
CA SER A 64 -3.39 7.87 -5.56
C SER A 64 -4.02 7.26 -6.81
N LYS A 65 -3.36 7.39 -7.97
CA LYS A 65 -3.79 6.80 -9.25
C LYS A 65 -3.85 5.27 -9.18
N ALA A 66 -2.83 4.64 -8.58
CA ALA A 66 -2.78 3.20 -8.36
C ALA A 66 -3.85 2.71 -7.38
N ALA A 67 -4.04 3.39 -6.26
CA ALA A 67 -5.10 3.10 -5.29
C ALA A 67 -6.52 3.14 -5.91
N PHE A 68 -6.78 4.09 -6.83
CA PHE A 68 -8.08 4.24 -7.49
C PHE A 68 -8.34 3.24 -8.62
N LYS A 69 -7.30 2.65 -9.22
CA LYS A 69 -7.41 1.58 -10.24
C LYS A 69 -7.98 0.27 -9.66
N LEU A 70 -7.73 0.02 -8.37
CA LEU A 70 -8.16 -1.17 -7.61
C LEU A 70 -9.68 -1.21 -7.34
N LYS A 71 -10.13 -2.35 -6.80
CA LYS A 71 -11.48 -2.64 -6.29
C LYS A 71 -11.35 -3.20 -4.87
N THR A 72 -12.34 -2.99 -4.01
CA THR A 72 -12.28 -3.38 -2.59
C THR A 72 -11.94 -4.86 -2.40
N GLY A 73 -10.77 -5.13 -1.81
CA GLY A 73 -10.18 -6.45 -1.61
C GLY A 73 -8.92 -6.70 -2.45
N GLU A 74 -8.77 -6.02 -3.58
CA GLU A 74 -7.67 -6.20 -4.53
C GLU A 74 -6.35 -5.56 -4.05
N VAL A 75 -5.22 -6.20 -4.40
CA VAL A 75 -3.85 -5.76 -4.09
C VAL A 75 -3.11 -5.31 -5.36
N SER A 76 -2.16 -4.40 -5.19
CA SER A 76 -1.42 -3.71 -6.25
C SER A 76 0.07 -4.03 -6.28
N ASP A 77 0.67 -4.04 -7.47
CA ASP A 77 2.12 -4.16 -7.65
C ASP A 77 2.84 -2.87 -7.20
N PRO A 78 4.16 -2.91 -6.90
CA PRO A 78 4.93 -1.77 -6.37
C PRO A 78 4.85 -0.47 -7.19
N VAL A 79 4.96 0.68 -6.50
CA VAL A 79 4.82 2.04 -7.06
C VAL A 79 5.90 2.97 -6.49
N LYS A 80 6.79 3.48 -7.36
CA LYS A 80 7.82 4.47 -7.02
C LYS A 80 7.19 5.85 -6.74
N THR A 81 7.69 6.53 -5.71
CA THR A 81 7.32 7.91 -5.32
C THR A 81 8.57 8.68 -4.83
N GLN A 82 8.41 9.95 -4.43
CA GLN A 82 9.49 10.74 -3.82
C GLN A 82 9.96 10.19 -2.45
N TYR A 83 9.17 9.30 -1.83
CA TYR A 83 9.44 8.76 -0.48
C TYR A 83 10.12 7.38 -0.51
N GLY A 84 9.87 6.58 -1.56
CA GLY A 84 10.37 5.21 -1.69
C GLY A 84 9.55 4.38 -2.67
N TYR A 85 9.40 3.09 -2.36
CA TYR A 85 8.55 2.15 -3.09
C TYR A 85 7.35 1.75 -2.21
N HIS A 86 6.15 2.12 -2.66
CA HIS A 86 4.89 1.76 -2.01
C HIS A 86 4.28 0.50 -2.62
N ILE A 87 3.37 -0.13 -1.88
CA ILE A 87 2.55 -1.28 -2.27
C ILE A 87 1.18 -0.99 -1.64
N ILE A 88 0.07 -1.20 -2.37
CA ILE A 88 -1.27 -0.79 -1.92
C ILE A 88 -2.29 -1.94 -2.03
N LYS A 89 -3.31 -1.91 -1.18
CA LYS A 89 -4.46 -2.82 -1.21
C LYS A 89 -5.72 -2.04 -0.79
N LYS A 90 -6.76 -2.01 -1.62
CA LYS A 90 -8.00 -1.25 -1.36
C LYS A 90 -8.89 -1.99 -0.36
N THR A 91 -9.51 -1.26 0.58
CA THR A 91 -10.28 -1.85 1.70
C THR A 91 -11.71 -1.33 1.87
N GLU A 92 -12.10 -0.21 1.26
CA GLU A 92 -13.49 0.28 1.26
C GLU A 92 -13.74 1.32 0.14
N GLU A 93 -14.99 1.44 -0.32
CA GLU A 93 -15.41 2.35 -1.41
C GLU A 93 -16.89 2.77 -1.37
N GLY A 3 -16.90 9.43 -4.48
CA GLY A 3 -16.21 10.29 -3.49
C GLY A 3 -14.90 9.68 -3.03
N LYS A 4 -14.58 9.81 -1.74
CA LYS A 4 -13.39 9.22 -1.09
C LYS A 4 -13.41 7.68 -1.09
N ILE A 5 -12.26 7.07 -0.85
CA ILE A 5 -12.06 5.60 -0.71
C ILE A 5 -11.12 5.31 0.48
N ARG A 6 -11.01 4.04 0.90
CA ARG A 6 -10.10 3.59 1.98
C ARG A 6 -9.22 2.45 1.49
N ALA A 7 -7.95 2.48 1.90
CA ALA A 7 -6.95 1.48 1.54
C ALA A 7 -5.89 1.28 2.63
N SER A 8 -5.11 0.22 2.48
CA SER A 8 -3.96 -0.14 3.31
C SER A 8 -2.70 -0.23 2.43
N HIS A 9 -1.52 0.03 3.01
CA HIS A 9 -0.26 0.09 2.25
C HIS A 9 0.96 -0.55 2.95
N ILE A 10 2.04 -0.67 2.18
CA ILE A 10 3.37 -1.13 2.59
C ILE A 10 4.37 -0.20 1.87
N LEU A 11 5.04 0.67 2.61
CA LEU A 11 5.95 1.71 2.09
C LEU A 11 7.40 1.35 2.41
N VAL A 12 8.26 1.24 1.39
CA VAL A 12 9.65 0.79 1.51
C VAL A 12 10.63 1.79 0.89
N ALA A 13 11.87 1.81 1.38
CA ALA A 13 12.92 2.73 0.92
C ALA A 13 13.44 2.39 -0.51
N ASP A 14 13.32 1.14 -0.95
CA ASP A 14 13.81 0.67 -2.25
C ASP A 14 12.99 -0.54 -2.77
N LYS A 15 12.82 -0.62 -4.09
CA LYS A 15 11.99 -1.64 -4.77
C LYS A 15 12.42 -3.08 -4.53
N LYS A 16 13.68 -3.35 -4.16
CA LYS A 16 14.14 -4.71 -3.79
C LYS A 16 13.36 -5.30 -2.60
N THR A 17 12.89 -4.46 -1.68
CA THR A 17 12.01 -4.89 -0.56
C THR A 17 10.58 -5.12 -1.06
N ALA A 18 10.09 -4.28 -1.98
CA ALA A 18 8.77 -4.45 -2.61
C ALA A 18 8.68 -5.76 -3.42
N GLU A 19 9.71 -6.09 -4.21
CA GLU A 19 9.80 -7.35 -4.95
C GLU A 19 9.84 -8.60 -4.04
N GLU A 20 10.36 -8.48 -2.81
CA GLU A 20 10.32 -9.57 -1.82
C GLU A 20 8.89 -9.78 -1.30
N VAL A 21 8.20 -8.70 -0.96
CA VAL A 21 6.81 -8.74 -0.45
C VAL A 21 5.85 -9.37 -1.47
N GLU A 22 6.05 -9.16 -2.78
CA GLU A 22 5.27 -9.82 -3.83
C GLU A 22 5.36 -11.37 -3.73
N LYS A 23 6.52 -11.91 -3.33
CA LYS A 23 6.70 -13.35 -3.09
C LYS A 23 5.93 -13.78 -1.83
N LYS A 24 6.05 -13.01 -0.74
CA LYS A 24 5.39 -13.30 0.55
C LYS A 24 3.86 -13.39 0.41
N LEU A 25 3.27 -12.48 -0.37
CA LEU A 25 1.85 -12.47 -0.71
C LEU A 25 1.41 -13.74 -1.47
N LYS A 26 2.23 -14.22 -2.43
CA LYS A 26 1.96 -15.44 -3.20
C LYS A 26 2.20 -16.73 -2.39
N LYS A 27 3.20 -16.75 -1.50
CA LYS A 27 3.49 -17.87 -0.58
C LYS A 27 2.36 -18.12 0.44
N GLY A 28 1.66 -17.07 0.86
CA GLY A 28 0.47 -17.17 1.73
C GLY A 28 0.36 -16.16 2.86
N GLU A 29 1.36 -15.28 3.08
CA GLU A 29 1.31 -14.28 4.15
C GLU A 29 0.27 -13.18 3.87
N LYS A 30 -0.40 -12.73 4.94
CA LYS A 30 -1.45 -11.71 4.88
C LYS A 30 -0.87 -10.31 4.71
N PHE A 31 -1.51 -9.48 3.86
CA PHE A 31 -1.12 -8.09 3.63
C PHE A 31 -1.02 -7.27 4.92
N GLU A 32 -1.98 -7.45 5.84
CA GLU A 32 -2.02 -6.75 7.13
C GLU A 32 -0.81 -7.08 8.03
N ASP A 33 -0.37 -8.34 8.04
CA ASP A 33 0.83 -8.76 8.79
C ASP A 33 2.14 -8.36 8.09
N LEU A 34 2.17 -8.35 6.75
CA LEU A 34 3.32 -7.88 5.97
C LEU A 34 3.56 -6.38 6.16
N ALA A 35 2.51 -5.56 6.28
CA ALA A 35 2.64 -4.14 6.58
C ALA A 35 3.36 -3.87 7.92
N LYS A 36 3.11 -4.72 8.94
CA LYS A 36 3.78 -4.67 10.25
C LYS A 36 5.23 -5.19 10.24
N GLU A 37 5.68 -5.81 9.13
CA GLU A 37 7.00 -6.47 9.01
C GLU A 37 7.92 -5.85 7.94
N TYR A 38 7.37 -5.14 6.93
CA TYR A 38 8.11 -4.60 5.78
C TYR A 38 7.92 -3.08 5.57
N SER A 39 6.77 -2.52 5.93
CA SER A 39 6.52 -1.07 5.86
C SER A 39 7.46 -0.29 6.78
N THR A 40 7.75 0.95 6.38
CA THR A 40 8.66 1.89 7.06
C THR A 40 7.96 3.15 7.58
N ASP A 41 6.67 3.32 7.26
CA ASP A 41 5.82 4.40 7.78
C ASP A 41 5.16 4.00 9.12
N SER A 42 4.53 4.95 9.82
CA SER A 42 3.76 4.74 11.06
C SER A 42 2.65 3.68 10.94
N SER A 43 2.20 3.39 9.71
CA SER A 43 1.24 2.34 9.35
C SER A 43 1.70 0.92 9.76
N ALA A 44 3.00 0.73 10.01
CA ALA A 44 3.58 -0.51 10.53
C ALA A 44 3.11 -0.88 11.96
N SER A 45 2.36 0.02 12.62
CA SER A 45 1.71 -0.19 13.93
C SER A 45 0.16 -0.12 13.82
N LYS A 46 -0.37 -0.16 12.59
CA LYS A 46 -1.80 0.00 12.25
C LYS A 46 -2.32 -1.07 11.26
N GLY A 47 -1.52 -2.10 10.97
CA GLY A 47 -1.84 -3.13 9.97
C GLY A 47 -1.84 -2.61 8.51
N GLY A 48 -1.16 -1.48 8.26
CA GLY A 48 -1.07 -0.86 6.94
C GLY A 48 -2.18 0.16 6.62
N ASP A 49 -3.29 0.17 7.36
CA ASP A 49 -4.45 1.05 7.11
C ASP A 49 -4.07 2.56 7.15
N LEU A 50 -4.66 3.32 6.21
CA LEU A 50 -4.49 4.77 6.06
C LEU A 50 -5.79 5.57 6.31
N GLY A 51 -6.93 4.88 6.53
CA GLY A 51 -8.24 5.53 6.65
C GLY A 51 -8.74 6.08 5.31
N TRP A 52 -9.84 6.82 5.32
CA TRP A 52 -10.44 7.38 4.10
C TRP A 52 -9.64 8.57 3.56
N PHE A 53 -9.37 8.58 2.24
CA PHE A 53 -8.64 9.66 1.54
C PHE A 53 -9.17 9.90 0.10
N ALA A 54 -8.66 10.95 -0.55
CA ALA A 54 -9.11 11.45 -1.86
C ALA A 54 -8.03 11.41 -2.96
N LYS A 55 -8.49 11.46 -4.22
CA LYS A 55 -7.71 11.37 -5.48
C LYS A 55 -6.66 12.49 -5.68
N GLU A 56 -6.86 13.64 -5.03
CA GLU A 56 -6.06 14.87 -5.18
C GLU A 56 -4.54 14.71 -4.96
N GLY A 57 -4.11 13.75 -4.13
CA GLY A 57 -2.70 13.53 -3.79
C GLY A 57 -2.40 13.56 -2.28
N GLN A 58 -3.35 13.13 -1.43
CA GLN A 58 -3.25 13.22 0.04
C GLN A 58 -2.14 12.37 0.68
N MET A 59 -1.59 11.38 -0.05
CA MET A 59 -0.44 10.58 0.36
C MET A 59 0.74 10.89 -0.59
N ASP A 60 0.50 10.70 -1.90
CA ASP A 60 1.34 11.04 -3.05
C ASP A 60 0.42 10.98 -4.29
N GLU A 61 0.68 11.77 -5.32
CA GLU A 61 -0.16 11.76 -6.54
C GLU A 61 -0.12 10.40 -7.26
N THR A 62 1.06 9.79 -7.36
CA THR A 62 1.25 8.47 -8.01
C THR A 62 0.56 7.35 -7.23
N PHE A 63 0.67 7.40 -5.89
CA PHE A 63 -0.04 6.49 -5.00
C PHE A 63 -1.56 6.64 -5.12
N SER A 64 -2.05 7.89 -5.16
CA SER A 64 -3.49 8.19 -5.25
C SER A 64 -4.10 7.70 -6.56
N LYS A 65 -3.38 7.83 -7.70
CA LYS A 65 -3.79 7.29 -9.00
C LYS A 65 -4.00 5.77 -8.93
N ALA A 66 -3.04 5.03 -8.37
CA ALA A 66 -3.10 3.58 -8.19
C ALA A 66 -4.18 3.13 -7.19
N ALA A 67 -4.30 3.81 -6.04
CA ALA A 67 -5.31 3.52 -5.01
C ALA A 67 -6.75 3.62 -5.55
N PHE A 68 -7.01 4.57 -6.45
CA PHE A 68 -8.33 4.75 -7.07
C PHE A 68 -8.56 3.81 -8.28
N LYS A 69 -7.50 3.38 -8.98
CA LYS A 69 -7.56 2.40 -10.09
C LYS A 69 -7.95 1.00 -9.61
N LEU A 70 -7.56 0.64 -8.38
CA LEU A 70 -7.93 -0.61 -7.70
C LEU A 70 -9.44 -0.72 -7.40
N LYS A 71 -9.87 -1.93 -7.04
CA LYS A 71 -11.23 -2.27 -6.57
C LYS A 71 -11.14 -2.96 -5.21
N THR A 72 -12.12 -2.71 -4.34
CA THR A 72 -12.12 -3.19 -2.95
C THR A 72 -11.88 -4.70 -2.85
N GLY A 73 -10.76 -5.09 -2.23
CA GLY A 73 -10.28 -6.46 -2.08
C GLY A 73 -9.00 -6.77 -2.88
N GLU A 74 -8.73 -6.02 -3.95
CA GLU A 74 -7.58 -6.24 -4.84
C GLU A 74 -6.25 -5.70 -4.28
N VAL A 75 -5.15 -6.38 -4.58
CA VAL A 75 -3.77 -6.05 -4.16
C VAL A 75 -2.98 -5.56 -5.37
N SER A 76 -2.22 -4.48 -5.18
CA SER A 76 -1.47 -3.78 -6.23
C SER A 76 -0.04 -4.30 -6.45
N ASP A 77 0.56 -3.81 -7.54
CA ASP A 77 1.98 -3.98 -7.87
C ASP A 77 2.77 -2.77 -7.32
N PRO A 78 4.11 -2.81 -7.27
CA PRO A 78 4.95 -1.70 -6.78
C PRO A 78 4.71 -0.36 -7.51
N VAL A 79 4.74 0.75 -6.75
CA VAL A 79 4.47 2.13 -7.21
C VAL A 79 5.57 3.07 -6.70
N LYS A 80 6.35 3.66 -7.62
CA LYS A 80 7.35 4.70 -7.32
C LYS A 80 6.67 5.99 -6.84
N THR A 81 7.23 6.65 -5.83
CA THR A 81 6.78 7.96 -5.30
C THR A 81 7.97 8.85 -4.91
N GLN A 82 7.70 10.08 -4.46
CA GLN A 82 8.71 11.02 -3.96
C GLN A 82 9.40 10.55 -2.65
N TYR A 83 8.88 9.51 -1.98
CA TYR A 83 9.36 9.01 -0.69
C TYR A 83 10.09 7.66 -0.78
N GLY A 84 9.84 6.88 -1.84
CA GLY A 84 10.37 5.52 -2.02
C GLY A 84 9.52 4.72 -3.00
N TYR A 85 9.15 3.50 -2.61
CA TYR A 85 8.23 2.62 -3.34
C TYR A 85 7.12 2.13 -2.40
N HIS A 86 5.92 1.95 -2.96
CA HIS A 86 4.71 1.59 -2.22
C HIS A 86 4.02 0.38 -2.87
N ILE A 87 3.29 -0.36 -2.05
CA ILE A 87 2.39 -1.47 -2.44
C ILE A 87 1.10 -1.17 -1.69
N ILE A 88 -0.05 -1.37 -2.34
CA ILE A 88 -1.37 -0.98 -1.82
C ILE A 88 -2.38 -2.11 -1.93
N LYS A 89 -3.44 -2.03 -1.13
CA LYS A 89 -4.61 -2.89 -1.17
C LYS A 89 -5.85 -2.07 -0.77
N LYS A 90 -6.78 -1.88 -1.70
CA LYS A 90 -8.03 -1.12 -1.45
C LYS A 90 -8.97 -1.95 -0.56
N THR A 91 -9.59 -1.34 0.44
CA THR A 91 -10.42 -2.05 1.44
C THR A 91 -11.84 -1.50 1.67
N GLU A 92 -12.19 -0.31 1.13
CA GLU A 92 -13.56 0.23 1.17
C GLU A 92 -13.78 1.33 0.12
N GLU A 93 -15.01 1.47 -0.39
CA GLU A 93 -15.40 2.42 -1.45
C GLU A 93 -16.90 2.79 -1.46
N GLY A 3 -15.05 12.95 -3.37
CA GLY A 3 -15.19 11.51 -3.03
C GLY A 3 -13.93 10.96 -2.37
N LYS A 4 -14.07 9.89 -1.59
CA LYS A 4 -12.99 9.21 -0.85
C LYS A 4 -13.09 7.68 -0.89
N ILE A 5 -11.97 7.03 -0.62
CA ILE A 5 -11.79 5.57 -0.47
C ILE A 5 -10.83 5.31 0.69
N ARG A 6 -10.75 4.05 1.14
CA ARG A 6 -9.85 3.59 2.21
C ARG A 6 -9.00 2.42 1.73
N ALA A 7 -7.74 2.41 2.15
CA ALA A 7 -6.76 1.40 1.78
C ALA A 7 -5.67 1.21 2.86
N SER A 8 -4.93 0.12 2.71
CA SER A 8 -3.76 -0.22 3.51
C SER A 8 -2.53 -0.30 2.60
N HIS A 9 -1.34 0.02 3.11
CA HIS A 9 -0.12 0.09 2.30
C HIS A 9 1.14 -0.50 2.94
N ILE A 10 2.18 -0.64 2.12
CA ILE A 10 3.54 -1.08 2.49
C ILE A 10 4.52 -0.19 1.72
N LEU A 11 5.28 0.66 2.44
CA LEU A 11 6.18 1.66 1.86
C LEU A 11 7.64 1.25 2.13
N VAL A 12 8.43 1.10 1.07
CA VAL A 12 9.82 0.60 1.13
C VAL A 12 10.80 1.53 0.40
N ALA A 13 12.07 1.47 0.79
CA ALA A 13 13.12 2.33 0.22
C ALA A 13 13.54 1.94 -1.22
N ASP A 14 13.36 0.68 -1.61
CA ASP A 14 13.78 0.13 -2.91
C ASP A 14 12.91 -1.06 -3.35
N LYS A 15 12.68 -1.21 -4.67
CA LYS A 15 11.90 -2.30 -5.27
C LYS A 15 12.38 -3.71 -4.89
N LYS A 16 13.67 -3.91 -4.58
CA LYS A 16 14.18 -5.22 -4.08
C LYS A 16 13.45 -5.73 -2.84
N THR A 17 12.99 -4.83 -1.96
CA THR A 17 12.16 -5.17 -0.79
C THR A 17 10.72 -5.52 -1.22
N ALA A 18 10.15 -4.76 -2.16
CA ALA A 18 8.82 -5.02 -2.71
C ALA A 18 8.70 -6.36 -3.44
N GLU A 19 9.74 -6.76 -4.19
CA GLU A 19 9.78 -8.07 -4.87
C GLU A 19 9.69 -9.25 -3.91
N GLU A 20 10.28 -9.16 -2.70
CA GLU A 20 10.13 -10.20 -1.67
C GLU A 20 8.70 -10.22 -1.09
N VAL A 21 8.11 -9.04 -0.84
CA VAL A 21 6.72 -8.92 -0.37
C VAL A 21 5.73 -9.51 -1.38
N GLU A 22 5.92 -9.32 -2.69
CA GLU A 22 5.09 -9.95 -3.72
C GLU A 22 5.09 -11.50 -3.64
N LYS A 23 6.22 -12.12 -3.24
CA LYS A 23 6.30 -13.56 -3.00
C LYS A 23 5.66 -13.95 -1.67
N LYS A 24 5.94 -13.20 -0.58
CA LYS A 24 5.36 -13.41 0.75
C LYS A 24 3.81 -13.43 0.73
N LEU A 25 3.21 -12.52 -0.04
CA LEU A 25 1.76 -12.43 -0.29
C LEU A 25 1.14 -13.69 -0.93
N LYS A 26 1.95 -14.56 -1.55
CA LYS A 26 1.52 -15.82 -2.18
C LYS A 26 1.98 -17.06 -1.40
N LYS A 27 3.11 -16.98 -0.69
CA LYS A 27 3.64 -18.03 0.22
C LYS A 27 2.70 -18.32 1.39
N GLY A 28 2.00 -17.30 1.92
CA GLY A 28 0.98 -17.46 2.97
C GLY A 28 0.77 -16.24 3.87
N GLU A 29 1.75 -15.35 4.01
CA GLU A 29 1.71 -14.18 4.89
C GLU A 29 0.67 -13.13 4.44
N LYS A 30 -0.12 -12.62 5.39
CA LYS A 30 -1.15 -11.59 5.16
C LYS A 30 -0.56 -10.21 4.88
N PHE A 31 -1.25 -9.39 4.10
CA PHE A 31 -0.84 -8.01 3.78
C PHE A 31 -0.66 -7.15 5.05
N GLU A 32 -1.57 -7.28 6.02
CA GLU A 32 -1.52 -6.53 7.29
C GLU A 32 -0.34 -6.97 8.18
N ASP A 33 0.02 -8.26 8.15
CA ASP A 33 1.19 -8.79 8.86
C ASP A 33 2.51 -8.36 8.20
N LEU A 34 2.55 -8.33 6.85
CA LEU A 34 3.70 -7.85 6.09
C LEU A 34 3.93 -6.34 6.25
N ALA A 35 2.88 -5.52 6.45
CA ALA A 35 3.04 -4.11 6.74
C ALA A 35 3.85 -3.88 8.04
N LYS A 36 3.66 -4.74 9.06
CA LYS A 36 4.43 -4.73 10.32
C LYS A 36 5.87 -5.26 10.20
N GLU A 37 6.23 -5.89 9.08
CA GLU A 37 7.53 -6.56 8.85
C GLU A 37 8.38 -5.93 7.73
N TYR A 38 7.78 -5.18 6.80
CA TYR A 38 8.45 -4.63 5.61
C TYR A 38 8.22 -3.13 5.37
N SER A 39 7.06 -2.58 5.76
CA SER A 39 6.79 -1.14 5.64
C SER A 39 7.71 -0.30 6.54
N THR A 40 7.93 0.96 6.12
CA THR A 40 8.76 1.96 6.82
C THR A 40 7.97 3.21 7.24
N ASP A 41 6.68 3.28 6.88
CA ASP A 41 5.77 4.35 7.32
C ASP A 41 5.21 4.07 8.74
N SER A 42 4.87 5.12 9.49
CA SER A 42 4.23 5.01 10.82
C SER A 42 2.92 4.20 10.83
N SER A 43 2.24 4.09 9.69
CA SER A 43 1.04 3.26 9.47
C SER A 43 1.29 1.74 9.59
N ALA A 44 2.55 1.29 9.63
CA ALA A 44 2.91 -0.12 9.84
C ALA A 44 2.21 -0.73 11.07
N SER A 45 2.21 -0.03 12.21
CA SER A 45 1.59 -0.47 13.47
C SER A 45 0.06 -0.65 13.38
N LYS A 46 -0.59 0.02 12.42
CA LYS A 46 -2.04 -0.08 12.11
C LYS A 46 -2.36 -1.22 11.12
N GLY A 47 -1.37 -2.03 10.74
CA GLY A 47 -1.50 -3.05 9.70
C GLY A 47 -1.45 -2.46 8.29
N GLY A 48 -0.90 -1.25 8.15
CA GLY A 48 -0.79 -0.49 6.89
C GLY A 48 -1.95 0.47 6.63
N ASP A 49 -3.07 0.39 7.37
CA ASP A 49 -4.29 1.20 7.18
C ASP A 49 -4.02 2.71 7.21
N LEU A 50 -4.34 3.39 6.11
CA LEU A 50 -4.22 4.84 5.94
C LEU A 50 -5.52 5.61 6.28
N GLY A 51 -6.63 4.90 6.54
CA GLY A 51 -7.95 5.53 6.71
C GLY A 51 -8.50 6.09 5.39
N TRP A 52 -9.62 6.80 5.45
CA TRP A 52 -10.24 7.41 4.26
C TRP A 52 -9.42 8.60 3.73
N PHE A 53 -9.22 8.67 2.42
CA PHE A 53 -8.53 9.78 1.73
C PHE A 53 -9.07 10.04 0.31
N ALA A 54 -8.77 11.23 -0.23
CA ALA A 54 -9.23 11.74 -1.52
C ALA A 54 -8.13 11.74 -2.60
N LYS A 55 -8.52 11.50 -3.86
CA LYS A 55 -7.63 11.43 -5.04
C LYS A 55 -6.98 12.77 -5.41
N GLU A 56 -7.61 13.88 -5.02
CA GLU A 56 -7.20 15.26 -5.37
C GLU A 56 -5.83 15.70 -4.85
N GLY A 57 -5.31 15.08 -3.77
CA GLY A 57 -3.97 15.39 -3.25
C GLY A 57 -3.67 15.04 -1.79
N GLN A 58 -4.51 14.26 -1.10
CA GLN A 58 -4.28 13.86 0.31
C GLN A 58 -3.19 12.78 0.48
N MET A 59 -2.69 12.22 -0.63
CA MET A 59 -1.56 11.27 -0.72
C MET A 59 -0.64 11.66 -1.90
N ASP A 60 0.49 10.96 -2.07
CA ASP A 60 1.44 11.17 -3.19
C ASP A 60 0.74 11.18 -4.58
N GLU A 61 1.25 12.01 -5.50
CA GLU A 61 0.70 12.23 -6.85
C GLU A 61 0.71 11.00 -7.78
N THR A 62 1.33 9.89 -7.35
CA THR A 62 1.37 8.59 -8.05
C THR A 62 0.57 7.54 -7.28
N PHE A 63 0.79 7.48 -5.96
CA PHE A 63 0.05 6.60 -5.05
C PHE A 63 -1.48 6.84 -5.09
N SER A 64 -1.91 8.11 -5.05
CA SER A 64 -3.33 8.49 -5.09
C SER A 64 -4.03 8.02 -6.37
N LYS A 65 -3.37 8.16 -7.53
CA LYS A 65 -3.86 7.66 -8.82
C LYS A 65 -4.00 6.13 -8.82
N ALA A 66 -3.02 5.42 -8.26
CA ALA A 66 -3.01 3.97 -8.19
C ALA A 66 -4.10 3.40 -7.26
N ALA A 67 -4.20 3.89 -6.01
CA ALA A 67 -5.14 3.37 -5.00
C ALA A 67 -6.63 3.47 -5.41
N PHE A 68 -6.99 4.47 -6.22
CA PHE A 68 -8.36 4.64 -6.70
C PHE A 68 -8.73 3.73 -7.89
N LYS A 69 -7.73 3.16 -8.60
CA LYS A 69 -7.92 2.32 -9.80
C LYS A 69 -8.53 0.94 -9.48
N LEU A 70 -8.08 0.31 -8.39
CA LEU A 70 -8.51 -1.02 -7.96
C LEU A 70 -9.83 -1.01 -7.15
N LYS A 71 -10.33 -2.21 -6.81
CA LYS A 71 -11.58 -2.44 -6.04
C LYS A 71 -11.29 -3.05 -4.66
N THR A 72 -12.16 -2.79 -3.70
CA THR A 72 -12.03 -3.25 -2.30
C THR A 72 -11.82 -4.77 -2.22
N GLY A 73 -10.70 -5.18 -1.62
CA GLY A 73 -10.27 -6.58 -1.48
C GLY A 73 -9.11 -6.96 -2.40
N GLU A 74 -8.92 -6.26 -3.53
CA GLU A 74 -7.82 -6.49 -4.46
C GLU A 74 -6.48 -5.94 -3.92
N VAL A 75 -5.36 -6.53 -4.37
CA VAL A 75 -3.99 -6.12 -4.04
C VAL A 75 -3.30 -5.56 -5.29
N SER A 76 -2.90 -4.29 -5.21
CA SER A 76 -2.24 -3.54 -6.27
C SER A 76 -0.75 -3.93 -6.41
N ASP A 77 -0.25 -3.92 -7.65
CA ASP A 77 1.18 -4.12 -7.94
C ASP A 77 2.01 -2.88 -7.49
N PRO A 78 3.35 -3.00 -7.28
CA PRO A 78 4.21 -1.92 -6.80
C PRO A 78 4.15 -0.62 -7.61
N VAL A 79 4.38 0.51 -6.93
CA VAL A 79 4.26 1.89 -7.45
C VAL A 79 5.43 2.73 -6.96
N LYS A 80 6.26 3.26 -7.88
CA LYS A 80 7.35 4.20 -7.57
C LYS A 80 6.78 5.60 -7.28
N THR A 81 7.37 6.32 -6.33
CA THR A 81 6.90 7.65 -5.87
C THR A 81 8.08 8.59 -5.56
N GLN A 82 7.79 9.82 -5.13
CA GLN A 82 8.81 10.78 -4.67
C GLN A 82 9.53 10.36 -3.37
N TYR A 83 9.02 9.35 -2.66
CA TYR A 83 9.53 8.87 -1.36
C TYR A 83 10.26 7.52 -1.43
N GLY A 84 9.92 6.67 -2.41
CA GLY A 84 10.51 5.35 -2.63
C GLY A 84 9.63 4.50 -3.53
N TYR A 85 9.22 3.33 -3.02
CA TYR A 85 8.28 2.41 -3.65
C TYR A 85 7.18 2.02 -2.67
N HIS A 86 5.97 1.85 -3.17
CA HIS A 86 4.76 1.59 -2.39
C HIS A 86 4.02 0.37 -2.96
N ILE A 87 3.24 -0.30 -2.12
CA ILE A 87 2.35 -1.40 -2.46
C ILE A 87 1.03 -1.11 -1.74
N ILE A 88 -0.12 -1.33 -2.38
CA ILE A 88 -1.44 -0.94 -1.83
C ILE A 88 -2.45 -2.08 -1.91
N LYS A 89 -3.38 -2.12 -0.96
CA LYS A 89 -4.54 -3.02 -0.93
C LYS A 89 -5.75 -2.22 -0.47
N LYS A 90 -6.77 -2.09 -1.33
CA LYS A 90 -7.98 -1.28 -1.03
C LYS A 90 -8.87 -2.04 -0.04
N THR A 91 -9.43 -1.34 0.95
CA THR A 91 -10.19 -1.95 2.08
C THR A 91 -11.58 -1.38 2.33
N GLU A 92 -11.95 -0.24 1.76
CA GLU A 92 -13.32 0.32 1.86
C GLU A 92 -13.61 1.35 0.75
N GLU A 93 -14.87 1.43 0.30
CA GLU A 93 -15.36 2.33 -0.76
C GLU A 93 -16.88 2.61 -0.69
N GLY A 3 -15.34 12.76 -4.01
CA GLY A 3 -15.46 11.44 -3.37
C GLY A 3 -14.17 11.01 -2.68
N LYS A 4 -14.23 9.89 -1.95
CA LYS A 4 -13.10 9.28 -1.20
C LYS A 4 -13.10 7.75 -1.31
N ILE A 5 -11.95 7.15 -1.00
CA ILE A 5 -11.71 5.71 -0.88
C ILE A 5 -10.80 5.44 0.34
N ARG A 6 -10.67 4.18 0.75
CA ARG A 6 -9.79 3.75 1.85
C ARG A 6 -8.88 2.61 1.39
N ALA A 7 -7.64 2.62 1.84
CA ALA A 7 -6.63 1.62 1.51
C ALA A 7 -5.58 1.43 2.61
N SER A 8 -4.81 0.35 2.48
CA SER A 8 -3.67 -0.01 3.32
C SER A 8 -2.42 -0.12 2.45
N HIS A 9 -1.23 0.13 3.02
CA HIS A 9 0.03 0.14 2.24
C HIS A 9 1.24 -0.50 2.93
N ILE A 10 2.30 -0.74 2.14
CA ILE A 10 3.63 -1.21 2.56
C ILE A 10 4.64 -0.36 1.78
N LEU A 11 5.37 0.52 2.48
CA LEU A 11 6.31 1.50 1.90
C LEU A 11 7.76 1.08 2.16
N VAL A 12 8.56 0.94 1.11
CA VAL A 12 9.94 0.43 1.15
C VAL A 12 10.93 1.37 0.42
N ALA A 13 12.22 1.28 0.79
CA ALA A 13 13.27 2.11 0.21
C ALA A 13 13.61 1.76 -1.26
N ASP A 14 13.40 0.51 -1.68
CA ASP A 14 13.76 0.00 -3.01
C ASP A 14 12.86 -1.18 -3.44
N LYS A 15 12.59 -1.29 -4.75
CA LYS A 15 11.74 -2.33 -5.37
C LYS A 15 12.17 -3.77 -5.02
N LYS A 16 13.45 -4.04 -4.75
CA LYS A 16 13.94 -5.36 -4.30
C LYS A 16 13.22 -5.89 -3.04
N THR A 17 12.73 -5.00 -2.17
CA THR A 17 11.91 -5.36 -1.00
C THR A 17 10.44 -5.55 -1.39
N ALA A 18 9.91 -4.70 -2.29
CA ALA A 18 8.54 -4.78 -2.79
C ALA A 18 8.26 -6.09 -3.56
N GLU A 19 9.13 -6.47 -4.49
CA GLU A 19 9.00 -7.71 -5.28
C GLU A 19 9.13 -9.01 -4.44
N GLU A 20 9.66 -8.91 -3.22
CA GLU A 20 9.70 -10.01 -2.25
C GLU A 20 8.39 -10.08 -1.46
N VAL A 21 7.80 -8.95 -1.07
CA VAL A 21 6.48 -8.88 -0.42
C VAL A 21 5.38 -9.44 -1.34
N GLU A 22 5.48 -9.23 -2.66
CA GLU A 22 4.55 -9.84 -3.63
C GLU A 22 4.58 -11.39 -3.56
N LYS A 23 5.76 -11.98 -3.34
CA LYS A 23 5.92 -13.43 -3.16
C LYS A 23 5.41 -13.87 -1.79
N LYS A 24 5.72 -13.14 -0.72
CA LYS A 24 5.25 -13.45 0.65
C LYS A 24 3.73 -13.58 0.75
N LEU A 25 2.99 -12.67 0.10
CA LEU A 25 1.53 -12.70 -0.01
C LEU A 25 0.98 -13.96 -0.72
N LYS A 26 1.73 -14.51 -1.69
CA LYS A 26 1.36 -15.74 -2.42
C LYS A 26 1.80 -17.03 -1.70
N LYS A 27 2.93 -17.00 -0.98
CA LYS A 27 3.41 -18.12 -0.14
C LYS A 27 2.49 -18.42 1.04
N GLY A 28 1.84 -17.40 1.62
CA GLY A 28 0.83 -17.57 2.67
C GLY A 28 0.74 -16.45 3.71
N GLU A 29 1.63 -15.46 3.69
CA GLU A 29 1.62 -14.35 4.66
C GLU A 29 0.46 -13.36 4.41
N LYS A 30 0.17 -12.49 5.39
CA LYS A 30 -0.96 -11.55 5.37
C LYS A 30 -0.47 -10.10 5.29
N PHE A 31 -1.18 -9.25 4.54
CA PHE A 31 -0.81 -7.87 4.27
C PHE A 31 -0.59 -7.04 5.56
N GLU A 32 -1.47 -7.21 6.55
CA GLU A 32 -1.39 -6.49 7.84
C GLU A 32 -0.21 -6.96 8.72
N ASP A 33 0.28 -8.18 8.53
CA ASP A 33 1.47 -8.69 9.24
C ASP A 33 2.77 -8.30 8.51
N LEU A 34 2.77 -8.33 7.18
CA LEU A 34 3.89 -7.87 6.35
C LEU A 34 4.13 -6.36 6.51
N ALA A 35 3.08 -5.55 6.70
CA ALA A 35 3.23 -4.13 6.99
C ALA A 35 4.05 -3.86 8.27
N LYS A 36 3.98 -4.75 9.27
CA LYS A 36 4.78 -4.70 10.51
C LYS A 36 6.18 -5.31 10.40
N GLU A 37 6.58 -5.81 9.22
CA GLU A 37 7.88 -6.49 8.99
C GLU A 37 8.67 -5.94 7.79
N TYR A 38 8.01 -5.27 6.83
CA TYR A 38 8.60 -4.76 5.59
C TYR A 38 8.36 -3.27 5.35
N SER A 39 7.21 -2.71 5.78
CA SER A 39 6.95 -1.27 5.69
C SER A 39 7.91 -0.43 6.54
N THR A 40 8.09 0.83 6.15
CA THR A 40 8.95 1.83 6.81
C THR A 40 8.17 3.08 7.24
N ASP A 41 6.85 3.13 6.97
CA ASP A 41 5.95 4.20 7.41
C ASP A 41 5.35 3.91 8.80
N SER A 42 5.07 4.95 9.58
CA SER A 42 4.41 4.85 10.91
C SER A 42 3.03 4.17 10.88
N SER A 43 2.36 4.13 9.72
CA SER A 43 1.08 3.43 9.49
C SER A 43 1.15 1.91 9.72
N ALA A 44 2.35 1.33 9.81
CA ALA A 44 2.55 -0.08 10.18
C ALA A 44 1.90 -0.42 11.53
N SER A 45 1.87 0.55 12.46
CA SER A 45 1.19 0.46 13.76
C SER A 45 -0.34 0.24 13.67
N LYS A 46 -0.94 0.50 12.49
CA LYS A 46 -2.37 0.34 12.15
C LYS A 46 -2.61 -0.83 11.18
N GLY A 47 -1.60 -1.67 10.95
CA GLY A 47 -1.63 -2.76 9.95
C GLY A 47 -1.47 -2.25 8.50
N GLY A 48 -1.00 -1.02 8.32
CA GLY A 48 -0.82 -0.37 7.02
C GLY A 48 -1.96 0.57 6.61
N ASP A 49 -3.11 0.53 7.30
CA ASP A 49 -4.30 1.35 7.01
C ASP A 49 -4.01 2.86 7.04
N LEU A 50 -4.49 3.56 6.02
CA LEU A 50 -4.35 5.02 5.85
C LEU A 50 -5.67 5.78 6.10
N GLY A 51 -6.80 5.08 6.33
CA GLY A 51 -8.12 5.70 6.46
C GLY A 51 -8.63 6.29 5.13
N TRP A 52 -9.77 6.97 5.18
CA TRP A 52 -10.39 7.57 3.99
C TRP A 52 -9.60 8.78 3.47
N PHE A 53 -9.34 8.82 2.16
CA PHE A 53 -8.64 9.93 1.48
C PHE A 53 -9.12 10.18 0.03
N ALA A 54 -8.66 11.29 -0.55
CA ALA A 54 -8.97 11.74 -1.91
C ALA A 54 -7.68 12.05 -2.72
N LYS A 55 -7.66 11.61 -3.99
CA LYS A 55 -6.51 11.76 -4.91
C LYS A 55 -6.18 13.20 -5.33
N GLU A 56 -7.11 14.13 -5.11
CA GLU A 56 -6.97 15.56 -5.43
C GLU A 56 -5.85 16.30 -4.65
N GLY A 57 -5.31 15.72 -3.57
CA GLY A 57 -4.17 16.30 -2.84
C GLY A 57 -3.84 15.70 -1.46
N GLN A 58 -4.73 14.88 -0.87
CA GLN A 58 -4.53 14.31 0.48
C GLN A 58 -3.40 13.26 0.55
N MET A 59 -3.05 12.64 -0.59
CA MET A 59 -1.98 11.64 -0.74
C MET A 59 -1.12 11.93 -1.99
N ASP A 60 0.02 11.23 -2.12
CA ASP A 60 0.98 11.39 -3.23
C ASP A 60 0.32 11.23 -4.62
N GLU A 61 0.78 12.04 -5.58
CA GLU A 61 0.23 12.15 -6.95
C GLU A 61 0.27 10.86 -7.78
N THR A 62 1.13 9.90 -7.47
CA THR A 62 1.25 8.62 -8.20
C THR A 62 0.65 7.47 -7.38
N PHE A 63 0.88 7.45 -6.06
CA PHE A 63 0.28 6.48 -5.13
C PHE A 63 -1.25 6.51 -5.16
N SER A 64 -1.84 7.71 -5.07
CA SER A 64 -3.30 7.90 -4.98
C SER A 64 -4.04 7.46 -6.24
N LYS A 65 -3.46 7.67 -7.43
CA LYS A 65 -4.04 7.19 -8.71
C LYS A 65 -4.19 5.67 -8.71
N ALA A 66 -3.15 4.95 -8.27
CA ALA A 66 -3.19 3.49 -8.14
C ALA A 66 -4.19 3.03 -7.06
N ALA A 67 -4.22 3.70 -5.90
CA ALA A 67 -5.19 3.42 -4.84
C ALA A 67 -6.66 3.55 -5.30
N PHE A 68 -6.95 4.54 -6.16
CA PHE A 68 -8.29 4.74 -6.73
C PHE A 68 -8.61 3.75 -7.88
N LYS A 69 -7.60 3.34 -8.68
CA LYS A 69 -7.74 2.37 -9.78
C LYS A 69 -8.11 0.96 -9.31
N LEU A 70 -7.64 0.56 -8.13
CA LEU A 70 -7.98 -0.71 -7.47
C LEU A 70 -9.49 -0.82 -7.12
N LYS A 71 -9.89 -2.05 -6.73
CA LYS A 71 -11.24 -2.40 -6.22
C LYS A 71 -11.09 -3.02 -4.84
N THR A 72 -12.03 -2.74 -3.95
CA THR A 72 -11.97 -3.17 -2.53
C THR A 72 -11.73 -4.68 -2.39
N GLY A 73 -10.58 -5.04 -1.82
CA GLY A 73 -10.08 -6.42 -1.65
C GLY A 73 -8.83 -6.72 -2.47
N GLU A 74 -8.60 -5.99 -3.58
CA GLU A 74 -7.49 -6.24 -4.51
C GLU A 74 -6.15 -5.64 -4.05
N VAL A 75 -5.05 -6.32 -4.41
CA VAL A 75 -3.65 -5.97 -4.09
C VAL A 75 -2.94 -5.44 -5.34
N SER A 76 -2.05 -4.47 -5.14
CA SER A 76 -1.34 -3.75 -6.21
C SER A 76 0.10 -4.23 -6.45
N ASP A 77 0.62 -3.89 -7.63
CA ASP A 77 2.03 -4.08 -7.99
C ASP A 77 2.86 -2.88 -7.43
N PRO A 78 4.20 -2.95 -7.40
CA PRO A 78 5.06 -1.87 -6.92
C PRO A 78 4.84 -0.52 -7.65
N VAL A 79 4.81 0.58 -6.89
CA VAL A 79 4.54 1.95 -7.36
C VAL A 79 5.67 2.88 -6.91
N LYS A 80 6.42 3.45 -7.85
CA LYS A 80 7.45 4.47 -7.59
C LYS A 80 6.81 5.81 -7.21
N THR A 81 7.35 6.49 -6.20
CA THR A 81 6.89 7.80 -5.69
C THR A 81 8.07 8.70 -5.34
N GLN A 82 7.79 9.91 -4.83
CA GLN A 82 8.81 10.84 -4.32
C GLN A 82 9.54 10.34 -3.05
N TYR A 83 9.05 9.28 -2.40
CA TYR A 83 9.55 8.74 -1.13
C TYR A 83 10.30 7.41 -1.28
N GLY A 84 9.98 6.60 -2.30
CA GLY A 84 10.54 5.27 -2.51
C GLY A 84 9.62 4.43 -3.39
N TYR A 85 9.44 3.16 -3.03
CA TYR A 85 8.49 2.24 -3.68
C TYR A 85 7.38 1.85 -2.68
N HIS A 86 6.16 1.71 -3.20
CA HIS A 86 4.96 1.44 -2.42
C HIS A 86 4.19 0.24 -3.00
N ILE A 87 3.50 -0.47 -2.12
CA ILE A 87 2.55 -1.55 -2.42
C ILE A 87 1.27 -1.15 -1.69
N ILE A 88 0.13 -1.39 -2.32
CA ILE A 88 -1.17 -0.94 -1.83
C ILE A 88 -2.19 -2.07 -1.91
N LYS A 89 -3.24 -1.96 -1.10
CA LYS A 89 -4.41 -2.83 -1.12
C LYS A 89 -5.62 -2.01 -0.70
N LYS A 90 -6.64 -1.91 -1.56
CA LYS A 90 -7.85 -1.11 -1.28
C LYS A 90 -8.73 -1.86 -0.27
N THR A 91 -9.31 -1.16 0.70
CA THR A 91 -10.07 -1.75 1.83
C THR A 91 -11.48 -1.21 2.04
N GLU A 92 -11.87 -0.08 1.41
CA GLU A 92 -13.23 0.45 1.46
C GLU A 92 -13.51 1.47 0.34
N GLU A 93 -14.78 1.55 -0.11
CA GLU A 93 -15.27 2.44 -1.18
C GLU A 93 -16.78 2.73 -1.11
N GLY A 3 -15.78 12.68 -3.80
CA GLY A 3 -15.74 11.24 -3.42
C GLY A 3 -14.40 10.84 -2.82
N LYS A 4 -14.39 9.74 -2.06
CA LYS A 4 -13.21 9.18 -1.37
C LYS A 4 -13.19 7.64 -1.44
N ILE A 5 -12.03 7.07 -1.13
CA ILE A 5 -11.75 5.63 -1.01
C ILE A 5 -10.88 5.36 0.22
N ARG A 6 -10.68 4.09 0.58
CA ARG A 6 -9.79 3.65 1.67
C ARG A 6 -8.88 2.51 1.17
N ALA A 7 -7.65 2.49 1.65
CA ALA A 7 -6.67 1.45 1.34
C ALA A 7 -5.65 1.27 2.47
N SER A 8 -4.87 0.19 2.37
CA SER A 8 -3.74 -0.13 3.24
C SER A 8 -2.49 -0.31 2.38
N HIS A 9 -1.32 0.05 2.91
CA HIS A 9 -0.06 -0.02 2.14
C HIS A 9 1.15 -0.54 2.93
N ILE A 10 2.22 -0.85 2.20
CA ILE A 10 3.54 -1.26 2.70
C ILE A 10 4.58 -0.41 1.95
N LEU A 11 5.23 0.52 2.64
CA LEU A 11 6.17 1.49 2.07
C LEU A 11 7.59 1.18 2.54
N VAL A 12 8.51 1.12 1.57
CA VAL A 12 9.92 0.72 1.76
C VAL A 12 10.87 1.67 1.03
N ALA A 13 12.11 1.78 1.53
CA ALA A 13 13.14 2.65 0.97
C ALA A 13 13.68 2.18 -0.40
N ASP A 14 13.53 0.89 -0.74
CA ASP A 14 14.06 0.28 -1.97
C ASP A 14 13.22 -0.93 -2.43
N LYS A 15 13.03 -1.05 -3.75
CA LYS A 15 12.24 -2.10 -4.42
C LYS A 15 12.69 -3.54 -4.10
N LYS A 16 13.96 -3.79 -3.73
CA LYS A 16 14.39 -5.15 -3.32
C LYS A 16 13.65 -5.66 -2.08
N THR A 17 13.19 -4.76 -1.19
CA THR A 17 12.35 -5.11 -0.03
C THR A 17 10.90 -5.37 -0.48
N ALA A 18 10.39 -4.58 -1.43
CA ALA A 18 9.06 -4.79 -2.03
C ALA A 18 8.97 -6.13 -2.78
N GLU A 19 10.02 -6.53 -3.50
CA GLU A 19 10.11 -7.83 -4.17
C GLU A 19 10.04 -9.03 -3.21
N GLU A 20 10.55 -8.90 -1.98
CA GLU A 20 10.41 -9.94 -0.95
C GLU A 20 8.97 -9.97 -0.40
N VAL A 21 8.34 -8.81 -0.18
CA VAL A 21 6.93 -8.73 0.24
C VAL A 21 5.99 -9.33 -0.82
N GLU A 22 6.27 -9.11 -2.11
CA GLU A 22 5.52 -9.73 -3.21
C GLU A 22 5.55 -11.27 -3.14
N LYS A 23 6.69 -11.86 -2.78
CA LYS A 23 6.81 -13.31 -2.55
C LYS A 23 6.10 -13.73 -1.26
N LYS A 24 6.25 -12.99 -0.16
CA LYS A 24 5.56 -13.25 1.12
C LYS A 24 4.03 -13.30 0.99
N LEU A 25 3.45 -12.36 0.23
CA LEU A 25 2.02 -12.33 -0.09
C LEU A 25 1.53 -13.57 -0.86
N LYS A 26 2.39 -14.15 -1.73
CA LYS A 26 2.12 -15.40 -2.47
C LYS A 26 2.32 -16.65 -1.61
N LYS A 27 3.34 -16.66 -0.73
CA LYS A 27 3.65 -17.77 0.20
C LYS A 27 2.53 -18.03 1.22
N GLY A 28 1.91 -16.97 1.74
CA GLY A 28 0.74 -17.08 2.64
C GLY A 28 0.57 -15.98 3.68
N GLU A 29 1.62 -15.22 4.00
CA GLU A 29 1.58 -14.16 5.03
C GLU A 29 0.57 -13.04 4.69
N LYS A 30 -0.22 -12.62 5.69
CA LYS A 30 -1.23 -11.54 5.55
C LYS A 30 -0.60 -10.19 5.21
N PHE A 31 -1.35 -9.36 4.47
CA PHE A 31 -0.97 -7.99 4.15
C PHE A 31 -0.77 -7.14 5.42
N GLU A 32 -1.66 -7.30 6.41
CA GLU A 32 -1.56 -6.61 7.71
C GLU A 32 -0.32 -7.02 8.52
N ASP A 33 0.04 -8.32 8.49
CA ASP A 33 1.23 -8.84 9.18
C ASP A 33 2.53 -8.38 8.50
N LEU A 34 2.55 -8.32 7.16
CA LEU A 34 3.68 -7.80 6.39
C LEU A 34 3.86 -6.30 6.56
N ALA A 35 2.80 -5.52 6.79
CA ALA A 35 2.92 -4.10 7.11
C ALA A 35 3.69 -3.90 8.43
N LYS A 36 3.47 -4.76 9.43
CA LYS A 36 4.20 -4.77 10.71
C LYS A 36 5.66 -5.27 10.60
N GLU A 37 5.99 -6.03 9.55
CA GLU A 37 7.31 -6.68 9.37
C GLU A 37 8.22 -6.02 8.32
N TYR A 38 7.67 -5.22 7.38
CA TYR A 38 8.41 -4.63 6.26
C TYR A 38 8.16 -3.14 6.00
N SER A 39 6.93 -2.64 6.22
CA SER A 39 6.62 -1.21 6.05
C SER A 39 7.42 -0.31 6.99
N THR A 40 7.60 0.94 6.55
CA THR A 40 8.32 2.01 7.28
C THR A 40 7.47 3.28 7.48
N ASP A 41 6.22 3.28 7.00
CA ASP A 41 5.25 4.37 7.24
C ASP A 41 4.72 4.35 8.69
N SER A 42 4.18 5.46 9.18
CA SER A 42 3.53 5.56 10.50
C SER A 42 2.40 4.54 10.74
N SER A 43 1.71 4.08 9.69
CA SER A 43 0.67 3.04 9.77
C SER A 43 1.20 1.59 9.76
N ALA A 44 2.51 1.35 9.74
CA ALA A 44 3.11 0.02 9.81
C ALA A 44 2.58 -0.80 11.00
N SER A 45 2.50 -0.18 12.19
CA SER A 45 1.97 -0.77 13.43
C SER A 45 0.43 -0.93 13.46
N LYS A 46 -0.27 -0.48 12.41
CA LYS A 46 -1.74 -0.44 12.30
C LYS A 46 -2.27 -1.35 11.17
N GLY A 47 -1.41 -2.22 10.61
CA GLY A 47 -1.73 -3.09 9.47
C GLY A 47 -1.65 -2.39 8.10
N GLY A 48 -1.09 -1.16 8.05
CA GLY A 48 -0.88 -0.39 6.82
C GLY A 48 -2.01 0.59 6.46
N ASP A 49 -3.13 0.58 7.18
CA ASP A 49 -4.33 1.40 6.90
C ASP A 49 -4.05 2.91 6.82
N LEU A 50 -4.55 3.55 5.77
CA LEU A 50 -4.41 4.98 5.49
C LEU A 50 -5.68 5.79 5.81
N GLY A 51 -6.80 5.13 6.14
CA GLY A 51 -8.09 5.78 6.32
C GLY A 51 -8.64 6.35 4.99
N TRP A 52 -9.74 7.10 5.06
CA TRP A 52 -10.37 7.64 3.85
C TRP A 52 -9.56 8.81 3.24
N PHE A 53 -9.34 8.78 1.93
CA PHE A 53 -8.61 9.80 1.16
C PHE A 53 -9.15 9.98 -0.27
N ALA A 54 -8.65 11.00 -0.98
CA ALA A 54 -8.98 11.31 -2.37
C ALA A 54 -7.73 11.69 -3.19
N LYS A 55 -7.77 11.44 -4.50
CA LYS A 55 -6.69 11.76 -5.47
C LYS A 55 -6.47 13.25 -5.72
N GLU A 56 -7.44 14.08 -5.36
CA GLU A 56 -7.46 15.54 -5.61
C GLU A 56 -6.39 16.32 -4.83
N GLY A 57 -5.81 15.73 -3.77
CA GLY A 57 -4.72 16.34 -2.99
C GLY A 57 -4.45 15.70 -1.62
N GLN A 58 -5.44 14.99 -1.06
CA GLN A 58 -5.34 14.28 0.23
C GLN A 58 -4.40 13.05 0.20
N MET A 59 -3.91 12.65 -0.97
CA MET A 59 -2.96 11.56 -1.19
C MET A 59 -1.97 11.87 -2.34
N ASP A 60 -0.81 11.23 -2.34
CA ASP A 60 0.27 11.41 -3.33
C ASP A 60 -0.20 11.22 -4.79
N GLU A 61 0.31 12.08 -5.69
CA GLU A 61 -0.08 12.16 -7.11
C GLU A 61 0.16 10.87 -7.93
N THR A 62 1.07 9.99 -7.51
CA THR A 62 1.38 8.72 -8.20
C THR A 62 0.75 7.52 -7.50
N PHE A 63 0.77 7.47 -6.17
CA PHE A 63 0.11 6.43 -5.38
C PHE A 63 -1.41 6.42 -5.58
N SER A 64 -2.05 7.60 -5.54
CA SER A 64 -3.52 7.73 -5.65
C SER A 64 -4.08 7.21 -6.97
N LYS A 65 -3.38 7.40 -8.11
CA LYS A 65 -3.80 6.84 -9.41
C LYS A 65 -3.94 5.32 -9.37
N ALA A 66 -3.01 4.63 -8.71
CA ALA A 66 -3.09 3.18 -8.49
C ALA A 66 -4.20 2.80 -7.49
N ALA A 67 -4.30 3.51 -6.35
CA ALA A 67 -5.36 3.27 -5.37
C ALA A 67 -6.79 3.40 -5.96
N PHE A 68 -7.01 4.33 -6.88
CA PHE A 68 -8.30 4.54 -7.53
C PHE A 68 -8.57 3.52 -8.66
N LYS A 69 -7.52 3.00 -9.32
CA LYS A 69 -7.62 1.94 -10.34
C LYS A 69 -8.00 0.58 -9.75
N LEU A 70 -7.53 0.28 -8.53
CA LEU A 70 -7.89 -0.93 -7.77
C LEU A 70 -9.38 -1.00 -7.40
N LYS A 71 -9.81 -2.20 -7.02
CA LYS A 71 -11.16 -2.53 -6.50
C LYS A 71 -11.03 -3.12 -5.10
N THR A 72 -12.02 -2.87 -4.24
CA THR A 72 -11.99 -3.27 -2.83
C THR A 72 -11.71 -4.77 -2.64
N GLY A 73 -10.59 -5.09 -1.99
CA GLY A 73 -10.07 -6.45 -1.77
C GLY A 73 -8.84 -6.81 -2.63
N GLU A 74 -8.60 -6.09 -3.72
CA GLU A 74 -7.51 -6.37 -4.68
C GLU A 74 -6.14 -5.89 -4.18
N VAL A 75 -5.12 -6.75 -4.27
CA VAL A 75 -3.71 -6.48 -3.96
C VAL A 75 -2.98 -5.92 -5.21
N SER A 76 -1.97 -5.08 -5.00
CA SER A 76 -1.24 -4.35 -6.04
C SER A 76 0.27 -4.54 -5.98
N ASP A 77 0.88 -4.70 -7.17
CA ASP A 77 2.32 -4.78 -7.39
C ASP A 77 3.03 -3.43 -7.10
N PRO A 78 4.38 -3.40 -6.92
CA PRO A 78 5.13 -2.20 -6.55
C PRO A 78 4.86 -0.92 -7.35
N VAL A 79 4.83 0.22 -6.65
CA VAL A 79 4.56 1.59 -7.16
C VAL A 79 5.58 2.57 -6.59
N LYS A 80 6.45 3.13 -7.43
CA LYS A 80 7.43 4.16 -7.03
C LYS A 80 6.76 5.53 -6.82
N THR A 81 7.25 6.30 -5.85
CA THR A 81 6.78 7.65 -5.49
C THR A 81 7.95 8.55 -5.05
N GLN A 82 7.65 9.79 -4.63
CA GLN A 82 8.63 10.72 -4.06
C GLN A 82 9.22 10.24 -2.70
N TYR A 83 8.57 9.26 -2.04
CA TYR A 83 8.95 8.78 -0.70
C TYR A 83 9.74 7.47 -0.73
N GLY A 84 9.49 6.60 -1.73
CA GLY A 84 10.15 5.30 -1.88
C GLY A 84 9.39 4.41 -2.87
N TYR A 85 9.18 3.15 -2.49
CA TYR A 85 8.38 2.18 -3.23
C TYR A 85 7.25 1.64 -2.34
N HIS A 86 6.04 1.56 -2.87
CA HIS A 86 4.84 1.15 -2.14
C HIS A 86 4.20 -0.10 -2.75
N ILE A 87 3.50 -0.85 -1.91
CA ILE A 87 2.66 -2.00 -2.24
C ILE A 87 1.31 -1.67 -1.59
N ILE A 88 0.20 -1.93 -2.28
CA ILE A 88 -1.13 -1.48 -1.84
C ILE A 88 -2.19 -2.59 -1.89
N LYS A 89 -3.24 -2.41 -1.10
CA LYS A 89 -4.47 -3.22 -1.09
C LYS A 89 -5.64 -2.31 -0.71
N LYS A 90 -6.61 -2.12 -1.62
CA LYS A 90 -7.80 -1.28 -1.39
C LYS A 90 -8.75 -1.96 -0.40
N THR A 91 -9.35 -1.22 0.54
CA THR A 91 -10.17 -1.78 1.64
C THR A 91 -11.63 -1.29 1.69
N GLU A 92 -11.94 -0.06 1.24
CA GLU A 92 -13.32 0.45 1.12
C GLU A 92 -13.48 1.45 -0.04
N GLU A 93 -14.72 1.57 -0.49
CA GLU A 93 -15.17 2.43 -1.61
C GLU A 93 -16.69 2.75 -1.57
N GLY A 3 -14.91 12.55 -4.50
CA GLY A 3 -15.15 11.81 -3.23
C GLY A 3 -13.85 11.33 -2.60
N LYS A 4 -13.92 10.23 -1.86
CA LYS A 4 -12.80 9.58 -1.14
C LYS A 4 -12.86 8.05 -1.23
N ILE A 5 -11.73 7.41 -0.97
CA ILE A 5 -11.54 5.94 -0.86
C ILE A 5 -10.62 5.64 0.32
N ARG A 6 -10.51 4.36 0.70
CA ARG A 6 -9.65 3.87 1.78
C ARG A 6 -8.76 2.73 1.28
N ALA A 7 -7.52 2.69 1.76
CA ALA A 7 -6.54 1.67 1.39
C ALA A 7 -5.54 1.39 2.52
N SER A 8 -4.81 0.28 2.37
CA SER A 8 -3.72 -0.15 3.24
C SER A 8 -2.44 -0.29 2.41
N HIS A 9 -1.27 -0.05 3.00
CA HIS A 9 0.00 -0.03 2.27
C HIS A 9 1.18 -0.74 2.98
N ILE A 10 2.24 -0.99 2.22
CA ILE A 10 3.52 -1.54 2.66
C ILE A 10 4.63 -0.73 1.97
N LEU A 11 5.09 0.34 2.64
CA LEU A 11 6.10 1.28 2.15
C LEU A 11 7.49 0.77 2.51
N VAL A 12 8.38 0.61 1.53
CA VAL A 12 9.74 0.09 1.69
C VAL A 12 10.79 0.98 1.03
N ALA A 13 12.02 0.97 1.56
CA ALA A 13 13.11 1.82 1.08
C ALA A 13 13.64 1.46 -0.32
N ASP A 14 13.50 0.19 -0.74
CA ASP A 14 13.98 -0.33 -2.02
C ASP A 14 13.14 -1.52 -2.51
N LYS A 15 12.98 -1.63 -3.84
CA LYS A 15 12.19 -2.68 -4.52
C LYS A 15 12.60 -4.12 -4.16
N LYS A 16 13.84 -4.37 -3.73
CA LYS A 16 14.29 -5.70 -3.26
C LYS A 16 13.42 -6.23 -2.10
N THR A 17 12.94 -5.33 -1.22
CA THR A 17 12.00 -5.66 -0.14
C THR A 17 10.58 -5.86 -0.69
N ALA A 18 10.16 -5.04 -1.66
CA ALA A 18 8.85 -5.16 -2.31
C ALA A 18 8.68 -6.50 -3.05
N GLU A 19 9.71 -6.96 -3.79
CA GLU A 19 9.72 -8.26 -4.46
C GLU A 19 9.59 -9.43 -3.47
N GLU A 20 10.21 -9.34 -2.29
CA GLU A 20 10.06 -10.33 -1.22
C GLU A 20 8.63 -10.34 -0.67
N VAL A 21 8.02 -9.17 -0.44
CA VAL A 21 6.61 -9.05 -0.01
C VAL A 21 5.65 -9.61 -1.06
N GLU A 22 5.89 -9.37 -2.36
CA GLU A 22 5.09 -9.98 -3.44
C GLU A 22 5.15 -11.51 -3.37
N LYS A 23 6.34 -12.09 -3.08
CA LYS A 23 6.48 -13.54 -2.86
C LYS A 23 5.76 -13.99 -1.59
N LYS A 24 5.82 -13.24 -0.47
CA LYS A 24 5.06 -13.55 0.75
C LYS A 24 3.54 -13.59 0.50
N LEU A 25 3.02 -12.65 -0.28
CA LEU A 25 1.62 -12.60 -0.71
C LEU A 25 1.24 -13.81 -1.59
N LYS A 26 2.14 -14.28 -2.46
CA LYS A 26 1.96 -15.50 -3.29
C LYS A 26 2.00 -16.79 -2.45
N LYS A 27 2.84 -16.87 -1.42
CA LYS A 27 2.89 -18.00 -0.46
C LYS A 27 1.60 -18.09 0.39
N GLY A 28 0.94 -16.96 0.64
CA GLY A 28 -0.36 -16.88 1.33
C GLY A 28 -0.40 -16.02 2.60
N GLU A 29 0.65 -15.27 2.91
CA GLU A 29 0.69 -14.42 4.12
C GLU A 29 -0.28 -13.22 4.03
N LYS A 30 -0.83 -12.81 5.17
CA LYS A 30 -1.83 -11.73 5.28
C LYS A 30 -1.21 -10.36 5.04
N PHE A 31 -1.84 -9.52 4.21
CA PHE A 31 -1.36 -8.16 3.89
C PHE A 31 -1.16 -7.30 5.16
N GLU A 32 -2.08 -7.38 6.12
CA GLU A 32 -1.99 -6.63 7.39
C GLU A 32 -0.82 -7.07 8.27
N ASP A 33 -0.45 -8.36 8.24
CA ASP A 33 0.72 -8.88 8.96
C ASP A 33 2.03 -8.49 8.25
N LEU A 34 2.05 -8.53 6.91
CA LEU A 34 3.19 -8.08 6.11
C LEU A 34 3.44 -6.56 6.27
N ALA A 35 2.39 -5.76 6.50
CA ALA A 35 2.57 -4.33 6.81
C ALA A 35 3.37 -4.14 8.12
N LYS A 36 3.09 -4.93 9.17
CA LYS A 36 3.87 -4.90 10.43
C LYS A 36 5.32 -5.38 10.24
N GLU A 37 5.51 -6.41 9.41
CA GLU A 37 6.83 -7.06 9.20
C GLU A 37 7.76 -6.37 8.19
N TYR A 38 7.24 -5.56 7.26
CA TYR A 38 8.03 -4.97 6.16
C TYR A 38 7.85 -3.46 5.94
N SER A 39 6.67 -2.89 6.20
CA SER A 39 6.42 -1.44 6.04
C SER A 39 7.26 -0.61 7.02
N THR A 40 7.81 0.52 6.57
CA THR A 40 8.60 1.46 7.38
C THR A 40 7.79 2.68 7.87
N ASP A 41 6.57 2.88 7.35
CA ASP A 41 5.67 3.95 7.79
C ASP A 41 5.05 3.66 9.18
N SER A 42 4.70 4.71 9.94
CA SER A 42 4.00 4.59 11.23
C SER A 42 2.67 3.81 11.15
N SER A 43 2.01 3.81 9.98
CA SER A 43 0.79 3.05 9.68
C SER A 43 0.95 1.52 9.76
N ALA A 44 2.18 0.99 9.84
CA ALA A 44 2.45 -0.43 10.05
C ALA A 44 1.71 -1.00 11.28
N SER A 45 1.68 -0.24 12.39
CA SER A 45 0.97 -0.58 13.63
C SER A 45 -0.56 -0.65 13.50
N LYS A 46 -1.13 -0.16 12.38
CA LYS A 46 -2.56 -0.19 12.05
C LYS A 46 -2.90 -1.28 11.01
N GLY A 47 -1.95 -2.18 10.72
CA GLY A 47 -2.08 -3.18 9.65
C GLY A 47 -1.90 -2.57 8.25
N GLY A 48 -1.25 -1.41 8.15
CA GLY A 48 -1.02 -0.66 6.92
C GLY A 48 -2.13 0.34 6.57
N ASP A 49 -3.28 0.32 7.25
CA ASP A 49 -4.44 1.18 6.98
C ASP A 49 -4.11 2.68 7.05
N LEU A 50 -4.27 3.39 5.93
CA LEU A 50 -4.10 4.84 5.81
C LEU A 50 -5.38 5.63 6.11
N GLY A 51 -6.53 4.96 6.28
CA GLY A 51 -7.83 5.62 6.43
C GLY A 51 -8.32 6.27 5.13
N TRP A 52 -9.41 7.03 5.20
CA TRP A 52 -10.00 7.69 4.04
C TRP A 52 -9.15 8.86 3.54
N PHE A 53 -8.97 8.95 2.22
CA PHE A 53 -8.22 10.02 1.54
C PHE A 53 -8.73 10.32 0.12
N ALA A 54 -8.19 11.39 -0.49
CA ALA A 54 -8.47 11.81 -1.86
C ALA A 54 -7.19 12.14 -2.64
N LYS A 55 -7.17 11.79 -3.94
CA LYS A 55 -6.03 12.00 -4.84
C LYS A 55 -5.73 13.47 -5.17
N GLU A 56 -6.70 14.35 -4.91
CA GLU A 56 -6.67 15.79 -5.24
C GLU A 56 -5.59 16.60 -4.46
N GLY A 57 -5.09 16.06 -3.34
CA GLY A 57 -4.03 16.70 -2.54
C GLY A 57 -3.86 16.13 -1.12
N GLN A 58 -4.89 15.48 -0.57
CA GLN A 58 -4.87 14.80 0.74
C GLN A 58 -3.95 13.57 0.78
N MET A 59 -3.49 13.08 -0.38
CA MET A 59 -2.52 12.00 -0.56
C MET A 59 -1.61 12.27 -1.77
N ASP A 60 -0.40 11.68 -1.78
CA ASP A 60 0.55 11.76 -2.90
C ASP A 60 -0.08 11.30 -4.24
N GLU A 61 0.11 12.08 -5.31
CA GLU A 61 -0.49 11.85 -6.64
C GLU A 61 -0.12 10.46 -7.21
N THR A 62 1.18 10.13 -7.25
CA THR A 62 1.69 8.88 -7.84
C THR A 62 1.19 7.64 -7.09
N PHE A 63 1.12 7.71 -5.77
CA PHE A 63 0.54 6.65 -4.93
C PHE A 63 -0.98 6.52 -5.08
N SER A 64 -1.71 7.64 -4.93
CA SER A 64 -3.18 7.68 -4.92
C SER A 64 -3.81 7.33 -6.28
N LYS A 65 -3.24 7.74 -7.42
CA LYS A 65 -3.81 7.41 -8.74
C LYS A 65 -3.98 5.90 -8.95
N ALA A 66 -3.01 5.11 -8.48
CA ALA A 66 -3.06 3.66 -8.49
C ALA A 66 -4.09 3.11 -7.51
N ALA A 67 -4.10 3.60 -6.25
CA ALA A 67 -5.08 3.22 -5.23
C ALA A 67 -6.54 3.47 -5.67
N PHE A 68 -6.79 4.54 -6.42
CA PHE A 68 -8.13 4.87 -6.95
C PHE A 68 -8.53 4.01 -8.16
N LYS A 69 -7.59 3.70 -9.06
CA LYS A 69 -7.85 2.97 -10.32
C LYS A 69 -8.31 1.52 -10.12
N LEU A 70 -7.69 0.79 -9.19
CA LEU A 70 -8.03 -0.61 -8.89
C LEU A 70 -9.26 -0.72 -7.95
N LYS A 71 -9.93 -1.89 -7.97
CA LYS A 71 -11.19 -2.13 -7.22
C LYS A 71 -10.95 -2.64 -5.79
N THR A 72 -11.94 -2.46 -4.91
CA THR A 72 -11.85 -2.86 -3.49
C THR A 72 -11.54 -4.35 -3.35
N GLY A 73 -10.43 -4.68 -2.67
CA GLY A 73 -9.94 -6.04 -2.45
C GLY A 73 -8.72 -6.41 -3.32
N GLU A 74 -8.49 -5.73 -4.44
CA GLU A 74 -7.31 -5.94 -5.28
C GLU A 74 -6.01 -5.38 -4.66
N VAL A 75 -4.89 -5.88 -5.15
CA VAL A 75 -3.54 -5.58 -4.65
C VAL A 75 -2.71 -4.95 -5.78
N SER A 76 -2.21 -3.75 -5.51
CA SER A 76 -1.38 -2.94 -6.39
C SER A 76 0.07 -3.45 -6.46
N ASP A 77 0.69 -3.34 -7.64
CA ASP A 77 2.13 -3.62 -7.81
C ASP A 77 3.00 -2.53 -7.14
N PRO A 78 4.29 -2.76 -6.86
CA PRO A 78 5.19 -1.80 -6.21
C PRO A 78 5.26 -0.43 -6.90
N VAL A 79 4.59 0.57 -6.34
CA VAL A 79 4.53 1.95 -6.88
C VAL A 79 5.76 2.74 -6.43
N LYS A 80 6.66 3.07 -7.36
CA LYS A 80 7.84 3.92 -7.09
C LYS A 80 7.42 5.36 -6.77
N THR A 81 8.10 5.99 -5.80
CA THR A 81 7.90 7.38 -5.35
C THR A 81 9.23 8.05 -4.98
N GLN A 82 9.19 9.32 -4.57
CA GLN A 82 10.37 10.03 -4.05
C GLN A 82 10.84 9.49 -2.68
N TYR A 83 10.01 8.71 -1.99
CA TYR A 83 10.28 8.12 -0.68
C TYR A 83 10.87 6.70 -0.77
N GLY A 84 10.48 5.94 -1.79
CA GLY A 84 10.92 4.55 -2.01
C GLY A 84 9.98 3.81 -2.96
N TYR A 85 9.45 2.67 -2.51
CA TYR A 85 8.45 1.86 -3.22
C TYR A 85 7.27 1.56 -2.29
N HIS A 86 6.05 1.59 -2.83
CA HIS A 86 4.81 1.46 -2.06
C HIS A 86 3.89 0.39 -2.65
N ILE A 87 3.75 -0.75 -1.95
CA ILE A 87 2.75 -1.76 -2.28
C ILE A 87 1.44 -1.31 -1.61
N ILE A 88 0.30 -1.54 -2.26
CA ILE A 88 -1.01 -1.02 -1.80
C ILE A 88 -2.13 -2.05 -2.00
N LYS A 89 -3.22 -1.90 -1.26
CA LYS A 89 -4.45 -2.66 -1.39
C LYS A 89 -5.64 -1.78 -1.01
N LYS A 90 -6.60 -1.58 -1.92
CA LYS A 90 -7.84 -0.82 -1.65
C LYS A 90 -8.75 -1.62 -0.71
N THR A 91 -9.31 -0.98 0.31
CA THR A 91 -10.11 -1.65 1.38
C THR A 91 -11.50 -1.06 1.61
N GLU A 92 -11.83 0.14 1.11
CA GLU A 92 -13.18 0.71 1.20
C GLU A 92 -13.43 1.82 0.16
N GLU A 93 -14.70 2.04 -0.20
CA GLU A 93 -15.19 3.11 -1.08
C GLU A 93 -16.66 3.53 -0.80
N GLY A 3 -15.70 10.11 -5.23
CA GLY A 3 -14.95 11.01 -4.33
C GLY A 3 -13.75 10.29 -3.72
N LYS A 4 -13.61 10.33 -2.39
CA LYS A 4 -12.55 9.63 -1.63
C LYS A 4 -12.63 8.11 -1.72
N ILE A 5 -11.52 7.45 -1.35
CA ILE A 5 -11.34 5.99 -1.23
C ILE A 5 -10.57 5.69 0.06
N ARG A 6 -10.52 4.42 0.47
CA ARG A 6 -9.73 3.93 1.62
C ARG A 6 -8.82 2.79 1.18
N ALA A 7 -7.61 2.72 1.74
CA ALA A 7 -6.63 1.69 1.44
C ALA A 7 -5.63 1.46 2.59
N SER A 8 -4.90 0.35 2.48
CA SER A 8 -3.80 -0.05 3.36
C SER A 8 -2.51 -0.19 2.55
N HIS A 9 -1.35 0.03 3.15
CA HIS A 9 -0.07 0.04 2.45
C HIS A 9 1.12 -0.62 3.18
N ILE A 10 2.22 -0.83 2.45
CA ILE A 10 3.51 -1.32 2.92
C ILE A 10 4.58 -0.46 2.22
N LEU A 11 5.22 0.45 2.96
CA LEU A 11 6.19 1.42 2.44
C LEU A 11 7.62 0.97 2.79
N VAL A 12 8.47 0.79 1.78
CA VAL A 12 9.84 0.26 1.91
C VAL A 12 10.89 1.18 1.29
N ALA A 13 12.13 1.10 1.80
CA ALA A 13 13.25 1.93 1.33
C ALA A 13 13.77 1.53 -0.07
N ASP A 14 13.58 0.28 -0.48
CA ASP A 14 14.11 -0.27 -1.75
C ASP A 14 13.24 -1.41 -2.30
N LYS A 15 13.09 -1.47 -3.63
CA LYS A 15 12.29 -2.45 -4.39
C LYS A 15 12.65 -3.91 -4.11
N LYS A 16 13.86 -4.25 -3.68
CA LYS A 16 14.21 -5.65 -3.28
C LYS A 16 13.39 -6.12 -2.06
N THR A 17 12.93 -5.19 -1.21
CA THR A 17 12.02 -5.50 -0.08
C THR A 17 10.58 -5.71 -0.60
N ALA A 18 10.15 -4.87 -1.55
CA ALA A 18 8.84 -4.99 -2.22
C ALA A 18 8.71 -6.33 -2.98
N GLU A 19 9.76 -6.74 -3.71
CA GLU A 19 9.80 -8.02 -4.43
C GLU A 19 9.66 -9.25 -3.50
N GLU A 20 10.16 -9.16 -2.25
CA GLU A 20 9.96 -10.22 -1.25
C GLU A 20 8.50 -10.24 -0.75
N VAL A 21 7.92 -9.06 -0.44
CA VAL A 21 6.51 -8.93 -0.02
C VAL A 21 5.56 -9.48 -1.09
N GLU A 22 5.82 -9.23 -2.37
CA GLU A 22 5.04 -9.81 -3.48
C GLU A 22 5.02 -11.34 -3.47
N LYS A 23 6.09 -11.98 -2.96
CA LYS A 23 6.16 -13.44 -2.78
C LYS A 23 5.51 -13.89 -1.47
N LYS A 24 5.65 -13.13 -0.37
CA LYS A 24 4.98 -13.43 0.91
C LYS A 24 3.45 -13.51 0.76
N LEU A 25 2.87 -12.60 -0.02
CA LEU A 25 1.44 -12.59 -0.37
C LEU A 25 1.01 -13.84 -1.17
N LYS A 26 1.87 -14.39 -2.03
CA LYS A 26 1.65 -15.64 -2.78
C LYS A 26 1.81 -16.89 -1.91
N LYS A 27 2.76 -16.89 -0.96
CA LYS A 27 2.95 -17.98 0.02
C LYS A 27 1.76 -18.12 0.98
N GLY A 28 1.03 -17.03 1.23
CA GLY A 28 -0.22 -17.02 2.02
C GLY A 28 -0.26 -16.03 3.19
N GLU A 29 0.79 -15.22 3.40
CA GLU A 29 0.83 -14.26 4.52
C GLU A 29 -0.18 -13.12 4.36
N LYS A 30 -0.72 -12.65 5.50
CA LYS A 30 -1.76 -11.59 5.55
C LYS A 30 -1.13 -10.21 5.29
N PHE A 31 -1.78 -9.37 4.48
CA PHE A 31 -1.31 -8.02 4.14
C PHE A 31 -1.09 -7.15 5.40
N GLU A 32 -1.98 -7.25 6.39
CA GLU A 32 -1.87 -6.52 7.67
C GLU A 32 -0.69 -6.99 8.53
N ASP A 33 -0.38 -8.28 8.54
CA ASP A 33 0.79 -8.84 9.22
C ASP A 33 2.10 -8.46 8.52
N LEU A 34 2.10 -8.41 7.18
CA LEU A 34 3.24 -7.95 6.38
C LEU A 34 3.51 -6.45 6.59
N ALA A 35 2.47 -5.62 6.74
CA ALA A 35 2.65 -4.21 7.08
C ALA A 35 3.40 -4.03 8.42
N LYS A 36 3.09 -4.87 9.42
CA LYS A 36 3.77 -4.94 10.74
C LYS A 36 5.17 -5.57 10.71
N GLU A 37 5.67 -6.03 9.55
CA GLU A 37 6.95 -6.74 9.42
C GLU A 37 7.90 -6.15 8.34
N TYR A 38 7.36 -5.46 7.32
CA TYR A 38 8.12 -4.93 6.18
C TYR A 38 7.96 -3.41 5.97
N SER A 39 6.81 -2.82 6.31
CA SER A 39 6.59 -1.37 6.21
C SER A 39 7.50 -0.57 7.15
N THR A 40 7.71 0.71 6.80
CA THR A 40 8.51 1.68 7.54
C THR A 40 7.71 2.93 7.95
N ASP A 41 6.44 3.01 7.54
CA ASP A 41 5.51 4.08 7.94
C ASP A 41 4.84 3.78 9.30
N SER A 42 4.52 4.82 10.08
CA SER A 42 3.81 4.71 11.36
C SER A 42 2.45 4.01 11.28
N SER A 43 1.81 3.97 10.11
CA SER A 43 0.53 3.28 9.85
C SER A 43 0.58 1.75 9.96
N ALA A 44 1.77 1.15 10.06
CA ALA A 44 1.97 -0.28 10.25
C ALA A 44 1.18 -0.88 11.43
N SER A 45 1.09 -0.15 12.56
CA SER A 45 0.34 -0.57 13.75
C SER A 45 -1.16 -0.79 13.53
N LYS A 46 -1.74 -0.13 12.52
CA LYS A 46 -3.14 -0.26 12.06
C LYS A 46 -3.32 -1.32 10.96
N GLY A 47 -2.29 -2.13 10.69
CA GLY A 47 -2.26 -3.09 9.59
C GLY A 47 -1.98 -2.42 8.23
N GLY A 48 -1.45 -1.19 8.24
CA GLY A 48 -1.14 -0.39 7.06
C GLY A 48 -2.23 0.60 6.66
N ASP A 49 -3.41 0.59 7.31
CA ASP A 49 -4.56 1.46 6.98
C ASP A 49 -4.22 2.96 7.03
N LEU A 50 -4.48 3.66 5.93
CA LEU A 50 -4.26 5.10 5.77
C LEU A 50 -5.52 5.95 6.00
N GLY A 51 -6.68 5.33 6.22
CA GLY A 51 -7.97 6.01 6.31
C GLY A 51 -8.43 6.56 4.95
N TRP A 52 -9.53 7.33 4.94
CA TRP A 52 -10.06 7.91 3.70
C TRP A 52 -9.17 9.05 3.15
N PHE A 53 -8.94 9.04 1.83
CA PHE A 53 -8.18 10.08 1.11
C PHE A 53 -8.64 10.21 -0.35
N ALA A 54 -8.14 11.24 -1.04
CA ALA A 54 -8.34 11.50 -2.47
C ALA A 54 -7.03 11.91 -3.16
N LYS A 55 -6.91 11.56 -4.46
CA LYS A 55 -5.72 11.83 -5.29
C LYS A 55 -5.39 13.30 -5.54
N GLU A 56 -6.38 14.18 -5.32
CA GLU A 56 -6.30 15.63 -5.57
C GLU A 56 -5.41 16.42 -4.59
N GLY A 57 -5.00 15.83 -3.47
CA GLY A 57 -4.07 16.47 -2.53
C GLY A 57 -3.98 15.88 -1.11
N GLN A 58 -4.94 15.06 -0.68
CA GLN A 58 -4.96 14.47 0.66
C GLN A 58 -3.90 13.36 0.87
N MET A 59 -3.28 12.90 -0.22
CA MET A 59 -2.29 11.81 -0.27
C MET A 59 -1.32 12.02 -1.46
N ASP A 60 -0.15 11.37 -1.44
CA ASP A 60 0.83 11.39 -2.54
C ASP A 60 0.18 11.02 -3.89
N GLU A 61 0.36 11.85 -4.92
CA GLU A 61 -0.31 11.68 -6.22
C GLU A 61 0.01 10.33 -6.88
N THR A 62 1.30 9.98 -7.03
CA THR A 62 1.73 8.75 -7.73
C THR A 62 1.20 7.49 -7.02
N PHE A 63 1.26 7.45 -5.69
CA PHE A 63 0.67 6.40 -4.88
C PHE A 63 -0.86 6.32 -5.07
N SER A 64 -1.53 7.48 -5.03
CA SER A 64 -2.99 7.57 -5.19
C SER A 64 -3.46 7.12 -6.57
N LYS A 65 -2.78 7.53 -7.65
CA LYS A 65 -3.12 7.11 -9.03
C LYS A 65 -3.17 5.58 -9.17
N ALA A 66 -2.26 4.86 -8.51
CA ALA A 66 -2.29 3.39 -8.48
C ALA A 66 -3.48 2.86 -7.66
N ALA A 67 -3.72 3.38 -6.45
CA ALA A 67 -4.85 3.01 -5.60
C ALA A 67 -6.23 3.26 -6.26
N PHE A 68 -6.36 4.32 -7.06
CA PHE A 68 -7.61 4.68 -7.74
C PHE A 68 -7.92 3.82 -8.98
N LYS A 69 -6.89 3.29 -9.66
CA LYS A 69 -7.03 2.47 -10.89
C LYS A 69 -7.41 1.00 -10.67
N LEU A 70 -7.61 0.57 -9.40
CA LEU A 70 -7.96 -0.80 -9.01
C LEU A 70 -9.16 -0.84 -8.04
N LYS A 71 -9.73 -2.05 -7.84
CA LYS A 71 -10.96 -2.29 -7.06
C LYS A 71 -10.71 -2.66 -5.59
N THR A 72 -11.68 -2.38 -4.73
CA THR A 72 -11.65 -2.75 -3.31
C THR A 72 -11.48 -4.26 -3.13
N GLY A 73 -10.49 -4.65 -2.31
CA GLY A 73 -10.12 -6.04 -2.04
C GLY A 73 -8.91 -6.52 -2.85
N GLU A 74 -8.54 -5.84 -3.93
CA GLU A 74 -7.41 -6.20 -4.81
C GLU A 74 -6.09 -5.54 -4.36
N VAL A 75 -4.98 -6.28 -4.49
CA VAL A 75 -3.62 -5.78 -4.21
C VAL A 75 -3.02 -5.05 -5.42
N SER A 76 -2.08 -4.15 -5.14
CA SER A 76 -1.38 -3.32 -6.13
C SER A 76 0.08 -3.75 -6.28
N ASP A 77 0.59 -3.74 -7.51
CA ASP A 77 2.01 -3.97 -7.80
C ASP A 77 2.88 -2.79 -7.28
N PRO A 78 4.19 -2.98 -7.06
CA PRO A 78 5.08 -1.96 -6.50
C PRO A 78 5.03 -0.60 -7.22
N VAL A 79 5.09 0.49 -6.44
CA VAL A 79 4.94 1.88 -6.91
C VAL A 79 6.10 2.73 -6.37
N LYS A 80 6.93 3.27 -7.26
CA LYS A 80 8.02 4.21 -6.89
C LYS A 80 7.45 5.60 -6.60
N THR A 81 7.99 6.29 -5.59
CA THR A 81 7.51 7.60 -5.10
C THR A 81 8.66 8.50 -4.62
N GLN A 82 8.30 9.70 -4.16
CA GLN A 82 9.25 10.65 -3.53
C GLN A 82 9.85 10.15 -2.19
N TYR A 83 9.31 9.07 -1.61
CA TYR A 83 9.74 8.50 -0.32
C TYR A 83 10.54 7.19 -0.44
N GLY A 84 10.30 6.41 -1.51
CA GLY A 84 10.92 5.11 -1.75
C GLY A 84 10.09 4.27 -2.71
N TYR A 85 9.64 3.11 -2.24
CA TYR A 85 8.74 2.21 -2.96
C TYR A 85 7.56 1.79 -2.04
N HIS A 86 6.38 1.60 -2.63
CA HIS A 86 5.13 1.31 -1.92
C HIS A 86 4.41 0.12 -2.54
N ILE A 87 3.65 -0.60 -1.71
CA ILE A 87 2.73 -1.67 -2.06
C ILE A 87 1.41 -1.29 -1.41
N ILE A 88 0.29 -1.54 -2.09
CA ILE A 88 -1.04 -1.07 -1.65
C ILE A 88 -2.10 -2.16 -1.79
N LYS A 89 -3.20 -2.00 -1.04
CA LYS A 89 -4.41 -2.83 -1.14
C LYS A 89 -5.61 -1.95 -0.75
N LYS A 90 -6.50 -1.69 -1.72
CA LYS A 90 -7.70 -0.85 -1.51
C LYS A 90 -8.71 -1.57 -0.59
N THR A 91 -9.32 -0.84 0.34
CA THR A 91 -10.21 -1.40 1.38
C THR A 91 -11.64 -0.83 1.40
N GLU A 92 -11.90 0.32 0.77
CA GLU A 92 -13.25 0.88 0.62
C GLU A 92 -13.34 1.93 -0.51
N GLU A 93 -14.54 2.10 -1.08
CA GLU A 93 -14.85 3.02 -2.20
C GLU A 93 -16.34 3.44 -2.24
N GLY A 3 -15.40 12.84 -3.83
CA GLY A 3 -15.34 11.37 -3.61
C GLY A 3 -14.05 10.95 -2.92
N LYS A 4 -14.10 9.83 -2.19
CA LYS A 4 -12.98 9.23 -1.43
C LYS A 4 -12.98 7.70 -1.54
N ILE A 5 -11.84 7.10 -1.16
CA ILE A 5 -11.60 5.65 -1.04
C ILE A 5 -10.77 5.38 0.23
N ARG A 6 -10.64 4.11 0.62
CA ARG A 6 -9.79 3.65 1.73
C ARG A 6 -8.93 2.46 1.29
N ALA A 7 -7.69 2.43 1.76
CA ALA A 7 -6.74 1.37 1.44
C ALA A 7 -5.68 1.19 2.53
N SER A 8 -4.95 0.08 2.45
CA SER A 8 -3.80 -0.26 3.29
C SER A 8 -2.55 -0.31 2.41
N HIS A 9 -1.38 0.03 2.97
CA HIS A 9 -0.13 0.11 2.20
C HIS A 9 1.09 -0.49 2.92
N ILE A 10 2.17 -0.66 2.15
CA ILE A 10 3.50 -1.11 2.59
C ILE A 10 4.53 -0.23 1.89
N LEU A 11 5.19 0.66 2.64
CA LEU A 11 6.15 1.67 2.14
C LEU A 11 7.57 1.23 2.47
N VAL A 12 8.41 1.04 1.45
CA VAL A 12 9.78 0.50 1.57
C VAL A 12 10.84 1.40 0.91
N ALA A 13 12.07 1.33 1.41
CA ALA A 13 13.20 2.15 0.91
C ALA A 13 13.73 1.69 -0.47
N ASP A 14 13.44 0.45 -0.89
CA ASP A 14 13.92 -0.14 -2.15
C ASP A 14 12.96 -1.21 -2.70
N LYS A 15 12.98 -1.40 -4.02
CA LYS A 15 12.15 -2.38 -4.73
C LYS A 15 12.53 -3.84 -4.41
N LYS A 16 13.76 -4.14 -4.01
CA LYS A 16 14.14 -5.51 -3.58
C LYS A 16 13.35 -5.96 -2.34
N THR A 17 12.99 -5.02 -1.47
CA THR A 17 12.10 -5.27 -0.32
C THR A 17 10.66 -5.49 -0.80
N ALA A 18 10.21 -4.73 -1.81
CA ALA A 18 8.89 -4.93 -2.43
C ALA A 18 8.77 -6.32 -3.12
N GLU A 19 9.80 -6.75 -3.86
CA GLU A 19 9.84 -8.09 -4.48
C GLU A 19 9.79 -9.21 -3.44
N GLU A 20 10.40 -9.02 -2.26
CA GLU A 20 10.30 -9.98 -1.16
C GLU A 20 8.85 -10.09 -0.65
N VAL A 21 8.19 -8.95 -0.42
CA VAL A 21 6.79 -8.88 0.00
C VAL A 21 5.84 -9.51 -1.03
N GLU A 22 6.08 -9.34 -2.34
CA GLU A 22 5.30 -10.01 -3.38
C GLU A 22 5.35 -11.54 -3.26
N LYS A 23 6.53 -12.12 -2.97
CA LYS A 23 6.66 -13.56 -2.70
C LYS A 23 5.95 -13.96 -1.40
N LYS A 24 6.11 -13.18 -0.32
CA LYS A 24 5.41 -13.40 0.96
C LYS A 24 3.89 -13.46 0.81
N LEU A 25 3.31 -12.54 0.04
CA LEU A 25 1.87 -12.49 -0.27
C LEU A 25 1.36 -13.75 -0.99
N LYS A 26 2.16 -14.30 -1.94
CA LYS A 26 1.84 -15.55 -2.65
C LYS A 26 2.06 -16.81 -1.78
N LYS A 27 3.09 -16.82 -0.94
CA LYS A 27 3.43 -17.95 -0.04
C LYS A 27 2.39 -18.18 1.08
N GLY A 28 1.76 -17.13 1.60
CA GLY A 28 0.65 -17.24 2.56
C GLY A 28 0.50 -16.10 3.57
N GLU A 29 1.57 -15.34 3.85
CA GLU A 29 1.56 -14.25 4.84
C GLU A 29 0.59 -13.11 4.46
N LYS A 30 -0.21 -12.65 5.42
CA LYS A 30 -1.27 -11.64 5.23
C LYS A 30 -0.69 -10.24 4.99
N PHE A 31 -1.38 -9.41 4.21
CA PHE A 31 -0.96 -8.04 3.90
C PHE A 31 -0.76 -7.18 5.16
N GLU A 32 -1.65 -7.30 6.15
CA GLU A 32 -1.57 -6.58 7.43
C GLU A 32 -0.37 -7.02 8.28
N ASP A 33 -0.09 -8.32 8.32
CA ASP A 33 1.07 -8.88 9.02
C ASP A 33 2.40 -8.47 8.37
N LEU A 34 2.43 -8.38 7.03
CA LEU A 34 3.58 -7.89 6.27
C LEU A 34 3.77 -6.37 6.43
N ALA A 35 2.69 -5.59 6.51
CA ALA A 35 2.79 -4.15 6.81
C ALA A 35 3.47 -3.91 8.17
N LYS A 36 3.19 -4.75 9.16
CA LYS A 36 3.83 -4.75 10.49
C LYS A 36 5.29 -5.25 10.51
N GLU A 37 5.84 -5.72 9.39
CA GLU A 37 7.18 -6.33 9.30
C GLU A 37 8.10 -5.73 8.20
N TYR A 38 7.54 -5.10 7.17
CA TYR A 38 8.27 -4.58 6.00
C TYR A 38 8.04 -3.09 5.72
N SER A 39 6.84 -2.56 6.03
CA SER A 39 6.55 -1.12 5.91
C SER A 39 7.40 -0.28 6.86
N THR A 40 7.61 0.98 6.47
CA THR A 40 8.40 1.99 7.21
C THR A 40 7.58 3.22 7.60
N ASP A 41 6.31 3.29 7.18
CA ASP A 41 5.36 4.35 7.57
C ASP A 41 4.71 4.04 8.94
N SER A 42 4.34 5.07 9.70
CA SER A 42 3.63 4.93 10.99
C SER A 42 2.32 4.13 10.92
N SER A 43 1.68 4.06 9.74
CA SER A 43 0.49 3.26 9.46
C SER A 43 0.69 1.74 9.61
N ALA A 44 1.94 1.26 9.69
CA ALA A 44 2.27 -0.15 9.95
C ALA A 44 1.55 -0.73 11.19
N SER A 45 1.45 0.07 12.27
CA SER A 45 0.75 -0.32 13.52
C SER A 45 -0.74 -0.62 13.33
N LYS A 46 -1.37 -0.01 12.31
CA LYS A 46 -2.78 -0.23 11.92
C LYS A 46 -2.94 -1.33 10.85
N GLY A 47 -1.89 -2.12 10.59
CA GLY A 47 -1.85 -3.13 9.51
C GLY A 47 -1.71 -2.49 8.12
N GLY A 48 -1.20 -1.26 8.05
CA GLY A 48 -1.01 -0.48 6.82
C GLY A 48 -2.17 0.47 6.49
N ASP A 49 -3.32 0.37 7.17
CA ASP A 49 -4.54 1.17 6.91
C ASP A 49 -4.27 2.69 6.99
N LEU A 50 -4.48 3.37 5.86
CA LEU A 50 -4.35 4.83 5.71
C LEU A 50 -5.64 5.59 6.05
N GLY A 51 -6.77 4.91 6.25
CA GLY A 51 -8.08 5.54 6.41
C GLY A 51 -8.59 6.13 5.09
N TRP A 52 -9.70 6.86 5.12
CA TRP A 52 -10.27 7.47 3.91
C TRP A 52 -9.42 8.63 3.38
N PHE A 53 -9.22 8.70 2.06
CA PHE A 53 -8.46 9.74 1.37
C PHE A 53 -8.96 9.99 -0.07
N ALA A 54 -8.44 11.05 -0.70
CA ALA A 54 -8.72 11.45 -2.08
C ALA A 54 -7.42 11.81 -2.84
N LYS A 55 -7.38 11.48 -4.14
CA LYS A 55 -6.27 11.80 -5.07
C LYS A 55 -6.06 13.30 -5.30
N GLU A 56 -7.05 14.12 -4.95
CA GLU A 56 -7.03 15.59 -5.04
C GLU A 56 -5.87 16.26 -4.26
N GLY A 57 -5.38 15.62 -3.18
CA GLY A 57 -4.22 16.13 -2.44
C GLY A 57 -3.93 15.51 -1.06
N GLN A 58 -4.78 14.62 -0.53
CA GLN A 58 -4.60 14.00 0.79
C GLN A 58 -3.40 13.02 0.86
N MET A 59 -2.94 12.52 -0.29
CA MET A 59 -1.84 11.56 -0.44
C MET A 59 -0.91 11.95 -1.60
N ASP A 60 0.24 11.28 -1.72
CA ASP A 60 1.17 11.43 -2.85
C ASP A 60 0.46 11.19 -4.19
N GLU A 61 0.77 11.99 -5.22
CA GLU A 61 0.08 11.94 -6.51
C GLU A 61 0.24 10.56 -7.19
N THR A 62 1.47 10.04 -7.36
CA THR A 62 1.68 8.74 -8.03
C THR A 62 1.11 7.58 -7.22
N PHE A 63 1.20 7.62 -5.89
CA PHE A 63 0.56 6.62 -5.00
C PHE A 63 -0.96 6.60 -5.17
N SER A 64 -1.61 7.76 -5.09
CA SER A 64 -3.07 7.88 -5.23
C SER A 64 -3.57 7.57 -6.66
N LYS A 65 -2.84 7.98 -7.71
CA LYS A 65 -3.15 7.62 -9.11
C LYS A 65 -3.20 6.10 -9.30
N ALA A 66 -2.38 5.33 -8.58
CA ALA A 66 -2.41 3.87 -8.59
C ALA A 66 -3.54 3.31 -7.72
N ALA A 67 -3.73 3.81 -6.49
CA ALA A 67 -4.76 3.34 -5.55
C ALA A 67 -6.20 3.45 -6.10
N PHE A 68 -6.48 4.46 -6.93
CA PHE A 68 -7.79 4.68 -7.55
C PHE A 68 -8.11 3.73 -8.74
N LYS A 69 -7.17 2.88 -9.17
CA LYS A 69 -7.29 2.00 -10.36
C LYS A 69 -7.57 0.51 -10.04
N LEU A 70 -7.89 0.18 -8.78
CA LEU A 70 -8.29 -1.15 -8.31
C LEU A 70 -9.57 -1.11 -7.47
N LYS A 71 -10.06 -2.30 -7.06
CA LYS A 71 -11.32 -2.51 -6.33
C LYS A 71 -11.11 -3.05 -4.92
N THR A 72 -12.04 -2.77 -4.02
CA THR A 72 -12.01 -3.21 -2.62
C THR A 72 -11.91 -4.74 -2.51
N GLY A 73 -10.93 -5.23 -1.73
CA GLY A 73 -10.65 -6.65 -1.56
C GLY A 73 -9.61 -7.21 -2.55
N GLU A 74 -8.85 -6.34 -3.22
CA GLU A 74 -7.80 -6.72 -4.19
C GLU A 74 -6.49 -5.94 -3.91
N VAL A 75 -5.36 -6.53 -4.31
CA VAL A 75 -4.00 -6.00 -4.08
C VAL A 75 -3.37 -5.53 -5.40
N SER A 76 -2.50 -4.52 -5.31
CA SER A 76 -1.85 -3.83 -6.42
C SER A 76 -0.36 -4.14 -6.51
N ASP A 77 0.18 -4.21 -7.73
CA ASP A 77 1.61 -4.38 -7.97
C ASP A 77 2.42 -3.13 -7.53
N PRO A 78 3.74 -3.25 -7.27
CA PRO A 78 4.58 -2.15 -6.76
C PRO A 78 4.55 -0.85 -7.58
N VAL A 79 4.79 0.26 -6.88
CA VAL A 79 4.73 1.66 -7.37
C VAL A 79 5.94 2.43 -6.83
N LYS A 80 6.42 3.45 -7.55
CA LYS A 80 7.54 4.31 -7.14
C LYS A 80 7.05 5.74 -6.86
N THR A 81 7.64 6.41 -5.86
CA THR A 81 7.22 7.74 -5.38
C THR A 81 8.42 8.61 -4.98
N GLN A 82 8.15 9.84 -4.50
CA GLN A 82 9.15 10.75 -3.95
C GLN A 82 9.85 10.23 -2.67
N TYR A 83 9.29 9.20 -2.02
CA TYR A 83 9.78 8.64 -0.74
C TYR A 83 10.55 7.32 -0.90
N GLY A 84 10.22 6.53 -1.94
CA GLY A 84 10.80 5.22 -2.20
C GLY A 84 9.90 4.38 -3.11
N TYR A 85 9.57 3.17 -2.65
CA TYR A 85 8.62 2.26 -3.31
C TYR A 85 7.46 1.91 -2.38
N HIS A 86 6.30 1.61 -2.97
CA HIS A 86 5.04 1.36 -2.27
C HIS A 86 4.29 0.17 -2.88
N ILE A 87 3.46 -0.47 -2.07
CA ILE A 87 2.53 -1.55 -2.44
C ILE A 87 1.20 -1.20 -1.76
N ILE A 88 0.06 -1.39 -2.44
CA ILE A 88 -1.26 -0.98 -1.95
C ILE A 88 -2.29 -2.11 -2.06
N LYS A 89 -3.28 -2.12 -1.17
CA LYS A 89 -4.43 -3.04 -1.18
C LYS A 89 -5.67 -2.27 -0.73
N LYS A 90 -6.67 -2.13 -1.60
CA LYS A 90 -7.89 -1.33 -1.34
C LYS A 90 -8.82 -2.04 -0.35
N THR A 91 -9.40 -1.30 0.59
CA THR A 91 -10.21 -1.85 1.71
C THR A 91 -11.61 -1.25 1.87
N GLU A 92 -11.93 -0.11 1.25
CA GLU A 92 -13.29 0.47 1.27
C GLU A 92 -13.50 1.50 0.14
N GLU A 93 -14.75 1.65 -0.33
CA GLU A 93 -15.17 2.52 -1.44
C GLU A 93 -16.67 2.90 -1.40
N GLY A 3 -14.89 12.89 -5.09
CA GLY A 3 -15.18 11.87 -4.06
C GLY A 3 -13.92 11.41 -3.33
N LYS A 4 -14.05 10.30 -2.59
CA LYS A 4 -12.97 9.67 -1.77
C LYS A 4 -13.00 8.15 -1.88
N ILE A 5 -11.89 7.53 -1.48
CA ILE A 5 -11.67 6.07 -1.34
C ILE A 5 -10.86 5.78 -0.07
N ARG A 6 -10.70 4.51 0.29
CA ARG A 6 -9.89 4.05 1.42
C ARG A 6 -9.04 2.84 1.03
N ALA A 7 -7.81 2.77 1.57
CA ALA A 7 -6.83 1.73 1.26
C ALA A 7 -5.87 1.44 2.43
N SER A 8 -5.03 0.42 2.24
CA SER A 8 -3.93 0.02 3.13
C SER A 8 -2.66 -0.20 2.31
N HIS A 9 -1.48 -0.01 2.90
CA HIS A 9 -0.21 -0.07 2.17
C HIS A 9 0.96 -0.70 2.95
N ILE A 10 2.06 -0.95 2.25
CA ILE A 10 3.35 -1.44 2.74
C ILE A 10 4.44 -0.63 2.03
N LEU A 11 4.92 0.44 2.69
CA LEU A 11 5.95 1.34 2.15
C LEU A 11 7.33 0.78 2.49
N VAL A 12 8.18 0.54 1.49
CA VAL A 12 9.55 0.02 1.68
C VAL A 12 10.59 0.94 1.05
N ALA A 13 11.80 0.97 1.63
CA ALA A 13 12.90 1.84 1.19
C ALA A 13 13.55 1.39 -0.14
N ASP A 14 13.42 0.12 -0.52
CA ASP A 14 14.02 -0.46 -1.73
C ASP A 14 13.19 -1.63 -2.28
N LYS A 15 13.17 -1.77 -3.61
CA LYS A 15 12.43 -2.81 -4.35
C LYS A 15 12.78 -4.24 -3.96
N LYS A 16 13.99 -4.55 -3.45
CA LYS A 16 14.33 -5.92 -2.97
C LYS A 16 13.45 -6.37 -1.80
N THR A 17 12.97 -5.44 -0.97
CA THR A 17 12.00 -5.73 0.10
C THR A 17 10.60 -5.91 -0.51
N ALA A 18 10.26 -5.14 -1.53
CA ALA A 18 9.01 -5.26 -2.27
C ALA A 18 8.85 -6.60 -3.01
N GLU A 19 9.90 -7.07 -3.68
CA GLU A 19 9.92 -8.37 -4.37
C GLU A 19 9.69 -9.55 -3.41
N GLU A 20 10.17 -9.45 -2.17
CA GLU A 20 9.91 -10.45 -1.12
C GLU A 20 8.44 -10.39 -0.66
N VAL A 21 7.90 -9.19 -0.38
CA VAL A 21 6.48 -9.02 -0.02
C VAL A 21 5.53 -9.53 -1.10
N GLU A 22 5.82 -9.29 -2.38
CA GLU A 22 5.03 -9.80 -3.52
C GLU A 22 4.92 -11.34 -3.52
N LYS A 23 5.93 -12.05 -3.02
CA LYS A 23 5.91 -13.51 -2.85
C LYS A 23 5.24 -13.92 -1.54
N LYS A 24 5.55 -13.23 -0.42
CA LYS A 24 4.94 -13.48 0.90
C LYS A 24 3.41 -13.42 0.88
N LEU A 25 2.85 -12.46 0.12
CA LEU A 25 1.40 -12.27 -0.11
C LEU A 25 0.67 -13.46 -0.75
N LYS A 26 1.39 -14.42 -1.36
CA LYS A 26 0.82 -15.63 -2.00
C LYS A 26 1.38 -16.94 -1.44
N LYS A 27 2.55 -16.90 -0.82
CA LYS A 27 3.19 -18.01 -0.10
C LYS A 27 2.39 -18.47 1.13
N GLY A 28 1.60 -17.56 1.73
CA GLY A 28 0.69 -17.88 2.83
C GLY A 28 0.30 -16.69 3.75
N GLU A 29 1.21 -15.75 3.98
CA GLU A 29 1.00 -14.62 4.91
C GLU A 29 0.08 -13.53 4.32
N LYS A 30 -0.63 -12.80 5.19
CA LYS A 30 -1.66 -11.82 4.83
C LYS A 30 -1.15 -10.38 4.86
N PHE A 31 -1.79 -9.49 4.08
CA PHE A 31 -1.40 -8.09 3.89
C PHE A 31 -1.23 -7.31 5.19
N GLU A 32 -2.18 -7.45 6.12
CA GLU A 32 -2.17 -6.73 7.42
C GLU A 32 -1.05 -7.21 8.35
N ASP A 33 -0.73 -8.50 8.34
CA ASP A 33 0.38 -9.06 9.13
C ASP A 33 1.76 -8.73 8.54
N LEU A 34 1.85 -8.64 7.20
CA LEU A 34 3.06 -8.22 6.49
C LEU A 34 3.33 -6.71 6.68
N ALA A 35 2.29 -5.86 6.72
CA ALA A 35 2.45 -4.44 7.01
C ALA A 35 3.13 -4.18 8.37
N LYS A 36 2.82 -5.01 9.39
CA LYS A 36 3.46 -4.99 10.72
C LYS A 36 4.92 -5.49 10.76
N GLU A 37 5.47 -5.98 9.64
CA GLU A 37 6.80 -6.61 9.56
C GLU A 37 7.72 -6.03 8.44
N TYR A 38 7.14 -5.48 7.36
CA TYR A 38 7.88 -5.00 6.19
C TYR A 38 7.70 -3.50 5.89
N SER A 39 6.57 -2.89 6.26
CA SER A 39 6.33 -1.45 6.09
C SER A 39 7.26 -0.60 6.96
N THR A 40 7.56 0.61 6.48
CA THR A 40 8.45 1.60 7.10
C THR A 40 7.72 2.88 7.50
N ASP A 41 6.43 3.00 7.17
CA ASP A 41 5.55 4.10 7.58
C ASP A 41 4.86 3.81 8.93
N SER A 42 4.39 4.85 9.63
CA SER A 42 3.62 4.74 10.88
C SER A 42 2.35 3.87 10.77
N SER A 43 1.83 3.65 9.55
CA SER A 43 0.72 2.75 9.23
C SER A 43 0.95 1.28 9.62
N ALA A 44 2.22 0.86 9.79
CA ALA A 44 2.62 -0.52 10.07
C ALA A 44 1.82 -1.16 11.22
N SER A 45 1.79 -0.51 12.39
CA SER A 45 1.08 -0.99 13.60
C SER A 45 -0.44 -1.08 13.44
N LYS A 46 -1.02 -0.35 12.47
CA LYS A 46 -2.46 -0.36 12.13
C LYS A 46 -2.83 -1.43 11.08
N GLY A 47 -1.86 -2.28 10.68
CA GLY A 47 -2.04 -3.27 9.61
C GLY A 47 -1.92 -2.66 8.21
N GLY A 48 -1.28 -1.49 8.09
CA GLY A 48 -1.09 -0.76 6.84
C GLY A 48 -2.20 0.27 6.53
N ASP A 49 -3.27 0.33 7.32
CA ASP A 49 -4.41 1.24 7.14
C ASP A 49 -4.02 2.72 7.05
N LEU A 50 -4.71 3.46 6.17
CA LEU A 50 -4.51 4.89 5.91
C LEU A 50 -5.81 5.73 6.03
N GLY A 51 -6.97 5.10 6.26
CA GLY A 51 -8.26 5.78 6.28
C GLY A 51 -8.67 6.35 4.91
N TRP A 52 -9.76 7.13 4.88
CA TRP A 52 -10.27 7.72 3.64
C TRP A 52 -9.43 8.92 3.15
N PHE A 53 -9.25 9.03 1.83
CA PHE A 53 -8.49 10.11 1.16
C PHE A 53 -8.97 10.36 -0.30
N ALA A 54 -8.42 11.39 -0.93
CA ALA A 54 -8.66 11.78 -2.32
C ALA A 54 -7.36 12.13 -3.07
N LYS A 55 -7.36 11.91 -4.39
CA LYS A 55 -6.25 12.19 -5.33
C LYS A 55 -5.89 13.68 -5.43
N GLU A 56 -6.81 14.57 -5.07
CA GLU A 56 -6.69 16.03 -5.15
C GLU A 56 -5.59 16.65 -4.24
N GLY A 57 -5.09 15.90 -3.24
CA GLY A 57 -3.98 16.36 -2.39
C GLY A 57 -3.77 15.64 -1.05
N GLN A 58 -4.72 14.83 -0.59
CA GLN A 58 -4.64 14.15 0.73
C GLN A 58 -3.60 13.02 0.78
N MET A 59 -3.12 12.54 -0.38
CA MET A 59 -2.06 11.54 -0.55
C MET A 59 -1.17 11.90 -1.76
N ASP A 60 -0.01 11.24 -1.88
CA ASP A 60 0.91 11.37 -3.04
C ASP A 60 0.18 11.08 -4.37
N GLU A 61 0.46 11.87 -5.41
CA GLU A 61 -0.24 11.77 -6.70
C GLU A 61 -0.06 10.40 -7.39
N THR A 62 1.17 9.90 -7.50
CA THR A 62 1.45 8.60 -8.15
C THR A 62 0.82 7.44 -7.35
N PHE A 63 0.90 7.48 -6.02
CA PHE A 63 0.22 6.52 -5.14
C PHE A 63 -1.30 6.56 -5.34
N SER A 64 -1.89 7.76 -5.39
CA SER A 64 -3.33 7.98 -5.58
C SER A 64 -3.82 7.49 -6.95
N LYS A 65 -3.08 7.74 -8.04
CA LYS A 65 -3.39 7.24 -9.39
C LYS A 65 -3.55 5.73 -9.42
N ALA A 66 -2.72 4.99 -8.67
CA ALA A 66 -2.84 3.54 -8.50
C ALA A 66 -4.00 3.15 -7.56
N ALA A 67 -4.14 3.79 -6.40
CA ALA A 67 -5.22 3.53 -5.45
C ALA A 67 -6.62 3.69 -6.07
N PHE A 68 -6.81 4.67 -6.97
CA PHE A 68 -8.08 4.91 -7.65
C PHE A 68 -8.32 3.93 -8.81
N LYS A 69 -7.27 3.38 -9.44
CA LYS A 69 -7.35 2.34 -10.49
C LYS A 69 -7.73 0.96 -9.94
N LEU A 70 -7.32 0.66 -8.70
CA LEU A 70 -7.68 -0.57 -7.97
C LEU A 70 -9.19 -0.66 -7.66
N LYS A 71 -9.61 -1.85 -7.22
CA LYS A 71 -10.98 -2.16 -6.75
C LYS A 71 -10.92 -2.73 -5.34
N THR A 72 -11.94 -2.47 -4.53
CA THR A 72 -11.98 -2.86 -3.11
C THR A 72 -11.81 -4.37 -2.94
N GLY A 73 -10.75 -4.78 -2.23
CA GLY A 73 -10.37 -6.19 -2.01
C GLY A 73 -9.21 -6.70 -2.88
N GLU A 74 -8.52 -5.84 -3.63
CA GLU A 74 -7.47 -6.20 -4.59
C GLU A 74 -6.12 -5.53 -4.27
N VAL A 75 -5.05 -6.33 -4.25
CA VAL A 75 -3.64 -5.90 -4.04
C VAL A 75 -3.02 -5.32 -5.31
N SER A 76 -1.88 -4.64 -5.17
CA SER A 76 -1.18 -3.92 -6.25
C SER A 76 0.32 -4.25 -6.36
N ASP A 77 0.93 -3.82 -7.46
CA ASP A 77 2.37 -3.86 -7.67
C ASP A 77 3.09 -2.76 -6.84
N PRO A 78 4.41 -2.85 -6.63
CA PRO A 78 5.22 -1.82 -5.95
C PRO A 78 5.24 -0.49 -6.70
N VAL A 79 4.46 0.49 -6.25
CA VAL A 79 4.36 1.83 -6.87
C VAL A 79 5.56 2.68 -6.46
N LYS A 80 6.45 3.00 -7.40
CA LYS A 80 7.60 3.91 -7.18
C LYS A 80 7.12 5.33 -6.86
N THR A 81 7.75 5.96 -5.87
CA THR A 81 7.53 7.37 -5.45
C THR A 81 8.86 8.05 -5.09
N GLN A 82 8.81 9.34 -4.73
CA GLN A 82 9.98 10.07 -4.23
C GLN A 82 10.42 9.63 -2.81
N TYR A 83 9.65 8.76 -2.15
CA TYR A 83 9.92 8.26 -0.79
C TYR A 83 10.47 6.82 -0.76
N GLY A 84 10.07 6.00 -1.74
CA GLY A 84 10.44 4.58 -1.83
C GLY A 84 9.55 3.82 -2.83
N TYR A 85 9.13 2.62 -2.44
CA TYR A 85 8.18 1.79 -3.18
C TYR A 85 6.97 1.48 -2.28
N HIS A 86 5.76 1.66 -2.81
CA HIS A 86 4.50 1.56 -2.08
C HIS A 86 3.63 0.42 -2.64
N ILE A 87 3.61 -0.73 -1.96
CA ILE A 87 2.67 -1.82 -2.29
C ILE A 87 1.35 -1.43 -1.63
N ILE A 88 0.21 -1.60 -2.30
CA ILE A 88 -1.10 -1.13 -1.84
C ILE A 88 -2.17 -2.21 -1.98
N LYS A 89 -3.27 -2.02 -1.27
CA LYS A 89 -4.50 -2.81 -1.36
C LYS A 89 -5.68 -1.89 -1.03
N LYS A 90 -6.60 -1.69 -1.97
CA LYS A 90 -7.81 -0.87 -1.74
C LYS A 90 -8.77 -1.62 -0.81
N THR A 91 -9.39 -0.93 0.16
CA THR A 91 -10.22 -1.57 1.20
C THR A 91 -11.64 -0.98 1.37
N GLU A 92 -11.96 0.18 0.78
CA GLU A 92 -13.32 0.74 0.78
C GLU A 92 -13.52 1.81 -0.32
N GLU A 93 -14.76 1.94 -0.82
CA GLU A 93 -15.17 2.85 -1.91
C GLU A 93 -16.68 3.18 -1.89
N GLY A 3 -15.20 12.94 -2.85
CA GLY A 3 -15.27 11.51 -2.43
C GLY A 3 -13.94 11.00 -1.89
N LYS A 4 -13.99 9.95 -1.06
CA LYS A 4 -12.82 9.30 -0.42
C LYS A 4 -12.96 7.77 -0.38
N ILE A 5 -11.84 7.09 -0.21
CA ILE A 5 -11.72 5.63 -0.01
C ILE A 5 -10.71 5.35 1.13
N ARG A 6 -10.59 4.09 1.56
CA ARG A 6 -9.66 3.65 2.60
C ARG A 6 -8.83 2.48 2.11
N ALA A 7 -7.55 2.46 2.47
CA ALA A 7 -6.60 1.42 2.09
C ALA A 7 -5.45 1.27 3.09
N SER A 8 -4.75 0.15 2.97
CA SER A 8 -3.53 -0.17 3.71
C SER A 8 -2.35 -0.24 2.73
N HIS A 9 -1.14 0.14 3.18
CA HIS A 9 0.03 0.21 2.30
C HIS A 9 1.32 -0.36 2.90
N ILE A 10 2.32 -0.52 2.05
CA ILE A 10 3.70 -0.94 2.38
C ILE A 10 4.63 -0.04 1.56
N LEU A 11 5.36 0.86 2.23
CA LEU A 11 6.27 1.84 1.62
C LEU A 11 7.72 1.38 1.85
N VAL A 12 8.51 1.28 0.78
CA VAL A 12 9.87 0.75 0.81
C VAL A 12 10.88 1.67 0.11
N ALA A 13 12.17 1.54 0.44
CA ALA A 13 13.24 2.35 -0.14
C ALA A 13 13.63 1.95 -1.58
N ASP A 14 13.35 0.71 -2.00
CA ASP A 14 13.74 0.16 -3.31
C ASP A 14 12.81 -0.96 -3.81
N LYS A 15 12.78 -1.16 -5.14
CA LYS A 15 11.96 -2.21 -5.79
C LYS A 15 12.37 -3.63 -5.42
N LYS A 16 13.64 -3.91 -5.11
CA LYS A 16 14.06 -5.25 -4.63
C LYS A 16 13.34 -5.66 -3.34
N THR A 17 13.02 -4.69 -2.48
CA THR A 17 12.20 -4.90 -1.28
C THR A 17 10.73 -5.10 -1.66
N ALA A 18 10.21 -4.32 -2.63
CA ALA A 18 8.84 -4.44 -3.13
C ALA A 18 8.53 -5.79 -3.80
N GLU A 19 9.39 -6.29 -4.71
CA GLU A 19 9.16 -7.56 -5.42
C GLU A 19 9.23 -8.78 -4.50
N GLU A 20 9.97 -8.70 -3.38
CA GLU A 20 9.96 -9.76 -2.37
C GLU A 20 8.60 -9.83 -1.63
N VAL A 21 7.99 -8.67 -1.35
CA VAL A 21 6.64 -8.60 -0.76
C VAL A 21 5.59 -9.22 -1.69
N GLU A 22 5.70 -9.04 -3.01
CA GLU A 22 4.80 -9.71 -3.96
C GLU A 22 4.87 -11.25 -3.86
N LYS A 23 6.09 -11.81 -3.75
CA LYS A 23 6.30 -13.25 -3.52
C LYS A 23 5.78 -13.70 -2.15
N LYS A 24 6.03 -12.92 -1.08
CA LYS A 24 5.50 -13.17 0.27
C LYS A 24 3.96 -13.24 0.33
N LEU A 25 3.27 -12.34 -0.37
CA LEU A 25 1.82 -12.34 -0.51
C LEU A 25 1.29 -13.59 -1.24
N LYS A 26 1.98 -14.05 -2.31
CA LYS A 26 1.66 -15.29 -3.03
C LYS A 26 1.94 -16.56 -2.22
N LYS A 27 3.01 -16.58 -1.41
CA LYS A 27 3.36 -17.68 -0.49
C LYS A 27 2.31 -17.89 0.61
N GLY A 28 1.66 -16.81 1.06
CA GLY A 28 0.53 -16.85 2.00
C GLY A 28 0.65 -15.91 3.23
N GLU A 29 1.77 -15.20 3.40
CA GLU A 29 1.94 -14.26 4.52
C GLU A 29 1.04 -13.02 4.34
N LYS A 30 0.31 -12.65 5.39
CA LYS A 30 -0.71 -11.58 5.39
C LYS A 30 -0.12 -10.19 5.13
N PHE A 31 -0.84 -9.35 4.37
CA PHE A 31 -0.45 -7.96 4.06
C PHE A 31 -0.18 -7.12 5.32
N GLU A 32 -1.03 -7.26 6.35
CA GLU A 32 -0.89 -6.55 7.62
C GLU A 32 0.35 -6.97 8.43
N ASP A 33 0.75 -8.25 8.33
CA ASP A 33 1.96 -8.77 8.96
C ASP A 33 3.23 -8.37 8.18
N LEU A 34 3.16 -8.34 6.85
CA LEU A 34 4.24 -7.87 5.97
C LEU A 34 4.48 -6.36 6.13
N ALA A 35 3.45 -5.55 6.39
CA ALA A 35 3.62 -4.12 6.67
C ALA A 35 4.54 -3.89 7.90
N LYS A 36 4.40 -4.72 8.95
CA LYS A 36 5.27 -4.73 10.15
C LYS A 36 6.67 -5.32 9.93
N GLU A 37 6.99 -5.80 8.73
CA GLU A 37 8.26 -6.49 8.39
C GLU A 37 9.03 -5.82 7.22
N TYR A 38 8.33 -5.10 6.33
CA TYR A 38 8.90 -4.50 5.11
C TYR A 38 8.63 -3.00 4.95
N SER A 39 7.51 -2.47 5.47
CA SER A 39 7.21 -1.03 5.38
C SER A 39 8.14 -0.19 6.28
N THR A 40 8.37 1.07 5.90
CA THR A 40 9.13 2.06 6.68
C THR A 40 8.25 3.22 7.18
N ASP A 41 6.99 3.30 6.75
CA ASP A 41 6.01 4.28 7.24
C ASP A 41 5.44 3.88 8.62
N SER A 42 5.16 4.87 9.48
CA SER A 42 4.56 4.68 10.81
C SER A 42 3.20 3.96 10.80
N SER A 43 2.50 3.92 9.67
CA SER A 43 1.23 3.18 9.49
C SER A 43 1.37 1.67 9.67
N ALA A 44 2.59 1.11 9.66
CA ALA A 44 2.86 -0.30 9.94
C ALA A 44 2.28 -0.78 11.30
N SER A 45 2.25 0.10 12.32
CA SER A 45 1.63 -0.14 13.63
C SER A 45 0.11 -0.36 13.61
N LYS A 46 -0.53 -0.12 12.45
CA LYS A 46 -1.96 -0.31 12.17
C LYS A 46 -2.19 -1.34 11.04
N GLY A 47 -1.18 -2.17 10.74
CA GLY A 47 -1.19 -3.12 9.61
C GLY A 47 -1.09 -2.44 8.23
N GLY A 48 -0.65 -1.17 8.19
CA GLY A 48 -0.50 -0.36 6.98
C GLY A 48 -1.65 0.63 6.74
N ASP A 49 -2.74 0.56 7.51
CA ASP A 49 -3.96 1.39 7.33
C ASP A 49 -3.68 2.90 7.32
N LEU A 50 -3.91 3.53 6.17
CA LEU A 50 -3.80 4.98 5.95
C LEU A 50 -5.07 5.76 6.37
N GLY A 51 -6.17 5.06 6.70
CA GLY A 51 -7.46 5.68 6.98
C GLY A 51 -8.11 6.24 5.70
N TRP A 52 -9.21 6.98 5.83
CA TRP A 52 -9.91 7.56 4.67
C TRP A 52 -9.11 8.69 4.03
N PHE A 53 -8.94 8.65 2.70
CA PHE A 53 -8.25 9.69 1.91
C PHE A 53 -8.88 9.96 0.53
N ALA A 54 -8.72 11.20 0.07
CA ALA A 54 -9.14 11.67 -1.26
C ALA A 54 -8.06 11.38 -2.32
N LYS A 55 -8.45 11.42 -3.61
CA LYS A 55 -7.53 11.19 -4.74
C LYS A 55 -6.41 12.22 -4.85
N GLU A 56 -6.66 13.46 -4.41
CA GLU A 56 -5.73 14.59 -4.47
C GLU A 56 -5.71 15.39 -3.16
N GLY A 57 -4.66 16.19 -2.94
CA GLY A 57 -4.49 17.08 -1.78
C GLY A 57 -4.04 16.37 -0.50
N GLN A 58 -4.83 15.40 -0.02
CA GLN A 58 -4.48 14.55 1.12
C GLN A 58 -3.41 13.50 0.78
N MET A 59 -3.37 13.07 -0.50
CA MET A 59 -2.39 12.13 -1.07
C MET A 59 -1.98 12.60 -2.48
N ASP A 60 -0.78 12.23 -2.93
CA ASP A 60 -0.32 12.50 -4.30
C ASP A 60 -1.06 11.58 -5.30
N GLU A 61 -1.55 12.14 -6.41
CA GLU A 61 -2.32 11.38 -7.41
C GLU A 61 -1.58 10.16 -7.97
N THR A 62 -0.23 10.16 -8.01
CA THR A 62 0.59 9.02 -8.47
C THR A 62 0.38 7.78 -7.61
N PHE A 63 0.17 7.96 -6.29
CA PHE A 63 -0.16 6.88 -5.36
C PHE A 63 -1.67 6.57 -5.42
N SER A 64 -2.51 7.61 -5.42
CA SER A 64 -3.97 7.47 -5.39
C SER A 64 -4.53 6.72 -6.59
N LYS A 65 -4.07 7.02 -7.82
CA LYS A 65 -4.55 6.36 -9.05
C LYS A 65 -4.44 4.83 -9.01
N ALA A 66 -3.38 4.34 -8.36
CA ALA A 66 -3.11 2.91 -8.16
C ALA A 66 -3.86 2.28 -6.97
N ALA A 67 -4.37 3.06 -6.02
CA ALA A 67 -5.21 2.59 -4.92
C ALA A 67 -6.72 2.66 -5.22
N PHE A 68 -7.13 3.59 -6.09
CA PHE A 68 -8.54 3.82 -6.45
C PHE A 68 -9.06 2.84 -7.52
N LYS A 69 -8.17 2.28 -8.36
CA LYS A 69 -8.54 1.43 -9.51
C LYS A 69 -9.05 0.00 -9.19
N LEU A 70 -9.10 -0.40 -7.92
CA LEU A 70 -9.43 -1.78 -7.49
C LEU A 70 -10.59 -1.89 -6.49
N LYS A 71 -11.09 -3.12 -6.31
CA LYS A 71 -12.19 -3.49 -5.37
C LYS A 71 -11.80 -3.24 -3.92
N THR A 72 -12.78 -3.07 -3.02
CA THR A 72 -12.58 -2.70 -1.60
C THR A 72 -11.85 -3.69 -0.69
N GLY A 73 -11.43 -4.83 -1.23
CA GLY A 73 -10.61 -5.85 -0.53
C GLY A 73 -9.46 -6.41 -1.36
N GLU A 74 -9.27 -5.93 -2.60
CA GLU A 74 -8.24 -6.40 -3.53
C GLU A 74 -6.84 -5.82 -3.23
N VAL A 75 -5.80 -6.45 -3.77
CA VAL A 75 -4.38 -6.03 -3.68
C VAL A 75 -3.93 -5.42 -5.02
N SER A 76 -3.09 -4.38 -4.94
CA SER A 76 -2.61 -3.59 -6.08
C SER A 76 -1.12 -3.79 -6.36
N ASP A 77 -0.72 -3.70 -7.63
CA ASP A 77 0.68 -3.81 -8.09
C ASP A 77 1.58 -2.64 -7.62
N PRO A 78 2.92 -2.83 -7.56
CA PRO A 78 3.86 -1.81 -7.11
C PRO A 78 3.81 -0.48 -7.88
N VAL A 79 4.22 0.60 -7.21
CA VAL A 79 4.17 2.01 -7.66
C VAL A 79 5.47 2.71 -7.23
N LYS A 80 5.89 3.76 -7.96
CA LYS A 80 7.11 4.55 -7.66
C LYS A 80 6.74 6.02 -7.38
N THR A 81 7.44 6.63 -6.43
CA THR A 81 7.20 8.01 -5.93
C THR A 81 8.52 8.72 -5.57
N GLN A 82 8.45 9.99 -5.14
CA GLN A 82 9.62 10.72 -4.64
C GLN A 82 10.21 10.14 -3.33
N TYR A 83 9.41 9.35 -2.58
CA TYR A 83 9.81 8.71 -1.31
C TYR A 83 10.53 7.37 -1.53
N GLY A 84 10.19 6.65 -2.61
CA GLY A 84 10.74 5.33 -2.95
C GLY A 84 9.75 4.53 -3.80
N TYR A 85 9.34 3.36 -3.29
CA TYR A 85 8.32 2.51 -3.90
C TYR A 85 7.20 2.18 -2.90
N HIS A 86 6.02 1.88 -3.41
CA HIS A 86 4.79 1.65 -2.64
C HIS A 86 4.02 0.44 -3.19
N ILE A 87 3.26 -0.22 -2.31
CA ILE A 87 2.34 -1.33 -2.61
C ILE A 87 1.08 -1.05 -1.78
N ILE A 88 -0.11 -1.31 -2.31
CA ILE A 88 -1.40 -0.97 -1.67
C ILE A 88 -2.39 -2.14 -1.71
N LYS A 89 -3.28 -2.18 -0.71
CA LYS A 89 -4.42 -3.10 -0.58
C LYS A 89 -5.61 -2.29 -0.07
N LYS A 90 -6.63 -2.10 -0.89
CA LYS A 90 -7.84 -1.33 -0.51
C LYS A 90 -8.61 -2.06 0.61
N THR A 91 -9.29 -1.31 1.49
CA THR A 91 -9.97 -1.85 2.67
C THR A 91 -11.38 -1.30 2.92
N GLU A 92 -11.77 -0.16 2.36
CA GLU A 92 -13.13 0.40 2.49
C GLU A 92 -13.45 1.44 1.39
N GLU A 93 -14.74 1.63 1.07
CA GLU A 93 -15.25 2.60 0.07
C GLU A 93 -16.70 3.04 0.34
N GLY A 3 -16.12 9.70 -4.53
CA GLY A 3 -15.48 10.60 -3.54
C GLY A 3 -14.27 9.93 -2.88
N LYS A 4 -14.15 10.03 -1.55
CA LYS A 4 -13.09 9.39 -0.75
C LYS A 4 -13.14 7.86 -0.81
N ILE A 5 -12.00 7.22 -0.52
CA ILE A 5 -11.80 5.76 -0.38
C ILE A 5 -10.87 5.47 0.81
N ARG A 6 -10.78 4.22 1.24
CA ARG A 6 -9.86 3.75 2.30
C ARG A 6 -8.96 2.64 1.77
N ALA A 7 -7.71 2.64 2.20
CA ALA A 7 -6.71 1.66 1.79
C ALA A 7 -5.63 1.44 2.85
N SER A 8 -4.85 0.37 2.65
CA SER A 8 -3.68 -0.01 3.45
C SER A 8 -2.46 -0.12 2.54
N HIS A 9 -1.26 0.20 3.05
CA HIS A 9 -0.04 0.22 2.25
C HIS A 9 1.19 -0.41 2.94
N ILE A 10 2.25 -0.61 2.14
CA ILE A 10 3.58 -1.08 2.55
C ILE A 10 4.60 -0.21 1.81
N LEU A 11 5.44 0.51 2.56
CA LEU A 11 6.42 1.47 2.02
C LEU A 11 7.83 0.92 2.29
N VAL A 12 8.67 0.80 1.26
CA VAL A 12 10.01 0.19 1.33
C VAL A 12 11.09 1.09 0.72
N ALA A 13 12.33 0.95 1.20
CA ALA A 13 13.46 1.76 0.75
C ALA A 13 13.95 1.41 -0.67
N ASP A 14 13.73 0.17 -1.13
CA ASP A 14 14.22 -0.35 -2.42
C ASP A 14 13.33 -1.48 -2.97
N LYS A 15 13.16 -1.53 -4.30
CA LYS A 15 12.36 -2.50 -5.05
C LYS A 15 12.69 -3.97 -4.76
N LYS A 16 13.93 -4.32 -4.38
CA LYS A 16 14.28 -5.69 -3.95
C LYS A 16 13.42 -6.19 -2.77
N THR A 17 12.96 -5.26 -1.92
CA THR A 17 12.03 -5.53 -0.82
C THR A 17 10.60 -5.72 -1.36
N ALA A 18 10.18 -4.87 -2.30
CA ALA A 18 8.87 -4.94 -2.95
C ALA A 18 8.66 -6.25 -3.72
N GLU A 19 9.67 -6.72 -4.46
CA GLU A 19 9.63 -8.01 -5.17
C GLU A 19 9.43 -9.20 -4.22
N GLU A 20 10.04 -9.19 -3.03
CA GLU A 20 9.81 -10.22 -2.02
C GLU A 20 8.38 -10.15 -1.43
N VAL A 21 7.85 -8.95 -1.18
CA VAL A 21 6.46 -8.79 -0.74
C VAL A 21 5.46 -9.28 -1.80
N GLU A 22 5.70 -9.04 -3.09
CA GLU A 22 4.86 -9.60 -4.17
C GLU A 22 4.86 -11.13 -4.12
N LYS A 23 6.02 -11.76 -3.89
CA LYS A 23 6.13 -13.22 -3.72
C LYS A 23 5.40 -13.69 -2.47
N LYS A 24 5.51 -12.99 -1.34
CA LYS A 24 4.77 -13.27 -0.09
C LYS A 24 3.25 -13.24 -0.26
N LEU A 25 2.73 -12.24 -0.98
CA LEU A 25 1.30 -12.09 -1.29
C LEU A 25 0.76 -13.20 -2.21
N LYS A 26 1.60 -13.75 -3.12
CA LYS A 26 1.24 -14.87 -4.01
C LYS A 26 1.34 -16.22 -3.32
N LYS A 27 2.35 -16.38 -2.46
CA LYS A 27 2.58 -17.55 -1.58
C LYS A 27 1.41 -17.75 -0.60
N GLY A 28 0.81 -16.66 -0.10
CA GLY A 28 -0.40 -16.69 0.74
C GLY A 28 -0.40 -15.85 2.01
N GLU A 29 0.66 -15.09 2.33
CA GLU A 29 0.70 -14.28 3.56
C GLU A 29 -0.23 -13.04 3.47
N LYS A 30 -0.79 -12.66 4.62
CA LYS A 30 -1.71 -11.51 4.73
C LYS A 30 -1.00 -10.17 4.53
N PHE A 31 -1.62 -9.26 3.79
CA PHE A 31 -1.14 -7.89 3.60
C PHE A 31 -0.98 -7.14 4.94
N GLU A 32 -1.92 -7.37 5.88
CA GLU A 32 -1.89 -6.79 7.23
C GLU A 32 -0.66 -7.23 8.04
N ASP A 33 -0.24 -8.49 7.92
CA ASP A 33 0.94 -9.03 8.60
C ASP A 33 2.25 -8.58 7.91
N LEU A 34 2.27 -8.58 6.56
CA LEU A 34 3.40 -8.11 5.77
C LEU A 34 3.73 -6.62 6.00
N ALA A 35 2.75 -5.79 6.38
CA ALA A 35 3.01 -4.40 6.75
C ALA A 35 3.93 -4.29 7.99
N LYS A 36 3.79 -5.17 8.99
CA LYS A 36 4.69 -5.22 10.15
C LYS A 36 6.08 -5.77 9.77
N GLU A 37 6.13 -6.76 8.87
CA GLU A 37 7.35 -7.46 8.47
C GLU A 37 8.22 -6.73 7.43
N TYR A 38 7.64 -5.85 6.61
CA TYR A 38 8.35 -5.20 5.49
C TYR A 38 8.20 -3.67 5.36
N SER A 39 7.10 -3.07 5.82
CA SER A 39 6.94 -1.59 5.78
C SER A 39 7.97 -0.88 6.65
N THR A 40 8.37 0.32 6.21
CA THR A 40 9.41 1.17 6.81
C THR A 40 8.84 2.51 7.32
N ASP A 41 7.51 2.63 7.37
CA ASP A 41 6.79 3.80 7.87
C ASP A 41 5.76 3.45 8.97
N SER A 42 5.35 4.44 9.77
CA SER A 42 4.47 4.30 10.95
C SER A 42 3.16 3.53 10.74
N SER A 43 2.67 3.43 9.49
CA SER A 43 1.49 2.62 9.12
C SER A 43 1.65 1.13 9.42
N ALA A 44 2.88 0.62 9.58
CA ALA A 44 3.19 -0.77 9.90
C ALA A 44 2.35 -1.31 11.07
N SER A 45 2.34 -0.59 12.21
CA SER A 45 1.61 -1.00 13.44
C SER A 45 0.09 -1.03 13.28
N LYS A 46 -0.45 -0.32 12.26
CA LYS A 46 -1.89 -0.28 11.91
C LYS A 46 -2.29 -1.37 10.89
N GLY A 47 -1.35 -2.24 10.49
CA GLY A 47 -1.57 -3.24 9.43
C GLY A 47 -1.52 -2.62 8.03
N GLY A 48 -0.90 -1.44 7.90
CA GLY A 48 -0.77 -0.66 6.67
C GLY A 48 -1.83 0.44 6.49
N ASP A 49 -2.94 0.39 7.24
CA ASP A 49 -4.09 1.30 7.10
C ASP A 49 -3.73 2.80 7.16
N LEU A 50 -4.33 3.58 6.26
CA LEU A 50 -4.15 5.02 6.12
C LEU A 50 -5.43 5.83 6.44
N GLY A 51 -6.56 5.17 6.71
CA GLY A 51 -7.85 5.84 6.90
C GLY A 51 -8.41 6.39 5.58
N TRP A 52 -9.55 7.08 5.64
CA TRP A 52 -10.18 7.65 4.44
C TRP A 52 -9.39 8.84 3.85
N PHE A 53 -9.22 8.87 2.53
CA PHE A 53 -8.58 9.95 1.78
C PHE A 53 -9.14 10.09 0.36
N ALA A 54 -8.78 11.18 -0.33
CA ALA A 54 -9.12 11.45 -1.73
C ALA A 54 -7.89 11.86 -2.55
N LYS A 55 -7.82 11.42 -3.81
CA LYS A 55 -6.74 11.70 -4.77
C LYS A 55 -6.56 13.19 -5.11
N GLU A 56 -7.57 14.01 -4.84
CA GLU A 56 -7.60 15.47 -5.07
C GLU A 56 -6.50 16.24 -4.32
N GLY A 57 -6.01 15.72 -3.18
CA GLY A 57 -4.89 16.34 -2.45
C GLY A 57 -4.57 15.83 -1.04
N GLN A 58 -5.40 14.94 -0.44
CA GLN A 58 -5.15 14.41 0.91
C GLN A 58 -3.97 13.42 0.98
N MET A 59 -3.51 12.91 -0.16
CA MET A 59 -2.34 12.05 -0.33
C MET A 59 -1.56 12.42 -1.60
N ASP A 60 -0.32 11.92 -1.74
CA ASP A 60 0.52 12.09 -2.94
C ASP A 60 -0.21 11.56 -4.20
N GLU A 61 -0.21 12.31 -5.31
CA GLU A 61 -0.99 11.93 -6.50
C GLU A 61 -0.55 10.60 -7.15
N THR A 62 0.76 10.31 -7.21
CA THR A 62 1.30 9.08 -7.80
C THR A 62 0.92 7.86 -6.96
N PHE A 63 0.96 7.98 -5.63
CA PHE A 63 0.47 6.95 -4.71
C PHE A 63 -1.06 6.80 -4.84
N SER A 64 -1.80 7.91 -4.91
CA SER A 64 -3.26 7.94 -4.95
C SER A 64 -3.83 7.30 -6.21
N LYS A 65 -3.33 7.65 -7.41
CA LYS A 65 -3.81 7.06 -8.68
C LYS A 65 -3.63 5.53 -8.71
N ALA A 66 -2.54 5.05 -8.11
CA ALA A 66 -2.26 3.63 -7.93
C ALA A 66 -3.12 2.92 -6.86
N ALA A 67 -3.78 3.67 -5.96
CA ALA A 67 -4.75 3.16 -4.98
C ALA A 67 -6.21 3.26 -5.48
N PHE A 68 -6.49 4.21 -6.37
CA PHE A 68 -7.84 4.45 -6.92
C PHE A 68 -8.18 3.55 -8.12
N LYS A 69 -7.17 2.99 -8.82
CA LYS A 69 -7.31 2.12 -10.01
C LYS A 69 -7.91 0.73 -9.75
N LEU A 70 -8.24 0.38 -8.50
CA LEU A 70 -8.71 -0.93 -8.07
C LEU A 70 -9.97 -0.88 -7.18
N LYS A 71 -10.46 -2.07 -6.79
CA LYS A 71 -11.68 -2.28 -5.99
C LYS A 71 -11.36 -2.81 -4.59
N THR A 72 -12.24 -2.54 -3.65
CA THR A 72 -12.13 -2.98 -2.24
C THR A 72 -11.97 -4.49 -2.13
N GLY A 73 -10.93 -4.94 -1.41
CA GLY A 73 -10.59 -6.35 -1.21
C GLY A 73 -9.51 -6.89 -2.16
N GLU A 74 -8.84 -6.02 -2.92
CA GLU A 74 -7.82 -6.39 -3.92
C GLU A 74 -6.52 -5.59 -3.73
N VAL A 75 -5.38 -6.18 -4.13
CA VAL A 75 -4.04 -5.56 -4.07
C VAL A 75 -3.70 -4.80 -5.37
N SER A 76 -2.66 -3.97 -5.31
CA SER A 76 -2.19 -3.12 -6.41
C SER A 76 -0.69 -3.32 -6.68
N ASP A 77 -0.28 -3.15 -7.94
CA ASP A 77 1.11 -3.25 -8.39
C ASP A 77 2.04 -2.17 -7.79
N PRO A 78 3.36 -2.44 -7.68
CA PRO A 78 4.33 -1.50 -7.09
C PRO A 78 4.37 -0.11 -7.75
N VAL A 79 4.76 0.89 -6.95
CA VAL A 79 4.78 2.32 -7.27
C VAL A 79 6.10 2.93 -6.77
N LYS A 80 6.57 4.02 -7.38
CA LYS A 80 7.84 4.70 -7.04
C LYS A 80 7.62 6.18 -6.71
N THR A 81 8.34 6.68 -5.72
CA THR A 81 8.22 8.06 -5.17
C THR A 81 9.57 8.61 -4.72
N GLN A 82 9.61 9.85 -4.24
CA GLN A 82 10.83 10.44 -3.64
C GLN A 82 11.24 9.76 -2.32
N TYR A 83 10.33 9.03 -1.68
CA TYR A 83 10.56 8.31 -0.41
C TYR A 83 11.16 6.91 -0.61
N GLY A 84 10.83 6.25 -1.73
CA GLY A 84 11.26 4.89 -2.07
C GLY A 84 10.28 4.21 -3.04
N TYR A 85 9.77 3.05 -2.62
CA TYR A 85 8.74 2.29 -3.34
C TYR A 85 7.56 1.96 -2.42
N HIS A 86 6.38 1.76 -3.01
CA HIS A 86 5.11 1.54 -2.30
C HIS A 86 4.31 0.41 -2.96
N ILE A 87 3.48 -0.26 -2.14
CA ILE A 87 2.51 -1.29 -2.53
C ILE A 87 1.21 -0.99 -1.74
N ILE A 88 0.04 -1.18 -2.34
CA ILE A 88 -1.26 -0.80 -1.74
C ILE A 88 -2.30 -1.92 -1.89
N LYS A 89 -3.30 -1.91 -1.00
CA LYS A 89 -4.49 -2.77 -1.00
C LYS A 89 -5.70 -1.93 -0.56
N LYS A 90 -6.75 -1.83 -1.39
CA LYS A 90 -7.95 -1.03 -1.08
C LYS A 90 -8.84 -1.76 -0.06
N THR A 91 -9.39 -1.05 0.92
CA THR A 91 -10.14 -1.64 2.04
C THR A 91 -11.56 -1.10 2.26
N GLU A 92 -11.93 0.05 1.68
CA GLU A 92 -13.32 0.56 1.71
C GLU A 92 -13.58 1.62 0.62
N GLU A 93 -14.84 1.74 0.19
CA GLU A 93 -15.32 2.66 -0.87
C GLU A 93 -16.82 2.99 -0.77
N GLY A 3 -15.45 12.41 -4.17
CA GLY A 3 -15.53 11.58 -2.94
C GLY A 3 -14.16 11.10 -2.48
N LYS A 4 -14.15 10.04 -1.65
CA LYS A 4 -12.94 9.42 -1.05
C LYS A 4 -13.02 7.89 -1.05
N ILE A 5 -11.86 7.26 -0.82
CA ILE A 5 -11.69 5.80 -0.64
C ILE A 5 -10.74 5.55 0.54
N ARG A 6 -10.70 4.30 1.03
CA ARG A 6 -9.79 3.85 2.10
C ARG A 6 -8.93 2.70 1.59
N ALA A 7 -7.66 2.71 2.02
CA ALA A 7 -6.69 1.69 1.65
C ALA A 7 -5.62 1.50 2.74
N SER A 8 -4.87 0.41 2.61
CA SER A 8 -3.71 0.06 3.43
C SER A 8 -2.47 -0.05 2.54
N HIS A 9 -1.28 0.23 3.07
CA HIS A 9 -0.04 0.27 2.27
C HIS A 9 1.19 -0.37 2.95
N ILE A 10 2.23 -0.56 2.14
CA ILE A 10 3.57 -1.03 2.51
C ILE A 10 4.57 -0.17 1.71
N LEU A 11 5.26 0.75 2.39
CA LEU A 11 6.19 1.71 1.79
C LEU A 11 7.64 1.25 2.04
N VAL A 12 8.44 1.16 0.97
CA VAL A 12 9.81 0.63 0.99
C VAL A 12 10.79 1.53 0.23
N ALA A 13 12.09 1.41 0.55
CA ALA A 13 13.15 2.22 -0.07
C ALA A 13 13.40 1.91 -1.56
N ASP A 14 13.19 0.65 -1.98
CA ASP A 14 13.44 0.18 -3.34
C ASP A 14 12.56 -1.04 -3.71
N LYS A 15 12.28 -1.23 -5.01
CA LYS A 15 11.52 -2.37 -5.55
C LYS A 15 12.08 -3.75 -5.13
N LYS A 16 13.38 -3.88 -4.84
CA LYS A 16 13.99 -5.11 -4.33
C LYS A 16 13.29 -5.65 -3.06
N THR A 17 12.82 -4.74 -2.20
CA THR A 17 12.03 -5.07 -1.00
C THR A 17 10.56 -5.38 -1.38
N ALA A 18 10.00 -4.63 -2.34
CA ALA A 18 8.62 -4.82 -2.81
C ALA A 18 8.38 -6.19 -3.47
N GLU A 19 9.29 -6.67 -4.31
CA GLU A 19 9.14 -7.98 -4.96
C GLU A 19 9.20 -9.14 -3.94
N GLU A 20 9.91 -9.02 -2.82
CA GLU A 20 9.90 -10.02 -1.76
C GLU A 20 8.52 -10.08 -1.07
N VAL A 21 7.89 -8.93 -0.84
CA VAL A 21 6.53 -8.86 -0.29
C VAL A 21 5.50 -9.48 -1.25
N GLU A 22 5.63 -9.27 -2.57
CA GLU A 22 4.78 -9.94 -3.55
C GLU A 22 4.88 -11.48 -3.45
N LYS A 23 6.08 -12.02 -3.23
CA LYS A 23 6.31 -13.46 -3.00
C LYS A 23 5.72 -13.90 -1.66
N LYS A 24 5.92 -13.14 -0.57
CA LYS A 24 5.33 -13.42 0.75
C LYS A 24 3.79 -13.51 0.73
N LEU A 25 3.14 -12.61 -0.01
CA LEU A 25 1.69 -12.63 -0.25
C LEU A 25 1.22 -13.90 -0.97
N LYS A 26 2.01 -14.41 -1.95
CA LYS A 26 1.75 -15.66 -2.67
C LYS A 26 1.99 -16.92 -1.80
N LYS A 27 3.00 -16.89 -0.92
CA LYS A 27 3.28 -17.97 0.06
C LYS A 27 2.15 -18.13 1.08
N GLY A 28 1.46 -17.03 1.42
CA GLY A 28 0.28 -17.03 2.28
C GLY A 28 0.28 -16.01 3.44
N GLU A 29 1.32 -15.19 3.59
CA GLU A 29 1.40 -14.19 4.66
C GLU A 29 0.39 -13.04 4.50
N LYS A 30 -0.11 -12.52 5.62
CA LYS A 30 -1.13 -11.45 5.67
C LYS A 30 -0.53 -10.08 5.33
N PHE A 31 -1.25 -9.27 4.56
CA PHE A 31 -0.84 -7.89 4.20
C PHE A 31 -0.56 -7.03 5.44
N GLU A 32 -1.39 -7.14 6.48
CA GLU A 32 -1.21 -6.40 7.74
C GLU A 32 0.04 -6.83 8.52
N ASP A 33 0.37 -8.12 8.52
CA ASP A 33 1.60 -8.64 9.14
C ASP A 33 2.86 -8.27 8.34
N LEU A 34 2.76 -8.25 7.01
CA LEU A 34 3.85 -7.80 6.13
C LEU A 34 4.10 -6.28 6.27
N ALA A 35 3.06 -5.47 6.49
CA ALA A 35 3.24 -4.04 6.78
C ALA A 35 4.09 -3.83 8.05
N LYS A 36 3.87 -4.65 9.09
CA LYS A 36 4.65 -4.69 10.33
C LYS A 36 6.07 -5.26 10.20
N GLU A 37 6.46 -5.78 9.02
CA GLU A 37 7.75 -6.45 8.78
C GLU A 37 8.58 -5.84 7.64
N TYR A 38 7.96 -5.09 6.73
CA TYR A 38 8.60 -4.53 5.53
C TYR A 38 8.37 -3.02 5.32
N SER A 39 7.22 -2.47 5.74
CA SER A 39 6.94 -1.03 5.61
C SER A 39 7.84 -0.18 6.52
N THR A 40 8.22 1.01 6.06
CA THR A 40 8.98 2.01 6.84
C THR A 40 8.12 3.16 7.38
N ASP A 41 6.86 3.26 6.95
CA ASP A 41 5.90 4.27 7.43
C ASP A 41 5.32 3.90 8.81
N SER A 42 5.03 4.91 9.64
CA SER A 42 4.40 4.75 10.96
C SER A 42 3.01 4.05 10.94
N SER A 43 2.33 4.03 9.78
CA SER A 43 1.07 3.33 9.57
C SER A 43 1.16 1.80 9.75
N ALA A 44 2.37 1.23 9.78
CA ALA A 44 2.59 -0.20 10.07
C ALA A 44 1.93 -0.64 11.39
N SER A 45 1.89 0.23 12.40
CA SER A 45 1.22 0.01 13.71
C SER A 45 -0.31 -0.18 13.61
N LYS A 46 -0.90 0.08 12.44
CA LYS A 46 -2.33 -0.09 12.11
C LYS A 46 -2.55 -1.14 11.00
N GLY A 47 -1.54 -1.98 10.73
CA GLY A 47 -1.54 -2.96 9.64
C GLY A 47 -1.40 -2.31 8.25
N GLY A 48 -0.91 -1.06 8.19
CA GLY A 48 -0.75 -0.28 6.96
C GLY A 48 -1.90 0.67 6.64
N ASP A 49 -3.02 0.62 7.38
CA ASP A 49 -4.22 1.44 7.14
C ASP A 49 -3.92 2.96 7.15
N LEU A 50 -4.34 3.65 6.08
CA LEU A 50 -4.20 5.09 5.90
C LEU A 50 -5.50 5.88 6.18
N GLY A 51 -6.62 5.20 6.44
CA GLY A 51 -7.93 5.84 6.59
C GLY A 51 -8.45 6.41 5.24
N TRP A 52 -9.54 7.16 5.29
CA TRP A 52 -10.15 7.75 4.08
C TRP A 52 -9.32 8.91 3.51
N PHE A 53 -9.03 8.88 2.21
CA PHE A 53 -8.23 9.91 1.51
C PHE A 53 -8.70 10.21 0.07
N ALA A 54 -8.12 11.27 -0.52
CA ALA A 54 -8.47 11.81 -1.82
C ALA A 54 -7.24 12.06 -2.72
N LYS A 55 -7.39 11.77 -4.02
CA LYS A 55 -6.35 11.95 -5.05
C LYS A 55 -5.92 13.41 -5.26
N GLU A 56 -6.81 14.37 -4.96
CA GLU A 56 -6.60 15.81 -5.20
C GLU A 56 -5.49 16.48 -4.37
N GLY A 57 -4.99 15.83 -3.31
CA GLY A 57 -3.86 16.36 -2.53
C GLY A 57 -3.59 15.73 -1.16
N GLN A 58 -4.53 14.97 -0.57
CA GLN A 58 -4.33 14.32 0.75
C GLN A 58 -3.24 13.24 0.72
N MET A 59 -2.98 12.65 -0.45
CA MET A 59 -1.91 11.68 -0.73
C MET A 59 -1.20 12.02 -2.07
N ASP A 60 -0.02 11.43 -2.31
CA ASP A 60 0.71 11.56 -3.58
C ASP A 60 -0.12 11.06 -4.78
N GLU A 61 -0.16 11.80 -5.88
CA GLU A 61 -0.97 11.46 -7.05
C GLU A 61 -0.58 10.11 -7.70
N THR A 62 0.72 9.77 -7.70
CA THR A 62 1.26 8.54 -8.27
C THR A 62 0.78 7.30 -7.51
N PHE A 63 0.68 7.42 -6.19
CA PHE A 63 0.13 6.40 -5.29
C PHE A 63 -1.40 6.37 -5.40
N SER A 64 -2.05 7.55 -5.38
CA SER A 64 -3.50 7.71 -5.37
C SER A 64 -4.19 7.18 -6.63
N LYS A 65 -3.64 7.42 -7.82
CA LYS A 65 -4.22 6.93 -9.09
C LYS A 65 -4.39 5.41 -9.11
N ALA A 66 -3.44 4.70 -8.51
CA ALA A 66 -3.49 3.25 -8.34
C ALA A 66 -4.45 2.84 -7.20
N ALA A 67 -4.39 3.51 -6.05
CA ALA A 67 -5.28 3.26 -4.90
C ALA A 67 -6.77 3.36 -5.24
N PHE A 68 -7.14 4.31 -6.12
CA PHE A 68 -8.52 4.52 -6.56
C PHE A 68 -8.97 3.51 -7.64
N LYS A 69 -8.05 3.07 -8.53
CA LYS A 69 -8.32 2.10 -9.62
C LYS A 69 -8.63 0.69 -9.12
N LEU A 70 -8.08 0.31 -7.97
CA LEU A 70 -8.36 -0.97 -7.26
C LEU A 70 -9.84 -1.11 -6.86
N LYS A 71 -10.21 -2.31 -6.39
CA LYS A 71 -11.51 -2.65 -5.83
C LYS A 71 -11.31 -3.21 -4.41
N THR A 72 -12.24 -2.94 -3.51
CA THR A 72 -12.12 -3.29 -2.08
C THR A 72 -11.83 -4.78 -1.88
N GLY A 73 -10.63 -5.09 -1.35
CA GLY A 73 -10.10 -6.44 -1.14
C GLY A 73 -8.90 -6.78 -2.03
N GLU A 74 -8.73 -6.10 -3.17
CA GLU A 74 -7.67 -6.36 -4.16
C GLU A 74 -6.32 -5.74 -3.74
N VAL A 75 -5.23 -6.47 -4.00
CA VAL A 75 -3.84 -6.06 -3.70
C VAL A 75 -3.12 -5.65 -5.01
N SER A 76 -2.37 -4.56 -4.95
CA SER A 76 -1.69 -3.93 -6.08
C SER A 76 -0.28 -4.46 -6.36
N ASP A 77 0.24 -4.09 -7.53
CA ASP A 77 1.64 -4.28 -7.93
C ASP A 77 2.49 -3.10 -7.41
N PRO A 78 3.84 -3.19 -7.40
CA PRO A 78 4.72 -2.09 -6.97
C PRO A 78 4.50 -0.76 -7.72
N VAL A 79 4.55 0.35 -6.99
CA VAL A 79 4.33 1.72 -7.49
C VAL A 79 5.45 2.65 -7.01
N LYS A 80 6.26 3.18 -7.94
CA LYS A 80 7.31 4.17 -7.64
C LYS A 80 6.69 5.53 -7.28
N THR A 81 7.31 6.26 -6.34
CA THR A 81 6.87 7.59 -5.87
C THR A 81 8.08 8.48 -5.55
N GLN A 82 7.83 9.73 -5.10
CA GLN A 82 8.87 10.64 -4.60
C GLN A 82 9.59 10.14 -3.32
N TYR A 83 9.00 9.16 -2.62
CA TYR A 83 9.52 8.62 -1.35
C TYR A 83 10.32 7.31 -1.52
N GLY A 84 10.02 6.53 -2.57
CA GLY A 84 10.63 5.23 -2.86
C GLY A 84 9.71 4.37 -3.72
N TYR A 85 9.28 3.23 -3.19
CA TYR A 85 8.31 2.32 -3.80
C TYR A 85 7.21 1.96 -2.78
N HIS A 86 6.02 1.66 -3.28
CA HIS A 86 4.83 1.37 -2.48
C HIS A 86 4.08 0.15 -3.03
N ILE A 87 3.33 -0.51 -2.15
CA ILE A 87 2.39 -1.60 -2.45
C ILE A 87 1.12 -1.19 -1.70
N ILE A 88 -0.04 -1.38 -2.32
CA ILE A 88 -1.32 -0.91 -1.79
C ILE A 88 -2.37 -2.03 -1.82
N LYS A 89 -3.40 -1.88 -1.00
CA LYS A 89 -4.59 -2.73 -0.98
C LYS A 89 -5.78 -1.87 -0.58
N LYS A 90 -6.81 -1.78 -1.43
CA LYS A 90 -8.04 -1.03 -1.12
C LYS A 90 -8.87 -1.78 -0.07
N THR A 91 -9.41 -1.07 0.92
CA THR A 91 -10.11 -1.68 2.07
C THR A 91 -11.51 -1.13 2.38
N GLU A 92 -11.92 0.01 1.80
CA GLU A 92 -13.28 0.55 1.93
C GLU A 92 -13.60 1.57 0.82
N GLU A 93 -14.87 1.62 0.38
CA GLU A 93 -15.35 2.49 -0.71
C GLU A 93 -16.88 2.77 -0.68
N GLY A 3 -15.55 12.83 -3.33
CA GLY A 3 -15.59 11.47 -2.74
C GLY A 3 -14.26 11.05 -2.14
N LYS A 4 -14.27 9.96 -1.36
CA LYS A 4 -13.10 9.37 -0.68
C LYS A 4 -13.11 7.83 -0.73
N ILE A 5 -11.95 7.24 -0.43
CA ILE A 5 -11.73 5.79 -0.29
C ILE A 5 -10.80 5.52 0.91
N ARG A 6 -10.67 4.25 1.31
CA ARG A 6 -9.76 3.79 2.37
C ARG A 6 -8.93 2.61 1.84
N ALA A 7 -7.67 2.55 2.26
CA ALA A 7 -6.71 1.53 1.83
C ALA A 7 -5.62 1.29 2.89
N SER A 8 -4.85 0.22 2.67
CA SER A 8 -3.67 -0.16 3.45
C SER A 8 -2.45 -0.29 2.54
N HIS A 9 -1.24 -0.07 3.06
CA HIS A 9 -0.01 -0.05 2.25
C HIS A 9 1.22 -0.72 2.90
N ILE A 10 2.25 -0.92 2.08
CA ILE A 10 3.59 -1.41 2.46
C ILE A 10 4.60 -0.55 1.70
N LEU A 11 5.29 0.36 2.39
CA LEU A 11 6.22 1.34 1.82
C LEU A 11 7.66 0.91 2.08
N VAL A 12 8.49 0.86 1.03
CA VAL A 12 9.88 0.37 1.07
C VAL A 12 10.83 1.33 0.35
N ALA A 13 12.10 1.33 0.76
CA ALA A 13 13.13 2.22 0.20
C ALA A 13 13.55 1.87 -1.24
N ASP A 14 13.38 0.61 -1.66
CA ASP A 14 13.76 0.11 -2.98
C ASP A 14 12.86 -1.06 -3.44
N LYS A 15 12.64 -1.17 -4.76
CA LYS A 15 11.81 -2.22 -5.39
C LYS A 15 12.27 -3.66 -5.08
N LYS A 16 13.54 -3.89 -4.71
CA LYS A 16 14.03 -5.22 -4.28
C LYS A 16 13.22 -5.81 -3.12
N THR A 17 12.76 -4.96 -2.19
CA THR A 17 11.89 -5.38 -1.07
C THR A 17 10.43 -5.55 -1.53
N ALA A 18 9.95 -4.69 -2.44
CA ALA A 18 8.61 -4.82 -3.03
C ALA A 18 8.45 -6.15 -3.80
N GLU A 19 9.45 -6.53 -4.58
CA GLU A 19 9.53 -7.81 -5.29
C GLU A 19 9.42 -9.01 -4.34
N GLU A 20 10.09 -8.97 -3.18
CA GLU A 20 9.97 -10.02 -2.15
C GLU A 20 8.57 -10.06 -1.53
N VAL A 21 8.00 -8.89 -1.17
CA VAL A 21 6.63 -8.79 -0.62
C VAL A 21 5.58 -9.38 -1.57
N GLU A 22 5.73 -9.23 -2.89
CA GLU A 22 4.83 -9.88 -3.85
C GLU A 22 4.85 -11.42 -3.73
N LYS A 23 6.05 -12.02 -3.52
CA LYS A 23 6.17 -13.47 -3.27
C LYS A 23 5.55 -13.87 -1.94
N LYS A 24 5.79 -13.08 -0.87
CA LYS A 24 5.21 -13.29 0.46
C LYS A 24 3.67 -13.29 0.44
N LEU A 25 3.07 -12.36 -0.29
CA LEU A 25 1.62 -12.28 -0.51
C LEU A 25 1.09 -13.51 -1.27
N LYS A 26 1.77 -13.94 -2.35
CA LYS A 26 1.40 -15.12 -3.16
C LYS A 26 1.55 -16.45 -2.39
N LYS A 27 2.55 -16.56 -1.51
CA LYS A 27 2.76 -17.73 -0.62
C LYS A 27 1.64 -17.89 0.43
N GLY A 28 0.95 -16.80 0.80
CA GLY A 28 -0.22 -16.80 1.68
C GLY A 28 -0.13 -15.91 2.92
N GLU A 29 1.00 -15.23 3.16
CA GLU A 29 1.14 -14.33 4.32
C GLU A 29 0.25 -13.08 4.16
N LYS A 30 -0.51 -12.75 5.22
CA LYS A 30 -1.51 -11.67 5.21
C LYS A 30 -0.88 -10.29 4.97
N PHE A 31 -1.50 -9.46 4.14
CA PHE A 31 -1.07 -8.09 3.85
C PHE A 31 -0.87 -7.24 5.12
N GLU A 32 -1.81 -7.35 6.07
CA GLU A 32 -1.78 -6.63 7.35
C GLU A 32 -0.59 -7.02 8.24
N ASP A 33 -0.21 -8.30 8.24
CA ASP A 33 0.96 -8.82 8.96
C ASP A 33 2.29 -8.47 8.25
N LEU A 34 2.31 -8.47 6.91
CA LEU A 34 3.47 -8.05 6.11
C LEU A 34 3.77 -6.55 6.28
N ALA A 35 2.76 -5.70 6.45
CA ALA A 35 2.98 -4.28 6.74
C ALA A 35 3.77 -4.06 8.04
N LYS A 36 3.58 -4.93 9.04
CA LYS A 36 4.34 -4.93 10.31
C LYS A 36 5.75 -5.56 10.20
N GLU A 37 6.15 -6.06 9.02
CA GLU A 37 7.41 -6.78 8.79
C GLU A 37 8.28 -6.19 7.66
N TYR A 38 7.68 -5.48 6.70
CA TYR A 38 8.36 -4.95 5.49
C TYR A 38 8.19 -3.44 5.28
N SER A 39 7.06 -2.85 5.68
CA SER A 39 6.84 -1.40 5.59
C SER A 39 7.80 -0.62 6.52
N THR A 40 8.15 0.61 6.13
CA THR A 40 8.97 1.55 6.93
C THR A 40 8.22 2.82 7.33
N ASP A 41 6.96 2.97 6.91
CA ASP A 41 6.09 4.08 7.33
C ASP A 41 5.54 3.86 8.75
N SER A 42 5.24 4.95 9.48
CA SER A 42 4.60 4.89 10.81
C SER A 42 3.26 4.14 10.84
N SER A 43 2.57 4.03 9.70
CA SER A 43 1.33 3.26 9.50
C SER A 43 1.50 1.75 9.67
N ALA A 44 2.74 1.22 9.73
CA ALA A 44 3.03 -0.19 10.01
C ALA A 44 2.36 -0.67 11.32
N SER A 45 2.41 0.17 12.37
CA SER A 45 1.78 -0.09 13.69
C SER A 45 0.24 -0.18 13.66
N LYS A 46 -0.39 0.25 12.56
CA LYS A 46 -1.85 0.15 12.29
C LYS A 46 -2.18 -1.01 11.32
N GLY A 47 -1.21 -1.88 11.02
CA GLY A 47 -1.34 -2.95 10.03
C GLY A 47 -1.29 -2.44 8.58
N GLY A 48 -0.72 -1.25 8.37
CA GLY A 48 -0.61 -0.58 7.06
C GLY A 48 -1.77 0.35 6.72
N ASP A 49 -2.87 0.35 7.50
CA ASP A 49 -4.04 1.21 7.27
C ASP A 49 -3.69 2.71 7.25
N LEU A 50 -4.19 3.41 6.24
CA LEU A 50 -3.98 4.85 6.01
C LEU A 50 -5.21 5.72 6.33
N GLY A 51 -6.35 5.12 6.66
CA GLY A 51 -7.62 5.84 6.84
C GLY A 51 -8.17 6.39 5.52
N TRP A 52 -9.22 7.22 5.60
CA TRP A 52 -9.88 7.77 4.40
C TRP A 52 -9.09 8.91 3.74
N PHE A 53 -9.01 8.92 2.41
CA PHE A 53 -8.33 9.93 1.59
C PHE A 53 -8.96 10.10 0.19
N ALA A 54 -8.46 11.07 -0.59
CA ALA A 54 -8.98 11.47 -1.90
C ALA A 54 -7.88 11.60 -2.99
N LYS A 55 -8.30 11.89 -4.23
CA LYS A 55 -7.45 12.15 -5.42
C LYS A 55 -6.44 13.31 -5.28
N GLU A 56 -6.60 14.15 -4.26
CA GLU A 56 -5.82 15.38 -4.00
C GLU A 56 -4.30 15.17 -3.76
N GLY A 57 -3.83 13.93 -3.60
CA GLY A 57 -2.42 13.62 -3.33
C GLY A 57 -2.09 13.57 -1.84
N GLN A 58 -3.05 13.13 -1.01
CA GLN A 58 -2.97 13.10 0.46
C GLN A 58 -1.75 12.33 1.01
N MET A 59 -1.29 11.29 0.31
CA MET A 59 -0.09 10.52 0.63
C MET A 59 1.03 10.83 -0.38
N ASP A 60 0.73 10.64 -1.67
CA ASP A 60 1.52 10.97 -2.84
C ASP A 60 0.58 10.97 -4.06
N GLU A 61 0.85 11.80 -5.09
CA GLU A 61 -0.05 11.94 -6.23
C GLU A 61 -0.22 10.63 -7.04
N THR A 62 0.89 9.99 -7.43
CA THR A 62 0.89 8.71 -8.17
C THR A 62 0.26 7.58 -7.33
N PHE A 63 0.56 7.54 -6.02
CA PHE A 63 -0.04 6.60 -5.08
C PHE A 63 -1.57 6.77 -5.03
N SER A 64 -2.06 8.01 -4.96
CA SER A 64 -3.50 8.32 -4.91
C SER A 64 -4.21 7.89 -6.20
N LYS A 65 -3.60 8.14 -7.37
CA LYS A 65 -4.13 7.67 -8.67
C LYS A 65 -4.22 6.13 -8.72
N ALA A 66 -3.19 5.43 -8.25
CA ALA A 66 -3.15 3.97 -8.20
C ALA A 66 -4.22 3.39 -7.23
N ALA A 67 -4.34 3.92 -6.00
CA ALA A 67 -5.33 3.49 -5.02
C ALA A 67 -6.78 3.61 -5.53
N PHE A 68 -7.10 4.66 -6.32
CA PHE A 68 -8.44 4.86 -6.88
C PHE A 68 -8.76 3.92 -8.06
N LYS A 69 -7.75 3.45 -8.81
CA LYS A 69 -7.91 2.49 -9.92
C LYS A 69 -8.36 1.09 -9.44
N LEU A 70 -7.96 0.70 -8.23
CA LEU A 70 -8.32 -0.56 -7.57
C LEU A 70 -9.83 -0.67 -7.23
N LYS A 71 -10.30 -1.89 -7.04
CA LYS A 71 -11.65 -2.22 -6.55
C LYS A 71 -11.57 -2.73 -5.10
N THR A 72 -12.68 -2.72 -4.35
CA THR A 72 -12.67 -3.05 -2.91
C THR A 72 -12.06 -4.43 -2.63
N GLY A 73 -11.01 -4.48 -1.81
CA GLY A 73 -10.27 -5.70 -1.44
C GLY A 73 -9.11 -6.07 -2.37
N GLU A 74 -8.93 -5.39 -3.50
CA GLU A 74 -7.92 -5.72 -4.50
C GLU A 74 -6.51 -5.23 -4.12
N VAL A 75 -5.52 -6.11 -4.27
CA VAL A 75 -4.09 -5.82 -4.07
C VAL A 75 -3.47 -5.23 -5.35
N SER A 76 -2.53 -4.31 -5.17
CA SER A 76 -1.87 -3.54 -6.23
C SER A 76 -0.41 -3.98 -6.46
N ASP A 77 0.05 -3.89 -7.71
CA ASP A 77 1.45 -4.10 -8.08
C ASP A 77 2.29 -2.90 -7.54
N PRO A 78 3.64 -2.97 -7.52
CA PRO A 78 4.51 -1.91 -7.01
C PRO A 78 4.31 -0.55 -7.71
N VAL A 79 4.46 0.53 -6.95
CA VAL A 79 4.23 1.93 -7.36
C VAL A 79 5.39 2.80 -6.90
N LYS A 80 6.17 3.37 -7.83
CA LYS A 80 7.25 4.33 -7.52
C LYS A 80 6.66 5.69 -7.12
N THR A 81 7.29 6.36 -6.15
CA THR A 81 6.83 7.64 -5.58
C THR A 81 8.01 8.56 -5.22
N GLN A 82 7.71 9.75 -4.71
CA GLN A 82 8.71 10.70 -4.19
C GLN A 82 9.49 10.20 -2.94
N TYR A 83 9.07 9.09 -2.32
CA TYR A 83 9.65 8.53 -1.09
C TYR A 83 10.40 7.20 -1.30
N GLY A 84 10.07 6.45 -2.35
CA GLY A 84 10.62 5.12 -2.64
C GLY A 84 9.68 4.32 -3.54
N TYR A 85 9.29 3.13 -3.08
CA TYR A 85 8.30 2.27 -3.73
C TYR A 85 7.22 1.84 -2.73
N HIS A 86 6.00 1.68 -3.21
CA HIS A 86 4.82 1.35 -2.41
C HIS A 86 4.07 0.16 -3.01
N ILE A 87 3.39 -0.57 -2.14
CA ILE A 87 2.46 -1.67 -2.45
C ILE A 87 1.18 -1.29 -1.70
N ILE A 88 0.02 -1.53 -2.31
CA ILE A 88 -1.27 -1.08 -1.77
C ILE A 88 -2.34 -2.17 -1.86
N LYS A 89 -3.38 -2.04 -1.04
CA LYS A 89 -4.59 -2.86 -1.06
C LYS A 89 -5.77 -2.01 -0.59
N LYS A 90 -6.79 -1.84 -1.45
CA LYS A 90 -8.00 -1.07 -1.13
C LYS A 90 -8.84 -1.82 -0.08
N THR A 91 -9.42 -1.11 0.89
CA THR A 91 -10.15 -1.72 2.03
C THR A 91 -11.57 -1.18 2.23
N GLU A 92 -11.92 0.02 1.76
CA GLU A 92 -13.28 0.56 1.83
C GLU A 92 -13.53 1.68 0.78
N GLU A 93 -14.80 1.89 0.39
CA GLU A 93 -15.25 2.93 -0.55
C GLU A 93 -16.74 3.29 -0.43
N GLY A 3 -16.48 9.76 -5.23
CA GLY A 3 -15.89 10.47 -4.07
C GLY A 3 -14.61 9.81 -3.57
N LYS A 4 -14.33 9.94 -2.27
CA LYS A 4 -13.17 9.31 -1.60
C LYS A 4 -13.23 7.78 -1.57
N ILE A 5 -12.09 7.15 -1.29
CA ILE A 5 -11.90 5.70 -1.09
C ILE A 5 -10.94 5.48 0.10
N ARG A 6 -10.84 4.24 0.59
CA ARG A 6 -9.94 3.84 1.68
C ARG A 6 -9.03 2.70 1.23
N ALA A 7 -7.78 2.73 1.68
CA ALA A 7 -6.78 1.72 1.38
C ALA A 7 -5.71 1.59 2.50
N SER A 8 -4.90 0.54 2.37
CA SER A 8 -3.74 0.26 3.23
C SER A 8 -2.51 0.06 2.35
N HIS A 9 -1.31 0.37 2.84
CA HIS A 9 -0.07 0.24 2.07
C HIS A 9 1.14 -0.32 2.85
N ILE A 10 2.21 -0.64 2.10
CA ILE A 10 3.49 -1.17 2.61
C ILE A 10 4.63 -0.34 2.00
N LEU A 11 5.04 0.70 2.73
CA LEU A 11 6.06 1.69 2.32
C LEU A 11 7.47 1.19 2.65
N VAL A 12 8.33 1.08 1.64
CA VAL A 12 9.69 0.54 1.74
C VAL A 12 10.72 1.47 1.08
N ALA A 13 11.96 1.44 1.58
CA ALA A 13 13.04 2.30 1.13
C ALA A 13 13.57 1.98 -0.29
N ASP A 14 13.40 0.73 -0.75
CA ASP A 14 13.86 0.26 -2.07
C ASP A 14 12.96 -0.89 -2.59
N LYS A 15 12.80 -0.96 -3.91
CA LYS A 15 11.99 -1.97 -4.61
C LYS A 15 12.43 -3.42 -4.33
N LYS A 16 13.67 -3.68 -3.92
CA LYS A 16 14.11 -5.05 -3.52
C LYS A 16 13.27 -5.61 -2.36
N THR A 17 12.83 -4.75 -1.44
CA THR A 17 11.93 -5.12 -0.33
C THR A 17 10.50 -5.33 -0.85
N ALA A 18 10.05 -4.51 -1.83
CA ALA A 18 8.76 -4.68 -2.49
C ALA A 18 8.67 -6.04 -3.23
N GLU A 19 9.73 -6.44 -3.95
CA GLU A 19 9.82 -7.76 -4.61
C GLU A 19 9.74 -8.92 -3.60
N GLU A 20 10.31 -8.77 -2.40
CA GLU A 20 10.19 -9.78 -1.33
C GLU A 20 8.73 -9.88 -0.85
N VAL A 21 8.07 -8.74 -0.62
CA VAL A 21 6.65 -8.69 -0.22
C VAL A 21 5.73 -9.26 -1.29
N GLU A 22 6.01 -9.05 -2.59
CA GLU A 22 5.25 -9.68 -3.68
C GLU A 22 5.29 -11.21 -3.59
N LYS A 23 6.48 -11.80 -3.32
CA LYS A 23 6.62 -13.25 -3.10
C LYS A 23 5.85 -13.70 -1.86
N LYS A 24 5.92 -12.95 -0.74
CA LYS A 24 5.15 -13.23 0.48
C LYS A 24 3.63 -13.25 0.24
N LEU A 25 3.11 -12.28 -0.52
CA LEU A 25 1.71 -12.23 -0.92
C LEU A 25 1.30 -13.41 -1.81
N LYS A 26 2.15 -13.79 -2.78
CA LYS A 26 1.93 -14.97 -3.66
C LYS A 26 1.96 -16.30 -2.90
N LYS A 27 2.85 -16.42 -1.89
CA LYS A 27 2.95 -17.59 -0.98
C LYS A 27 1.72 -17.74 -0.06
N GLY A 28 1.01 -16.65 0.23
CA GLY A 28 -0.25 -16.64 0.99
C GLY A 28 -0.26 -15.82 2.28
N GLU A 29 0.79 -15.05 2.58
CA GLU A 29 0.86 -14.23 3.81
C GLU A 29 -0.18 -13.10 3.80
N LYS A 30 -0.64 -12.72 5.00
CA LYS A 30 -1.67 -11.67 5.20
C LYS A 30 -1.06 -10.28 4.98
N PHE A 31 -1.68 -9.45 4.15
CA PHE A 31 -1.22 -8.08 3.86
C PHE A 31 -1.02 -7.23 5.14
N GLU A 32 -1.93 -7.36 6.10
CA GLU A 32 -1.87 -6.67 7.40
C GLU A 32 -0.63 -7.09 8.22
N ASP A 33 -0.28 -8.38 8.21
CA ASP A 33 0.90 -8.91 8.89
C ASP A 33 2.21 -8.48 8.18
N LEU A 34 2.20 -8.41 6.85
CA LEU A 34 3.34 -7.90 6.07
C LEU A 34 3.54 -6.40 6.31
N ALA A 35 2.48 -5.60 6.44
CA ALA A 35 2.60 -4.18 6.80
C ALA A 35 3.29 -4.02 8.18
N LYS A 36 2.97 -4.90 9.13
CA LYS A 36 3.59 -5.00 10.47
C LYS A 36 5.01 -5.61 10.48
N GLU A 37 5.58 -5.98 9.33
CA GLU A 37 6.91 -6.63 9.23
C GLU A 37 7.86 -5.98 8.20
N TYR A 38 7.32 -5.29 7.18
CA TYR A 38 8.08 -4.72 6.06
C TYR A 38 7.87 -3.20 5.86
N SER A 39 6.66 -2.68 6.13
CA SER A 39 6.36 -1.25 6.01
C SER A 39 7.15 -0.38 7.02
N THR A 40 7.26 0.90 6.68
CA THR A 40 7.88 1.97 7.48
C THR A 40 6.99 3.22 7.60
N ASP A 41 5.74 3.15 7.13
CA ASP A 41 4.75 4.24 7.19
C ASP A 41 4.18 4.51 8.60
N SER A 42 3.45 5.62 8.75
CA SER A 42 2.85 6.10 10.01
C SER A 42 1.84 5.14 10.68
N SER A 43 1.38 4.12 9.97
CA SER A 43 0.43 3.09 10.42
C SER A 43 0.99 1.67 10.26
N ALA A 44 2.30 1.50 10.03
CA ALA A 44 2.94 0.19 9.84
C ALA A 44 2.61 -0.80 10.98
N SER A 45 2.70 -0.34 12.23
CA SER A 45 2.34 -1.09 13.46
C SER A 45 0.85 -1.42 13.63
N LYS A 46 -0.01 -0.89 12.75
CA LYS A 46 -1.48 -0.99 12.79
C LYS A 46 -2.07 -1.78 11.60
N GLY A 47 -1.24 -2.19 10.64
CA GLY A 47 -1.66 -2.87 9.40
C GLY A 47 -1.58 -2.00 8.14
N GLY A 48 -1.04 -0.78 8.24
CA GLY A 48 -0.80 0.12 7.10
C GLY A 48 -2.00 0.96 6.65
N ASP A 49 -3.11 0.97 7.40
CA ASP A 49 -4.34 1.72 7.06
C ASP A 49 -4.12 3.23 7.02
N LEU A 50 -4.71 3.89 6.02
CA LEU A 50 -4.60 5.33 5.74
C LEU A 50 -5.92 6.09 5.94
N GLY A 51 -7.04 5.41 6.18
CA GLY A 51 -8.36 6.02 6.24
C GLY A 51 -8.82 6.54 4.86
N TRP A 52 -9.92 7.31 4.83
CA TRP A 52 -10.49 7.82 3.58
C TRP A 52 -9.67 8.99 2.98
N PHE A 53 -9.37 8.90 1.68
CA PHE A 53 -8.62 9.90 0.92
C PHE A 53 -9.07 10.01 -0.56
N ALA A 54 -8.51 10.97 -1.29
CA ALA A 54 -8.86 11.32 -2.68
C ALA A 54 -7.69 11.20 -3.67
N LYS A 55 -8.03 11.04 -4.95
CA LYS A 55 -7.12 10.78 -6.08
C LYS A 55 -6.11 11.91 -6.38
N GLU A 56 -6.41 13.13 -5.95
CA GLU A 56 -5.64 14.35 -6.22
C GLU A 56 -4.15 14.30 -5.82
N GLY A 57 -3.84 13.73 -4.65
CA GLY A 57 -2.47 13.70 -4.10
C GLY A 57 -2.39 13.79 -2.57
N GLN A 58 -3.33 13.17 -1.85
CA GLN A 58 -3.43 13.27 -0.38
C GLN A 58 -2.29 12.59 0.40
N MET A 59 -1.54 11.67 -0.23
CA MET A 59 -0.36 11.02 0.36
C MET A 59 0.90 11.31 -0.49
N ASP A 60 0.79 11.03 -1.79
CA ASP A 60 1.74 11.29 -2.88
C ASP A 60 0.93 11.24 -4.19
N GLU A 61 1.28 12.04 -5.21
CA GLU A 61 0.50 12.12 -6.45
C GLU A 61 0.40 10.78 -7.20
N THR A 62 1.54 10.09 -7.35
CA THR A 62 1.61 8.78 -8.03
C THR A 62 0.90 7.69 -7.23
N PHE A 63 1.05 7.69 -5.90
CA PHE A 63 0.31 6.77 -5.02
C PHE A 63 -1.21 6.97 -5.10
N SER A 64 -1.65 8.23 -5.02
CA SER A 64 -3.09 8.59 -4.97
C SER A 64 -3.82 8.24 -6.28
N LYS A 65 -3.19 8.46 -7.45
CA LYS A 65 -3.79 8.05 -8.74
C LYS A 65 -3.83 6.54 -8.91
N ALA A 66 -2.79 5.83 -8.47
CA ALA A 66 -2.70 4.37 -8.54
C ALA A 66 -3.73 3.65 -7.66
N ALA A 67 -3.99 4.11 -6.42
CA ALA A 67 -4.95 3.52 -5.49
C ALA A 67 -6.40 3.44 -6.03
N PHE A 68 -6.79 4.37 -6.91
CA PHE A 68 -8.12 4.40 -7.52
C PHE A 68 -8.31 3.40 -8.68
N LYS A 69 -7.24 2.74 -9.17
CA LYS A 69 -7.26 1.80 -10.31
C LYS A 69 -7.77 0.39 -9.96
N LEU A 70 -8.11 0.12 -8.70
CA LEU A 70 -8.50 -1.19 -8.17
C LEU A 70 -9.79 -1.13 -7.32
N LYS A 71 -10.25 -2.31 -6.87
CA LYS A 71 -11.51 -2.53 -6.14
C LYS A 71 -11.27 -3.08 -4.73
N THR A 72 -12.18 -2.80 -3.81
CA THR A 72 -12.07 -3.18 -2.39
C THR A 72 -11.84 -4.69 -2.21
N GLY A 73 -10.71 -5.04 -1.57
CA GLY A 73 -10.25 -6.40 -1.34
C GLY A 73 -9.09 -6.83 -2.26
N GLU A 74 -8.92 -6.18 -3.42
CA GLU A 74 -7.84 -6.44 -4.37
C GLU A 74 -6.53 -5.75 -3.96
N VAL A 75 -5.39 -6.34 -4.35
CA VAL A 75 -4.02 -5.84 -4.11
C VAL A 75 -3.38 -5.36 -5.42
N SER A 76 -2.45 -4.41 -5.31
CA SER A 76 -1.80 -3.71 -6.42
C SER A 76 -0.27 -3.91 -6.44
N ASP A 77 0.30 -4.05 -7.64
CA ASP A 77 1.76 -4.15 -7.86
C ASP A 77 2.55 -2.88 -7.43
N PRO A 78 3.88 -2.97 -7.19
CA PRO A 78 4.68 -1.86 -6.67
C PRO A 78 4.59 -0.53 -7.44
N VAL A 79 4.68 0.58 -6.69
CA VAL A 79 4.56 1.97 -7.18
C VAL A 79 5.66 2.84 -6.54
N LYS A 80 6.45 3.55 -7.35
CA LYS A 80 7.47 4.52 -6.90
C LYS A 80 6.83 5.87 -6.53
N THR A 81 7.37 6.54 -5.51
CA THR A 81 6.85 7.80 -4.93
C THR A 81 7.97 8.73 -4.46
N GLN A 82 7.62 9.91 -3.94
CA GLN A 82 8.57 10.84 -3.33
C GLN A 82 9.26 10.30 -2.06
N TYR A 83 8.72 9.23 -1.43
CA TYR A 83 9.24 8.63 -0.20
C TYR A 83 10.12 7.38 -0.44
N GLY A 84 9.90 6.68 -1.55
CA GLY A 84 10.57 5.42 -1.89
C GLY A 84 9.70 4.59 -2.84
N TYR A 85 9.30 3.40 -2.40
CA TYR A 85 8.37 2.50 -3.10
C TYR A 85 7.26 2.03 -2.16
N HIS A 86 6.10 1.69 -2.74
CA HIS A 86 4.90 1.27 -2.02
C HIS A 86 4.20 0.11 -2.73
N ILE A 87 3.40 -0.63 -1.97
CA ILE A 87 2.49 -1.70 -2.43
C ILE A 87 1.15 -1.36 -1.75
N ILE A 88 0.04 -1.35 -2.50
CA ILE A 88 -1.28 -0.89 -2.02
C ILE A 88 -2.34 -1.99 -2.10
N LYS A 89 -3.31 -1.95 -1.19
CA LYS A 89 -4.50 -2.80 -1.18
C LYS A 89 -5.70 -1.96 -0.75
N LYS A 90 -6.72 -1.85 -1.61
CA LYS A 90 -7.95 -1.07 -1.32
C LYS A 90 -8.81 -1.79 -0.28
N THR A 91 -9.39 -1.06 0.68
CA THR A 91 -10.12 -1.63 1.83
C THR A 91 -11.54 -1.09 2.05
N GLU A 92 -11.95 0.01 1.41
CA GLU A 92 -13.33 0.53 1.48
C GLU A 92 -13.65 1.51 0.34
N GLU A 93 -14.92 1.55 -0.07
CA GLU A 93 -15.46 2.39 -1.18
C GLU A 93 -16.98 2.65 -1.08
N GLY A 3 -15.81 10.55 -5.06
CA GLY A 3 -15.62 10.64 -3.59
C GLY A 3 -14.36 9.93 -3.13
N LYS A 4 -14.08 9.98 -1.82
CA LYS A 4 -12.92 9.31 -1.17
C LYS A 4 -13.03 7.76 -1.20
N ILE A 5 -11.92 7.11 -0.89
CA ILE A 5 -11.75 5.66 -0.71
C ILE A 5 -10.89 5.39 0.53
N ARG A 6 -10.84 4.15 1.02
CA ARG A 6 -9.97 3.71 2.12
C ARG A 6 -9.09 2.54 1.66
N ALA A 7 -7.83 2.57 2.06
CA ALA A 7 -6.85 1.55 1.71
C ALA A 7 -5.76 1.36 2.79
N SER A 8 -5.05 0.24 2.70
CA SER A 8 -3.89 -0.10 3.51
C SER A 8 -2.65 -0.20 2.61
N HIS A 9 -1.47 0.09 3.14
CA HIS A 9 -0.24 0.14 2.34
C HIS A 9 1.02 -0.42 3.04
N ILE A 10 2.09 -0.56 2.25
CA ILE A 10 3.45 -0.96 2.66
C ILE A 10 4.41 -0.04 1.91
N LEU A 11 5.36 0.59 2.61
CA LEU A 11 6.30 1.58 2.07
C LEU A 11 7.74 1.11 2.32
N VAL A 12 8.54 0.97 1.27
CA VAL A 12 9.90 0.44 1.30
C VAL A 12 10.92 1.36 0.62
N ALA A 13 12.17 1.33 1.08
CA ALA A 13 13.24 2.16 0.55
C ALA A 13 13.70 1.78 -0.87
N ASP A 14 13.53 0.51 -1.27
CA ASP A 14 13.94 -0.02 -2.58
C ASP A 14 13.05 -1.19 -3.03
N LYS A 15 12.76 -1.27 -4.34
CA LYS A 15 11.92 -2.30 -4.97
C LYS A 15 12.35 -3.75 -4.69
N LYS A 16 13.62 -4.03 -4.38
CA LYS A 16 14.08 -5.37 -3.97
C LYS A 16 13.34 -5.89 -2.72
N THR A 17 12.88 -5.00 -1.85
CA THR A 17 12.04 -5.34 -0.68
C THR A 17 10.61 -5.66 -1.11
N ALA A 18 10.04 -4.88 -2.04
CA ALA A 18 8.72 -5.12 -2.63
C ALA A 18 8.64 -6.45 -3.40
N GLU A 19 9.69 -6.83 -4.13
CA GLU A 19 9.78 -8.12 -4.84
C GLU A 19 9.67 -9.33 -3.91
N GLU A 20 10.10 -9.22 -2.65
CA GLU A 20 9.92 -10.29 -1.65
C GLU A 20 8.49 -10.30 -1.11
N VAL A 21 7.89 -9.14 -0.81
CA VAL A 21 6.47 -9.03 -0.38
C VAL A 21 5.52 -9.61 -1.43
N GLU A 22 5.76 -9.37 -2.72
CA GLU A 22 4.99 -9.95 -3.83
C GLU A 22 4.99 -11.50 -3.83
N LYS A 23 6.00 -12.14 -3.23
CA LYS A 23 6.08 -13.60 -3.06
C LYS A 23 5.49 -14.03 -1.72
N LYS A 24 5.74 -13.29 -0.63
CA LYS A 24 5.15 -13.55 0.71
C LYS A 24 3.62 -13.58 0.68
N LEU A 25 2.99 -12.70 -0.10
CA LEU A 25 1.54 -12.68 -0.33
C LEU A 25 1.00 -13.96 -1.00
N LYS A 26 1.83 -14.67 -1.78
CA LYS A 26 1.49 -15.96 -2.41
C LYS A 26 1.76 -17.16 -1.49
N LYS A 27 2.79 -17.08 -0.62
CA LYS A 27 3.11 -18.10 0.40
C LYS A 27 1.97 -18.28 1.43
N GLY A 28 1.25 -17.19 1.73
CA GLY A 28 0.05 -17.20 2.60
C GLY A 28 -0.01 -16.09 3.65
N GLU A 29 1.08 -15.35 3.90
CA GLU A 29 1.13 -14.28 4.89
C GLU A 29 0.26 -13.08 4.47
N LYS A 30 -0.58 -12.58 5.40
CA LYS A 30 -1.55 -11.49 5.15
C LYS A 30 -0.86 -10.16 4.87
N PHE A 31 -1.48 -9.31 4.06
CA PHE A 31 -0.99 -7.96 3.74
C PHE A 31 -0.80 -7.09 4.99
N GLU A 32 -1.75 -7.15 5.93
CA GLU A 32 -1.71 -6.41 7.20
C GLU A 32 -0.59 -6.90 8.15
N ASP A 33 -0.28 -8.19 8.12
CA ASP A 33 0.83 -8.78 8.89
C ASP A 33 2.20 -8.46 8.26
N LEU A 34 2.27 -8.44 6.92
CA LEU A 34 3.48 -8.04 6.17
C LEU A 34 3.77 -6.55 6.35
N ALA A 35 2.76 -5.68 6.52
CA ALA A 35 2.99 -4.28 6.82
C ALA A 35 3.81 -4.08 8.12
N LYS A 36 3.59 -4.94 9.14
CA LYS A 36 4.34 -4.98 10.40
C LYS A 36 5.74 -5.63 10.29
N GLU A 37 6.13 -6.11 9.11
CA GLU A 37 7.39 -6.84 8.86
C GLU A 37 8.27 -6.23 7.75
N TYR A 38 7.67 -5.47 6.82
CA TYR A 38 8.36 -4.91 5.64
C TYR A 38 8.18 -3.39 5.45
N SER A 39 7.07 -2.80 5.91
CA SER A 39 6.84 -1.35 5.80
C SER A 39 7.79 -0.53 6.68
N THR A 40 7.94 0.75 6.32
CA THR A 40 8.71 1.77 7.03
C THR A 40 7.84 2.99 7.43
N ASP A 41 6.55 2.99 7.07
CA ASP A 41 5.59 4.01 7.47
C ASP A 41 4.96 3.70 8.85
N SER A 42 4.62 4.73 9.62
CA SER A 42 4.02 4.61 10.97
C SER A 42 2.64 3.93 11.01
N SER A 43 1.91 3.86 9.90
CA SER A 43 0.63 3.14 9.78
C SER A 43 0.73 1.61 9.98
N ALA A 44 1.93 1.03 9.99
CA ALA A 44 2.16 -0.40 10.19
C ALA A 44 1.46 -0.97 11.45
N SER A 45 1.41 -0.20 12.55
CA SER A 45 0.71 -0.56 13.80
C SER A 45 -0.80 -0.80 13.65
N LYS A 46 -1.41 -0.30 12.56
CA LYS A 46 -2.82 -0.45 12.18
C LYS A 46 -3.00 -1.41 10.99
N GLY A 47 -1.97 -2.18 10.64
CA GLY A 47 -1.94 -3.07 9.47
C GLY A 47 -1.68 -2.33 8.15
N GLY A 48 -1.17 -1.11 8.22
CA GLY A 48 -0.90 -0.25 7.05
C GLY A 48 -2.06 0.69 6.66
N ASP A 49 -3.19 0.66 7.37
CA ASP A 49 -4.38 1.49 7.11
C ASP A 49 -4.07 3.00 7.10
N LEU A 50 -4.50 3.68 6.05
CA LEU A 50 -4.33 5.12 5.84
C LEU A 50 -5.60 5.95 6.10
N GLY A 51 -6.74 5.31 6.38
CA GLY A 51 -8.03 6.00 6.51
C GLY A 51 -8.53 6.52 5.15
N TRP A 52 -9.58 7.36 5.16
CA TRP A 52 -10.19 7.87 3.94
C TRP A 52 -9.37 8.98 3.27
N PHE A 53 -9.14 8.87 1.95
CA PHE A 53 -8.43 9.86 1.13
C PHE A 53 -8.89 9.89 -0.35
N ALA A 54 -8.43 10.87 -1.12
CA ALA A 54 -8.84 11.15 -2.50
C ALA A 54 -7.66 11.10 -3.51
N LYS A 55 -8.01 10.95 -4.80
CA LYS A 55 -7.10 10.76 -5.95
C LYS A 55 -6.17 11.94 -6.25
N GLU A 56 -6.52 13.14 -5.76
CA GLU A 56 -5.86 14.42 -6.02
C GLU A 56 -4.36 14.52 -5.64
N GLY A 57 -3.85 13.60 -4.81
CA GLY A 57 -2.45 13.59 -4.35
C GLY A 57 -2.28 13.72 -2.83
N GLN A 58 -3.30 13.34 -2.04
CA GLN A 58 -3.33 13.50 -0.58
C GLN A 58 -2.29 12.65 0.19
N MET A 59 -1.63 11.70 -0.48
CA MET A 59 -0.54 10.89 0.06
C MET A 59 0.76 11.12 -0.73
N ASP A 60 0.67 11.01 -2.07
CA ASP A 60 1.71 11.29 -3.05
C ASP A 60 1.07 11.41 -4.45
N GLU A 61 1.66 12.22 -5.33
CA GLU A 61 1.16 12.53 -6.68
C GLU A 61 1.03 11.34 -7.64
N THR A 62 1.58 10.16 -7.29
CA THR A 62 1.45 8.90 -8.04
C THR A 62 0.73 7.84 -7.20
N PHE A 63 0.99 7.75 -5.89
CA PHE A 63 0.29 6.84 -4.98
C PHE A 63 -1.23 7.03 -4.98
N SER A 64 -1.70 8.28 -4.82
CA SER A 64 -3.14 8.58 -4.76
C SER A 64 -3.85 8.24 -6.08
N LYS A 65 -3.18 8.42 -7.23
CA LYS A 65 -3.68 8.01 -8.55
C LYS A 65 -3.74 6.48 -8.70
N ALA A 66 -2.70 5.78 -8.23
CA ALA A 66 -2.60 4.32 -8.25
C ALA A 66 -3.66 3.63 -7.37
N ALA A 67 -3.95 4.15 -6.17
CA ALA A 67 -4.95 3.59 -5.26
C ALA A 67 -6.37 3.50 -5.86
N PHE A 68 -6.75 4.46 -6.71
CA PHE A 68 -8.04 4.49 -7.40
C PHE A 68 -8.13 3.51 -8.59
N LYS A 69 -7.01 2.91 -9.03
CA LYS A 69 -6.92 2.00 -10.19
C LYS A 69 -7.41 0.57 -9.89
N LEU A 70 -7.73 0.25 -8.63
CA LEU A 70 -8.17 -1.07 -8.14
C LEU A 70 -9.49 -1.01 -7.35
N LYS A 71 -10.07 -2.18 -7.05
CA LYS A 71 -11.36 -2.35 -6.34
C LYS A 71 -11.19 -2.92 -4.94
N THR A 72 -12.14 -2.64 -4.05
CA THR A 72 -12.11 -3.08 -2.64
C THR A 72 -11.91 -4.59 -2.50
N GLY A 73 -10.85 -4.98 -1.79
CA GLY A 73 -10.39 -6.37 -1.61
C GLY A 73 -9.19 -6.74 -2.48
N GLU A 74 -9.03 -6.10 -3.64
CA GLU A 74 -7.92 -6.33 -4.58
C GLU A 74 -6.59 -5.75 -4.03
N VAL A 75 -5.46 -6.30 -4.49
CA VAL A 75 -4.10 -5.86 -4.13
C VAL A 75 -3.34 -5.34 -5.37
N SER A 76 -2.66 -4.21 -5.18
CA SER A 76 -1.95 -3.45 -6.22
C SER A 76 -0.50 -3.93 -6.42
N ASP A 77 0.00 -3.79 -7.65
CA ASP A 77 1.42 -4.01 -7.96
C ASP A 77 2.26 -2.82 -7.40
N PRO A 78 3.59 -2.91 -7.33
CA PRO A 78 4.46 -1.86 -6.77
C PRO A 78 4.33 -0.50 -7.49
N VAL A 79 4.55 0.59 -6.74
CA VAL A 79 4.37 1.98 -7.20
C VAL A 79 5.55 2.84 -6.74
N LYS A 80 6.33 3.40 -7.67
CA LYS A 80 7.43 4.34 -7.36
C LYS A 80 6.85 5.72 -6.99
N THR A 81 7.47 6.39 -6.01
CA THR A 81 7.02 7.69 -5.46
C THR A 81 8.20 8.59 -5.08
N GLN A 82 7.91 9.79 -4.54
CA GLN A 82 8.92 10.71 -4.00
C GLN A 82 9.67 10.16 -2.76
N TYR A 83 9.12 9.13 -2.10
CA TYR A 83 9.67 8.55 -0.86
C TYR A 83 10.44 7.23 -1.08
N GLY A 84 10.11 6.49 -2.13
CA GLY A 84 10.75 5.20 -2.48
C GLY A 84 9.83 4.37 -3.37
N TYR A 85 9.39 3.21 -2.86
CA TYR A 85 8.42 2.33 -3.50
C TYR A 85 7.32 1.94 -2.50
N HIS A 86 6.10 1.79 -3.02
CA HIS A 86 4.90 1.49 -2.24
C HIS A 86 4.16 0.28 -2.82
N ILE A 87 3.32 -0.34 -2.00
CA ILE A 87 2.42 -1.42 -2.33
C ILE A 87 1.11 -1.09 -1.62
N ILE A 88 -0.05 -1.36 -2.24
CA ILE A 88 -1.36 -0.95 -1.73
C ILE A 88 -2.39 -2.07 -1.82
N LYS A 89 -3.40 -2.05 -0.94
CA LYS A 89 -4.54 -2.94 -0.96
C LYS A 89 -5.78 -2.17 -0.48
N LYS A 90 -6.77 -1.98 -1.37
CA LYS A 90 -7.98 -1.18 -1.10
C LYS A 90 -8.94 -1.93 -0.17
N THR A 91 -9.57 -1.23 0.78
CA THR A 91 -10.42 -1.84 1.83
C THR A 91 -11.84 -1.25 1.95
N GLU A 92 -12.12 -0.07 1.40
CA GLU A 92 -13.48 0.50 1.34
C GLU A 92 -13.64 1.56 0.23
N GLU A 93 -14.87 1.73 -0.27
CA GLU A 93 -15.25 2.65 -1.36
C GLU A 93 -16.74 3.05 -1.35
#